data_2VOG
# 
_entry.id   2VOG 
# 
_audit_conform.dict_name       mmcif_pdbx.dic 
_audit_conform.dict_version    5.382 
_audit_conform.dict_location   http://mmcif.pdb.org/dictionaries/ascii/mmcif_pdbx.dic 
# 
loop_
_database_2.database_id 
_database_2.database_code 
_database_2.pdbx_database_accession 
_database_2.pdbx_DOI 
PDB   2VOG         pdb_00002vog 10.2210/pdb2vog/pdb 
PDBE  EBI-35336    ?            ?                   
WWPDB D_1290035336 ?            ?                   
# 
loop_
_pdbx_database_related.db_name 
_pdbx_database_related.db_id 
_pdbx_database_related.content_type 
_pdbx_database_related.details 
PDB 2VOF unspecified 'STRUCTURE OF MOUSE A1 BOUND TO THE PUMA BH3-DOMAIN' 
PDB 2VOH unspecified 'STRUCTURE OF MOUSE A1 BOUND TO THE BAK BH3-DOMAIN'  
PDB 2VOI unspecified 'STRUCTURE OF MOUSE A1 BOUND TO THE BID BH3-DOMAIN'  
# 
_pdbx_database_status.status_code                     REL 
_pdbx_database_status.entry_id                        2VOG 
_pdbx_database_status.deposit_site                    PDBE 
_pdbx_database_status.process_site                    PDBE 
_pdbx_database_status.SG_entry                        . 
_pdbx_database_status.recvd_initial_deposition_date   2008-02-17 
_pdbx_database_status.pdb_format_compatible           Y 
_pdbx_database_status.status_code_sf                  REL 
_pdbx_database_status.status_code_mr                  ? 
_pdbx_database_status.status_code_cs                  ? 
_pdbx_database_status.methods_development_category    ? 
_pdbx_database_status.status_code_nmr_data            ? 
# 
loop_
_audit_author.name 
_audit_author.pdbx_ordinal 
'Smits, C.'      1 
'Czabotar, P.E.' 2 
'Hinds, M.G.'    3 
'Day, C.L.'      4 
# 
_citation.id                        primary 
_citation.title                     'Structural Plasticity Underpins Promiscuous Binding of the Prosurvival Protein A1.' 
_citation.journal_abbrev            Structure 
_citation.journal_volume            16 
_citation.page_first                818 
_citation.page_last                 ? 
_citation.year                      2008 
_citation.journal_id_ASTM           STRUE6 
_citation.country                   UK 
_citation.journal_id_ISSN           0969-2126 
_citation.journal_id_CSD            2005 
_citation.book_publisher            ? 
_citation.pdbx_database_id_PubMed   18462686 
_citation.pdbx_database_id_DOI      10.1016/J.STR.2008.02.009 
# 
loop_
_citation_author.citation_id 
_citation_author.name 
_citation_author.ordinal 
_citation_author.identifier_ORCID 
primary 'Smits, C.'      1 ? 
primary 'Czabotar, P.E.' 2 ? 
primary 'Hinds, M.G.'    3 ? 
primary 'Day, C.L.'      4 ? 
# 
_cell.entry_id           2VOG 
_cell.length_a           66.654 
_cell.length_b           68.050 
_cell.length_c           32.136 
_cell.angle_alpha        90.00 
_cell.angle_beta         90.00 
_cell.angle_gamma        90.00 
_cell.Z_PDB              4 
_cell.pdbx_unique_axis   ? 
# 
_symmetry.entry_id                         2VOG 
_symmetry.space_group_name_H-M             'P 21 21 2' 
_symmetry.pdbx_full_space_group_name_H-M   ? 
_symmetry.cell_setting                     ? 
_symmetry.Int_Tables_number                18 
# 
loop_
_entity.id 
_entity.type 
_entity.src_method 
_entity.pdbx_description 
_entity.formula_weight 
_entity.pdbx_number_of_molecules 
_entity.pdbx_ec 
_entity.pdbx_mutation 
_entity.pdbx_fragment 
_entity.details 
1 polymer     man 'BCL-2-RELATED PROTEIN A1' 17922.418 1  ? YES 'RESIDUES 1-152'               ? 
2 polymer     man 'BCL-2-MODIFYING FACTOR'   3275.765  1  ? ?   'BH3-DOMAIN, RESIDUES 126-152' 
'C-TERMINAL HOMOSERINE LACTONE DUE TO CNBR CLEAVAGE.' 
3 non-polymer syn 'CHLORIDE ION'             35.453    2  ? ?   ?                              ? 
4 water       nat water                      18.015    49 ? ?   ?                              ? 
# 
_entity_name_com.entity_id   1 
_entity_name_com.name        'PROTEIN BFL-1, HEMOPOIETIC-SPECIFIC EARLY RESPONSE PROTEIN, A1-A' 
# 
loop_
_entity_poly.entity_id 
_entity_poly.type 
_entity_poly.nstd_linkage 
_entity_poly.nstd_monomer 
_entity_poly.pdbx_seq_one_letter_code 
_entity_poly.pdbx_seq_one_letter_code_can 
_entity_poly.pdbx_strand_id 
_entity_poly.pdbx_target_identifier 
1 'polypeptide(L)' no no 
;GPLGSMAESELMHIHSLAEHYLQYVLQVPAFESAPSQACRVLQRVAFSVQKEVEKNLKSYLDDFHVESIDTARIIFNQVM
EKEFEDGIINWGRIVTIFAFGGVLLKKLKQEQIALDVSAYKQVSSFVAEFIMNNTGEWIRQNGGWEDGFIKKFEPKS
;
;GPLGSMAESELMHIHSLAEHYLQYVLQVPAFESAPSQACRVLQRVAFSVQKEVEKNLKSYLDDFHVESIDTARIIFNQVM
EKEFEDGIINWGRIVTIFAFGGVLLKKLKQEQIALDVSAYKQVSSFVAEFIMNNTGEWIRQNGGWEDGFIKKFEPKS
;
A ? 
2 'polypeptide(L)' no no LQHRAEVQIARKLQCIADQFHRLHTQQ LQHRAEVQIARKLQCIADQFHRLHTQQ B ? 
# 
loop_
_entity_poly_seq.entity_id 
_entity_poly_seq.num 
_entity_poly_seq.mon_id 
_entity_poly_seq.hetero 
1 1   GLY n 
1 2   PRO n 
1 3   LEU n 
1 4   GLY n 
1 5   SER n 
1 6   MET n 
1 7   ALA n 
1 8   GLU n 
1 9   SER n 
1 10  GLU n 
1 11  LEU n 
1 12  MET n 
1 13  HIS n 
1 14  ILE n 
1 15  HIS n 
1 16  SER n 
1 17  LEU n 
1 18  ALA n 
1 19  GLU n 
1 20  HIS n 
1 21  TYR n 
1 22  LEU n 
1 23  GLN n 
1 24  TYR n 
1 25  VAL n 
1 26  LEU n 
1 27  GLN n 
1 28  VAL n 
1 29  PRO n 
1 30  ALA n 
1 31  PHE n 
1 32  GLU n 
1 33  SER n 
1 34  ALA n 
1 35  PRO n 
1 36  SER n 
1 37  GLN n 
1 38  ALA n 
1 39  CYS n 
1 40  ARG n 
1 41  VAL n 
1 42  LEU n 
1 43  GLN n 
1 44  ARG n 
1 45  VAL n 
1 46  ALA n 
1 47  PHE n 
1 48  SER n 
1 49  VAL n 
1 50  GLN n 
1 51  LYS n 
1 52  GLU n 
1 53  VAL n 
1 54  GLU n 
1 55  LYS n 
1 56  ASN n 
1 57  LEU n 
1 58  LYS n 
1 59  SER n 
1 60  TYR n 
1 61  LEU n 
1 62  ASP n 
1 63  ASP n 
1 64  PHE n 
1 65  HIS n 
1 66  VAL n 
1 67  GLU n 
1 68  SER n 
1 69  ILE n 
1 70  ASP n 
1 71  THR n 
1 72  ALA n 
1 73  ARG n 
1 74  ILE n 
1 75  ILE n 
1 76  PHE n 
1 77  ASN n 
1 78  GLN n 
1 79  VAL n 
1 80  MET n 
1 81  GLU n 
1 82  LYS n 
1 83  GLU n 
1 84  PHE n 
1 85  GLU n 
1 86  ASP n 
1 87  GLY n 
1 88  ILE n 
1 89  ILE n 
1 90  ASN n 
1 91  TRP n 
1 92  GLY n 
1 93  ARG n 
1 94  ILE n 
1 95  VAL n 
1 96  THR n 
1 97  ILE n 
1 98  PHE n 
1 99  ALA n 
1 100 PHE n 
1 101 GLY n 
1 102 GLY n 
1 103 VAL n 
1 104 LEU n 
1 105 LEU n 
1 106 LYS n 
1 107 LYS n 
1 108 LEU n 
1 109 LYS n 
1 110 GLN n 
1 111 GLU n 
1 112 GLN n 
1 113 ILE n 
1 114 ALA n 
1 115 LEU n 
1 116 ASP n 
1 117 VAL n 
1 118 SER n 
1 119 ALA n 
1 120 TYR n 
1 121 LYS n 
1 122 GLN n 
1 123 VAL n 
1 124 SER n 
1 125 SER n 
1 126 PHE n 
1 127 VAL n 
1 128 ALA n 
1 129 GLU n 
1 130 PHE n 
1 131 ILE n 
1 132 MET n 
1 133 ASN n 
1 134 ASN n 
1 135 THR n 
1 136 GLY n 
1 137 GLU n 
1 138 TRP n 
1 139 ILE n 
1 140 ARG n 
1 141 GLN n 
1 142 ASN n 
1 143 GLY n 
1 144 GLY n 
1 145 TRP n 
1 146 GLU n 
1 147 ASP n 
1 148 GLY n 
1 149 PHE n 
1 150 ILE n 
1 151 LYS n 
1 152 LYS n 
1 153 PHE n 
1 154 GLU n 
1 155 PRO n 
1 156 LYS n 
1 157 SER n 
2 1   LEU n 
2 2   GLN n 
2 3   HIS n 
2 4   ARG n 
2 5   ALA n 
2 6   GLU n 
2 7   VAL n 
2 8   GLN n 
2 9   ILE n 
2 10  ALA n 
2 11  ARG n 
2 12  LYS n 
2 13  LEU n 
2 14  GLN n 
2 15  CYS n 
2 16  ILE n 
2 17  ALA n 
2 18  ASP n 
2 19  GLN n 
2 20  PHE n 
2 21  HIS n 
2 22  ARG n 
2 23  LEU n 
2 24  HIS n 
2 25  THR n 
2 26  GLN n 
2 27  GLN n 
# 
loop_
_entity_src_gen.entity_id 
_entity_src_gen.pdbx_src_id 
_entity_src_gen.pdbx_alt_source_flag 
_entity_src_gen.pdbx_seq_type 
_entity_src_gen.pdbx_beg_seq_num 
_entity_src_gen.pdbx_end_seq_num 
_entity_src_gen.gene_src_common_name 
_entity_src_gen.gene_src_genus 
_entity_src_gen.pdbx_gene_src_gene 
_entity_src_gen.gene_src_species 
_entity_src_gen.gene_src_strain 
_entity_src_gen.gene_src_tissue 
_entity_src_gen.gene_src_tissue_fraction 
_entity_src_gen.gene_src_details 
_entity_src_gen.pdbx_gene_src_fragment 
_entity_src_gen.pdbx_gene_src_scientific_name 
_entity_src_gen.pdbx_gene_src_ncbi_taxonomy_id 
_entity_src_gen.pdbx_gene_src_variant 
_entity_src_gen.pdbx_gene_src_cell_line 
_entity_src_gen.pdbx_gene_src_atcc 
_entity_src_gen.pdbx_gene_src_organ 
_entity_src_gen.pdbx_gene_src_organelle 
_entity_src_gen.pdbx_gene_src_cell 
_entity_src_gen.pdbx_gene_src_cellular_location 
_entity_src_gen.host_org_common_name 
_entity_src_gen.pdbx_host_org_scientific_name 
_entity_src_gen.pdbx_host_org_ncbi_taxonomy_id 
_entity_src_gen.host_org_genus 
_entity_src_gen.pdbx_host_org_gene 
_entity_src_gen.pdbx_host_org_organ 
_entity_src_gen.host_org_species 
_entity_src_gen.pdbx_host_org_tissue 
_entity_src_gen.pdbx_host_org_tissue_fraction 
_entity_src_gen.pdbx_host_org_strain 
_entity_src_gen.pdbx_host_org_variant 
_entity_src_gen.pdbx_host_org_cell_line 
_entity_src_gen.pdbx_host_org_atcc 
_entity_src_gen.pdbx_host_org_culture_collection 
_entity_src_gen.pdbx_host_org_cell 
_entity_src_gen.pdbx_host_org_organelle 
_entity_src_gen.pdbx_host_org_cellular_location 
_entity_src_gen.pdbx_host_org_vector_type 
_entity_src_gen.pdbx_host_org_vector 
_entity_src_gen.host_org_details 
_entity_src_gen.expression_system_id 
_entity_src_gen.plasmid_name 
_entity_src_gen.plasmid_details 
_entity_src_gen.pdbx_description 
1 1 sample ? ? ? MOUSE ? ? ? ? ? ? ? ? 'MUS MUSCULUS' 10090 ? ? ? ? ? ? ? ? 'ESCHERICHIA COLI' 469008 ? ? ? ? ? ? 'BL21(DE3)' 
'PSJS 1240' ? ? ? ? ? ? PLASMID ? ? ? 'PGEX 6P-3'  ? ? 
2 1 sample ? ? ? MOUSE ? ? ? ? ? ? ? ? 'MUS MUSCULUS' 10090 ? ? ? ? ? ? ? ? 'ESCHERICHIA COLI' 469008 ? ? ? ? ? ? 'BL21(DE3)' ? ? 
? ? ? ? ? PLASMID ? ? ? 'PET31B BMF' ? ? 
# 
loop_
_struct_ref.id 
_struct_ref.db_name 
_struct_ref.db_code 
_struct_ref.entity_id 
_struct_ref.pdbx_seq_one_letter_code 
_struct_ref.pdbx_align_begin 
_struct_ref.pdbx_db_accession 
_struct_ref.pdbx_db_isoform 
1 PDB 2VOG        1 ? ? 2VOG   ? 
2 UNP B2LA1_MOUSE 1 ? ? Q07440 ? 
3 UNP BMF_MOUSE   2 ? ? Q91ZE9 ? 
# 
loop_
_struct_ref_seq.align_id 
_struct_ref_seq.ref_id 
_struct_ref_seq.pdbx_PDB_id_code 
_struct_ref_seq.pdbx_strand_id 
_struct_ref_seq.seq_align_beg 
_struct_ref_seq.pdbx_seq_align_beg_ins_code 
_struct_ref_seq.seq_align_end 
_struct_ref_seq.pdbx_seq_align_end_ins_code 
_struct_ref_seq.pdbx_db_accession 
_struct_ref_seq.db_align_beg 
_struct_ref_seq.pdbx_db_align_beg_ins_code 
_struct_ref_seq.db_align_end 
_struct_ref_seq.pdbx_db_align_end_ins_code 
_struct_ref_seq.pdbx_auth_seq_align_beg 
_struct_ref_seq.pdbx_auth_seq_align_end 
1 1 2VOG A 1 ? 5   ? 2VOG   -4  ? 0   ? -4  0   
2 2 2VOG A 6 ? 157 ? Q07440 1   ? 152 ? 1   152 
3 3 2VOG B 1 ? 27  ? Q91ZE9 126 ? 152 ? 126 152 
# 
loop_
_struct_ref_seq_dif.align_id 
_struct_ref_seq_dif.pdbx_pdb_id_code 
_struct_ref_seq_dif.mon_id 
_struct_ref_seq_dif.pdbx_pdb_strand_id 
_struct_ref_seq_dif.seq_num 
_struct_ref_seq_dif.pdbx_pdb_ins_code 
_struct_ref_seq_dif.pdbx_seq_db_name 
_struct_ref_seq_dif.pdbx_seq_db_accession_code 
_struct_ref_seq_dif.db_mon_id 
_struct_ref_seq_dif.pdbx_seq_db_seq_num 
_struct_ref_seq_dif.details 
_struct_ref_seq_dif.pdbx_auth_seq_num 
_struct_ref_seq_dif.pdbx_ordinal 
1 2VOG LYS A 109 ? UNP Q07440 PRO 104 'engineered mutation' 104 1 
1 2VOG SER A 118 ? UNP Q07440 CYS 113 'engineered mutation' 113 2 
# 
loop_
_chem_comp.id 
_chem_comp.type 
_chem_comp.mon_nstd_flag 
_chem_comp.name 
_chem_comp.pdbx_synonyms 
_chem_comp.formula 
_chem_comp.formula_weight 
ALA 'L-peptide linking' y ALANINE         ? 'C3 H7 N O2'     89.093  
ARG 'L-peptide linking' y ARGININE        ? 'C6 H15 N4 O2 1' 175.209 
ASN 'L-peptide linking' y ASPARAGINE      ? 'C4 H8 N2 O3'    132.118 
ASP 'L-peptide linking' y 'ASPARTIC ACID' ? 'C4 H7 N O4'     133.103 
CL  non-polymer         . 'CHLORIDE ION'  ? 'Cl -1'          35.453  
CYS 'L-peptide linking' y CYSTEINE        ? 'C3 H7 N O2 S'   121.158 
GLN 'L-peptide linking' y GLUTAMINE       ? 'C5 H10 N2 O3'   146.144 
GLU 'L-peptide linking' y 'GLUTAMIC ACID' ? 'C5 H9 N O4'     147.129 
GLY 'peptide linking'   y GLYCINE         ? 'C2 H5 N O2'     75.067  
HIS 'L-peptide linking' y HISTIDINE       ? 'C6 H10 N3 O2 1' 156.162 
HOH non-polymer         . WATER           ? 'H2 O'           18.015  
ILE 'L-peptide linking' y ISOLEUCINE      ? 'C6 H13 N O2'    131.173 
LEU 'L-peptide linking' y LEUCINE         ? 'C6 H13 N O2'    131.173 
LYS 'L-peptide linking' y LYSINE          ? 'C6 H15 N2 O2 1' 147.195 
MET 'L-peptide linking' y METHIONINE      ? 'C5 H11 N O2 S'  149.211 
PHE 'L-peptide linking' y PHENYLALANINE   ? 'C9 H11 N O2'    165.189 
PRO 'L-peptide linking' y PROLINE         ? 'C5 H9 N O2'     115.130 
SER 'L-peptide linking' y SERINE          ? 'C3 H7 N O3'     105.093 
THR 'L-peptide linking' y THREONINE       ? 'C4 H9 N O3'     119.119 
TRP 'L-peptide linking' y TRYPTOPHAN      ? 'C11 H12 N2 O2'  204.225 
TYR 'L-peptide linking' y TYROSINE        ? 'C9 H11 N O3'    181.189 
VAL 'L-peptide linking' y VALINE          ? 'C5 H11 N O2'    117.146 
# 
_exptl.entry_id          2VOG 
_exptl.method            'X-RAY DIFFRACTION' 
_exptl.crystals_number   1 
# 
_exptl_crystal.id                    1 
_exptl_crystal.density_meas          ? 
_exptl_crystal.density_Matthews      1.72 
_exptl_crystal.density_percent_sol   29 
_exptl_crystal.description           NONE 
# 
_exptl_crystal_grow.crystal_id      1 
_exptl_crystal_grow.method          ? 
_exptl_crystal_grow.temp            ? 
_exptl_crystal_grow.temp_details    ? 
_exptl_crystal_grow.pH              ? 
_exptl_crystal_grow.pdbx_pH_range   ? 
_exptl_crystal_grow.pdbx_details    '18% PEG 2000, 0.88 M LICL, 0.1 M CITRIC ACID, KOH (PH 4.35)' 
# 
_diffrn.id                     1 
_diffrn.ambient_temp           93 
_diffrn.ambient_temp_details   ? 
_diffrn.crystal_id             1 
# 
_diffrn_detector.diffrn_id              1 
_diffrn_detector.detector               'IMAGE PLATE' 
_diffrn_detector.type                   'RIGAKU IMAGE PLATE' 
_diffrn_detector.pdbx_collection_date   ? 
_diffrn_detector.details                ? 
# 
_diffrn_radiation.diffrn_id                        1 
_diffrn_radiation.wavelength_id                    1 
_diffrn_radiation.pdbx_monochromatic_or_laue_m_l   M 
_diffrn_radiation.monochromator                    ? 
_diffrn_radiation.pdbx_diffrn_protocol             'SINGLE WAVELENGTH' 
_diffrn_radiation.pdbx_scattering_type             x-ray 
# 
_diffrn_radiation_wavelength.id           1 
_diffrn_radiation_wavelength.wavelength   1.5418 
_diffrn_radiation_wavelength.wt           1.0 
# 
_diffrn_source.diffrn_id                   1 
_diffrn_source.source                      'ROTATING ANODE' 
_diffrn_source.type                        'RIGAKU MICROMAX-007 HF' 
_diffrn_source.pdbx_synchrotron_site       ? 
_diffrn_source.pdbx_synchrotron_beamline   ? 
_diffrn_source.pdbx_wavelength             1.5418 
_diffrn_source.pdbx_wavelength_list        ? 
# 
_reflns.pdbx_diffrn_id               1 
_reflns.pdbx_ordinal                 1 
_reflns.entry_id                     2VOG 
_reflns.observed_criterion_sigma_I   1.0 
_reflns.observed_criterion_sigma_F   ? 
_reflns.d_resolution_low             23.81 
_reflns.d_resolution_high            1.90 
_reflns.number_obs                   12089 
_reflns.number_all                   ? 
_reflns.percent_possible_obs         99.9 
_reflns.pdbx_Rmerge_I_obs            0.06 
_reflns.pdbx_Rsym_value              ? 
_reflns.pdbx_netI_over_sigmaI        19.10 
_reflns.B_iso_Wilson_estimate        ? 
_reflns.pdbx_redundancy              4.0 
# 
_reflns_shell.pdbx_diffrn_id         1 
_reflns_shell.pdbx_ordinal           1 
_reflns_shell.d_res_high             1.90 
_reflns_shell.d_res_low              2.00 
_reflns_shell.percent_possible_all   99.8 
_reflns_shell.Rmerge_I_obs           0.36 
_reflns_shell.pdbx_Rsym_value        ? 
_reflns_shell.meanI_over_sigI_obs    2.90 
_reflns_shell.pdbx_redundancy        3.7 
# 
_refine.pdbx_refine_id                           'X-RAY DIFFRACTION' 
_refine.entry_id                                 2VOG 
_refine.pdbx_diffrn_id                           1 
_refine.pdbx_TLS_residual_ADP_flag               'LIKELY RESIDUAL' 
_refine.ls_number_reflns_obs                     11512 
_refine.ls_number_reflns_all                     ? 
_refine.pdbx_ls_sigma_I                          ? 
_refine.pdbx_ls_sigma_F                          ? 
_refine.pdbx_data_cutoff_high_absF               ? 
_refine.pdbx_data_cutoff_low_absF                ? 
_refine.pdbx_data_cutoff_high_rms_absF           ? 
_refine.ls_d_res_low                             23.81 
_refine.ls_d_res_high                            1.90 
_refine.ls_percent_reflns_obs                    99.9 
_refine.ls_R_factor_obs                          0.193 
_refine.ls_R_factor_all                          ? 
_refine.ls_R_factor_R_work                       0.191 
_refine.ls_R_factor_R_free                       0.231 
_refine.ls_R_factor_R_free_error                 ? 
_refine.ls_R_factor_R_free_error_details         ? 
_refine.ls_percent_reflns_R_free                 4.800 
_refine.ls_number_reflns_R_free                  577 
_refine.ls_number_parameters                     ? 
_refine.ls_number_restraints                     ? 
_refine.occupancy_min                            ? 
_refine.occupancy_max                            ? 
_refine.correlation_coeff_Fo_to_Fc               0.950 
_refine.correlation_coeff_Fo_to_Fc_free          0.939 
_refine.B_iso_mean                               26.59 
_refine.aniso_B[1][1]                            0.56000 
_refine.aniso_B[2][2]                            -0.38000 
_refine.aniso_B[3][3]                            -0.18000 
_refine.aniso_B[1][2]                            0.00000 
_refine.aniso_B[1][3]                            0.00000 
_refine.aniso_B[2][3]                            0.00000 
_refine.solvent_model_details                    'BABINET MODEL WITH MASK' 
_refine.solvent_model_param_ksol                 ? 
_refine.solvent_model_param_bsol                 ? 
_refine.pdbx_solvent_vdw_probe_radii             1.20 
_refine.pdbx_solvent_ion_probe_radii             0.80 
_refine.pdbx_solvent_shrinkage_radii             0.80 
_refine.pdbx_ls_cross_valid_method               THROUGHOUT 
_refine.details                                  'HYDROGENS HAVE BEEN ADDED IN THE RIDING POSITIONS.' 
_refine.pdbx_starting_model                      'PDB ENTRY 2VOF' 
_refine.pdbx_method_to_determine_struct          'MOLECULAR REPLACEMENT' 
_refine.pdbx_isotropic_thermal_model             ? 
_refine.pdbx_stereochemistry_target_values       'MAXIMUM LIKELIHOOD' 
_refine.pdbx_stereochem_target_val_spec_case     ? 
_refine.pdbx_R_Free_selection_details            RANDOM 
_refine.pdbx_overall_ESU_R                       0.179 
_refine.pdbx_overall_ESU_R_Free                  0.155 
_refine.overall_SU_ML                            0.104 
_refine.pdbx_overall_phase_error                 ? 
_refine.overall_SU_B                             6.251 
_refine.overall_SU_R_Cruickshank_DPI             ? 
_refine.pdbx_overall_SU_R_free_Cruickshank_DPI   ? 
_refine.pdbx_overall_SU_R_Blow_DPI               ? 
_refine.pdbx_overall_SU_R_free_Blow_DPI          ? 
# 
_refine_hist.pdbx_refine_id                   'X-RAY DIFFRACTION' 
_refine_hist.cycle_id                         LAST 
_refine_hist.pdbx_number_atoms_protein        1343 
_refine_hist.pdbx_number_atoms_nucleic_acid   0 
_refine_hist.pdbx_number_atoms_ligand         2 
_refine_hist.number_atoms_solvent             49 
_refine_hist.number_atoms_total               1394 
_refine_hist.d_res_high                       1.90 
_refine_hist.d_res_low                        23.81 
# 
loop_
_refine_ls_restr.type 
_refine_ls_restr.dev_ideal 
_refine_ls_restr.dev_ideal_target 
_refine_ls_restr.weight 
_refine_ls_restr.number 
_refine_ls_restr.pdbx_refine_id 
_refine_ls_restr.pdbx_restraint_function 
r_bond_refined_d             0.012  0.022  ? 1368 'X-RAY DIFFRACTION' ? 
r_bond_other_d               0.001  0.020  ? 1230 'X-RAY DIFFRACTION' ? 
r_angle_refined_deg          1.256  1.922  ? 1842 'X-RAY DIFFRACTION' ? 
r_angle_other_deg            0.862  3.000  ? 2852 'X-RAY DIFFRACTION' ? 
r_dihedral_angle_1_deg       4.831  5.000  ? 164  'X-RAY DIFFRACTION' ? 
r_dihedral_angle_2_deg       32.816 24.930 ? 71   'X-RAY DIFFRACTION' ? 
r_dihedral_angle_3_deg       14.537 15.000 ? 243  'X-RAY DIFFRACTION' ? 
r_dihedral_angle_4_deg       13.617 15.000 ? 6    'X-RAY DIFFRACTION' ? 
r_chiral_restr               0.089  0.200  ? 203  'X-RAY DIFFRACTION' ? 
r_gen_planes_refined         0.005  0.020  ? 1518 'X-RAY DIFFRACTION' ? 
r_gen_planes_other           0.001  0.020  ? 285  'X-RAY DIFFRACTION' ? 
r_nbd_refined                0.228  0.200  ? 313  'X-RAY DIFFRACTION' ? 
r_nbd_other                  0.161  0.200  ? 1181 'X-RAY DIFFRACTION' ? 
r_nbtor_refined              0.187  0.200  ? 694  'X-RAY DIFFRACTION' ? 
r_nbtor_other                0.080  0.200  ? 740  'X-RAY DIFFRACTION' ? 
r_xyhbond_nbd_refined        0.172  0.200  ? 43   'X-RAY DIFFRACTION' ? 
r_xyhbond_nbd_other          ?      ?      ? ?    'X-RAY DIFFRACTION' ? 
r_metal_ion_refined          ?      ?      ? ?    'X-RAY DIFFRACTION' ? 
r_metal_ion_other            ?      ?      ? ?    'X-RAY DIFFRACTION' ? 
r_symmetry_vdw_refined       0.072  0.200  ? 13   'X-RAY DIFFRACTION' ? 
r_symmetry_vdw_other         0.164  0.200  ? 40   'X-RAY DIFFRACTION' ? 
r_symmetry_hbond_refined     0.137  0.200  ? 9    'X-RAY DIFFRACTION' ? 
r_symmetry_hbond_other       ?      ?      ? ?    'X-RAY DIFFRACTION' ? 
r_symmetry_metal_ion_refined ?      ?      ? ?    'X-RAY DIFFRACTION' ? 
r_symmetry_metal_ion_other   ?      ?      ? ?    'X-RAY DIFFRACTION' ? 
r_mcbond_it                  1.071  1.500  ? 905  'X-RAY DIFFRACTION' ? 
r_mcbond_other               ?      ?      ? ?    'X-RAY DIFFRACTION' ? 
r_mcangle_it                 1.402  2.000  ? 1319 'X-RAY DIFFRACTION' ? 
r_mcangle_other              ?      ?      ? ?    'X-RAY DIFFRACTION' ? 
r_scbond_it                  2.443  3.000  ? 597  'X-RAY DIFFRACTION' ? 
r_scbond_other               ?      ?      ? ?    'X-RAY DIFFRACTION' ? 
r_scangle_it                 3.558  4.500  ? 523  'X-RAY DIFFRACTION' ? 
r_scangle_other              ?      ?      ? ?    'X-RAY DIFFRACTION' ? 
r_long_range_B_refined       ?      ?      ? ?    'X-RAY DIFFRACTION' ? 
r_long_range_B_other         ?      ?      ? ?    'X-RAY DIFFRACTION' ? 
r_rigid_bond_restr           ?      ?      ? ?    'X-RAY DIFFRACTION' ? 
r_sphericity_free            ?      ?      ? ?    'X-RAY DIFFRACTION' ? 
r_sphericity_bonded          ?      ?      ? ?    'X-RAY DIFFRACTION' ? 
# 
_refine_ls_shell.pdbx_refine_id                   'X-RAY DIFFRACTION' 
_refine_ls_shell.pdbx_total_number_of_bins_used   20 
_refine_ls_shell.d_res_high                       1.90 
_refine_ls_shell.d_res_low                        1.95 
_refine_ls_shell.number_reflns_R_work             825 
_refine_ls_shell.R_factor_R_work                  0.2430 
_refine_ls_shell.percent_reflns_obs               ? 
_refine_ls_shell.R_factor_R_free                  0.3620 
_refine_ls_shell.R_factor_R_free_error            ? 
_refine_ls_shell.percent_reflns_R_free            ? 
_refine_ls_shell.number_reflns_R_free             30 
_refine_ls_shell.number_reflns_all                ? 
_refine_ls_shell.R_factor_all                     ? 
# 
_struct.entry_id                  2VOG 
_struct.title                     'Structure of mouse A1 bound to the Bmf BH3-domain' 
_struct.pdbx_model_details        ? 
_struct.pdbx_CASP_flag            ? 
_struct.pdbx_model_type_details   ? 
# 
_struct_keywords.entry_id        2VOG 
_struct_keywords.pdbx_keywords   APOPTOSIS 
_struct_keywords.text            'PROTEIN-PROTEIN COMPLEX, BH3, BCL-2, APOPTOSIS, PRO-SURVIVAL' 
# 
loop_
_struct_asym.id 
_struct_asym.pdbx_blank_PDB_chainid_flag 
_struct_asym.pdbx_modified 
_struct_asym.entity_id 
_struct_asym.details 
A N N 1 ? 
B N N 2 ? 
C N N 3 ? 
D N N 3 ? 
E N N 4 ? 
F N N 4 ? 
# 
_struct_biol.id   1 
# 
loop_
_struct_conf.conf_type_id 
_struct_conf.id 
_struct_conf.pdbx_PDB_helix_id 
_struct_conf.beg_label_comp_id 
_struct_conf.beg_label_asym_id 
_struct_conf.beg_label_seq_id 
_struct_conf.pdbx_beg_PDB_ins_code 
_struct_conf.end_label_comp_id 
_struct_conf.end_label_asym_id 
_struct_conf.end_label_seq_id 
_struct_conf.pdbx_end_PDB_ins_code 
_struct_conf.beg_auth_comp_id 
_struct_conf.beg_auth_asym_id 
_struct_conf.beg_auth_seq_id 
_struct_conf.end_auth_comp_id 
_struct_conf.end_auth_asym_id 
_struct_conf.end_auth_seq_id 
_struct_conf.pdbx_PDB_helix_class 
_struct_conf.details 
_struct_conf.pdbx_PDB_helix_length 
HELX_P HELX_P1  1  GLY A 4   ? LEU A 26  ? GLY A -1  LEU A 21  1 ? 23 
HELX_P HELX_P2  2  SER A 36  ? LEU A 57  ? SER A 31  LEU A 52  1 ? 22 
HELX_P HELX_P3  3  LEU A 57  ? ASP A 62  ? LEU A 52  ASP A 57  1 ? 6  
HELX_P HELX_P4  4  SER A 68  ? PHE A 84  ? SER A 63  PHE A 79  1 ? 17 
HELX_P HELX_P5  5  GLU A 85  ? GLY A 87  ? GLU A 80  GLY A 82  5 ? 3  
HELX_P HELX_P6  6  ASN A 90  ? GLN A 112 ? ASN A 85  GLN A 107 1 ? 23 
HELX_P HELX_P7  7  SER A 118 ? ASN A 142 ? SER A 113 ASN A 137 1 ? 25 
HELX_P HELX_P8  8  GLY A 143 ? GLY A 148 ? GLY A 138 GLY A 143 1 ? 6  
HELX_P HELX_P9  9  PHE A 149 ? GLU A 154 ? PHE A 144 GLU A 149 5 ? 6  
HELX_P HELX_P10 10 ARG B 4   ? THR B 25  ? ARG B 129 THR B 150 1 ? 22 
# 
_struct_conf_type.id          HELX_P 
_struct_conf_type.criteria    ? 
_struct_conf_type.reference   ? 
# 
loop_
_struct_site.id 
_struct_site.pdbx_evidence_code 
_struct_site.pdbx_auth_asym_id 
_struct_site.pdbx_auth_comp_id 
_struct_site.pdbx_auth_seq_id 
_struct_site.pdbx_auth_ins_code 
_struct_site.pdbx_num_residues 
_struct_site.details 
AC1 Software ? ? ? ? 4 'BINDING SITE FOR RESIDUE CL A1150' 
AC2 Software ? ? ? ? 2 'BINDING SITE FOR RESIDUE CL A1151' 
# 
loop_
_struct_site_gen.id 
_struct_site_gen.site_id 
_struct_site_gen.pdbx_num_res 
_struct_site_gen.label_comp_id 
_struct_site_gen.label_asym_id 
_struct_site_gen.label_seq_id 
_struct_site_gen.pdbx_auth_ins_code 
_struct_site_gen.auth_comp_id 
_struct_site_gen.auth_asym_id 
_struct_site_gen.auth_seq_id 
_struct_site_gen.label_atom_id 
_struct_site_gen.label_alt_id 
_struct_site_gen.symmetry 
_struct_site_gen.details 
1 AC1 4 TRP A 91 ? TRP A 86   . ? 1_555 ? 
2 AC1 4 GLY A 92 ? GLY A 87   . ? 1_555 ? 
3 AC1 4 HOH E .  ? HOH A 2026 . ? 1_555 ? 
4 AC1 4 HIS B 21 ? HIS B 146  . ? 1_555 ? 
5 AC2 2 MET A 12 ? MET A 7    . ? 1_555 ? 
6 AC2 2 HIS A 15 ? HIS A 10   . ? 1_555 ? 
# 
_atom_sites.entry_id                    2VOG 
_atom_sites.fract_transf_matrix[1][1]   -0.00002186 
_atom_sites.fract_transf_matrix[1][2]   -0.01244507 
_atom_sites.fract_transf_matrix[1][3]   -0.00837912 
_atom_sites.fract_transf_matrix[2][1]   0.01376001 
_atom_sites.fract_transf_matrix[2][2]   -0.00289734 
_atom_sites.fract_transf_matrix[2][3]   0.00426737 
_atom_sites.fract_transf_matrix[3][1]   -0.01092246 
_atom_sites.fract_transf_matrix[3][2]   -0.01626035 
_atom_sites.fract_transf_matrix[3][3]   0.02417914 
_atom_sites.fract_transf_vector[1]      0.704718 
_atom_sites.fract_transf_vector[2]      0.125700 
_atom_sites.fract_transf_vector[3]      0.752825 
# 
loop_
_atom_type.symbol 
C  
CL 
N  
O  
S  
# 
loop_
_atom_site.group_PDB 
_atom_site.id 
_atom_site.type_symbol 
_atom_site.label_atom_id 
_atom_site.label_alt_id 
_atom_site.label_comp_id 
_atom_site.label_asym_id 
_atom_site.label_entity_id 
_atom_site.label_seq_id 
_atom_site.pdbx_PDB_ins_code 
_atom_site.Cartn_x 
_atom_site.Cartn_y 
_atom_site.Cartn_z 
_atom_site.occupancy 
_atom_site.B_iso_or_equiv 
_atom_site.pdbx_formal_charge 
_atom_site.auth_seq_id 
_atom_site.auth_comp_id 
_atom_site.auth_asym_id 
_atom_site.auth_atom_id 
_atom_site.pdbx_PDB_model_num 
ATOM   1    N  N   . GLY A 1 4   ? -7.680  9.281   20.283  1.00 32.07 ? -1   GLY A N   1 
ATOM   2    C  CA  . GLY A 1 4   ? -9.038  9.938   20.182  1.00 31.87 ? -1   GLY A CA  1 
ATOM   3    C  C   . GLY A 1 4   ? -9.008  10.889  19.002  1.00 30.92 ? -1   GLY A C   1 
ATOM   4    O  O   . GLY A 1 4   ? -9.148  10.475  17.844  1.00 30.80 ? -1   GLY A O   1 
ATOM   5    N  N   . SER A 1 5   ? -8.810  12.166  19.312  1.00 29.71 ? 0    SER A N   1 
ATOM   6    C  CA  . SER A 1 5   ? -8.359  13.147  18.338  1.00 29.03 ? 0    SER A CA  1 
ATOM   7    C  C   . SER A 1 5   ? -7.005  12.691  17.790  1.00 28.25 ? 0    SER A C   1 
ATOM   8    O  O   . SER A 1 5   ? -6.731  12.877  16.630  1.00 25.83 ? 0    SER A O   1 
ATOM   9    C  CB  . SER A 1 5   ? -8.235  14.529  18.969  1.00 29.32 ? 0    SER A CB  1 
ATOM   10   O  OG  . SER A 1 5   ? -7.492  14.494  20.179  1.00 31.71 ? 0    SER A OG  1 
ATOM   11   N  N   . MET A 1 6   ? -6.181  12.076  18.642  1.00 27.72 ? 1    MET A N   1 
ATOM   12   C  CA  . MET A 1 6   ? -4.915  11.479  18.200  1.00 28.66 ? 1    MET A CA  1 
ATOM   13   C  C   . MET A 1 6   ? -5.063  10.360  17.169  1.00 26.49 ? 1    MET A C   1 
ATOM   14   O  O   . MET A 1 6   ? -4.316  10.342  16.199  1.00 25.19 ? 1    MET A O   1 
ATOM   15   C  CB  . MET A 1 6   ? -4.080  11.036  19.396  1.00 29.61 ? 1    MET A CB  1 
ATOM   16   C  CG  . MET A 1 6   ? -3.530  12.241  20.134  1.00 30.49 ? 1    MET A CG  1 
ATOM   17   S  SD  . MET A 1 6   ? -2.842  11.940  21.766  1.00 35.60 ? 1    MET A SD  1 
ATOM   18   C  CE  . MET A 1 6   ? -3.018  13.571  22.463  1.00 33.11 ? 1    MET A CE  1 
ATOM   19   N  N   . ALA A 1 7   ? -6.022  9.456   17.348  1.00 24.19 ? 2    ALA A N   1 
ATOM   20   C  CA  . ALA A 1 7   ? -6.289  8.422   16.343  1.00 23.48 ? 2    ALA A CA  1 
ATOM   21   C  C   . ALA A 1 7   ? -6.819  9.038   15.034  1.00 22.64 ? 2    ALA A C   1 
ATOM   22   O  O   . ALA A 1 7   ? -6.400  8.633   13.936  1.00 22.54 ? 2    ALA A O   1 
ATOM   23   C  CB  . ALA A 1 7   ? -7.276  7.376   16.883  1.00 23.89 ? 2    ALA A CB  1 
ATOM   24   N  N   . GLU A 1 8   ? -7.718  10.016  15.162  1.00 22.14 ? 3    GLU A N   1 
ATOM   25   C  CA  . GLU A 1 8   ? -8.223  10.781  14.008  1.00 22.25 ? 3    GLU A CA  1 
ATOM   26   C  C   . GLU A 1 8   ? -7.068  11.487  13.298  1.00 22.55 ? 3    GLU A C   1 
ATOM   27   O  O   . GLU A 1 8   ? -6.946  11.381  12.079  1.00 21.17 ? 3    GLU A O   1 
ATOM   28   C  CB  . GLU A 1 8   ? -9.289  11.795  14.414  1.00 22.40 ? 3    GLU A CB  1 
ATOM   29   C  CG  . GLU A 1 8   ? -10.587 11.153  14.940  1.00 22.58 ? 3    GLU A CG  1 
ATOM   30   C  CD  . GLU A 1 8   ? -11.619 12.114  15.400  1.00 21.85 ? 3    GLU A CD  1 
ATOM   31   O  OE1 . GLU A 1 8   ? -11.315 13.226  15.898  1.00 25.08 ? 3    GLU A OE1 1 
ATOM   32   O  OE2 . GLU A 1 8   ? -12.800 11.749  15.287  1.00 23.86 ? 3    GLU A OE2 1 
ATOM   33   N  N   . SER A 1 9   ? -6.202  12.174  14.045  1.00 22.13 ? 4    SER A N   1 
ATOM   34   C  CA  . SER A 1 9   ? -5.057  12.801  13.390  1.00 23.41 ? 4    SER A CA  1 
ATOM   35   C  C   . SER A 1 9   ? -4.203  11.750  12.708  1.00 23.07 ? 4    SER A C   1 
ATOM   36   O  O   . SER A 1 9   ? -3.730  11.976  11.593  1.00 22.01 ? 4    SER A O   1 
ATOM   37   C  CB  . SER A 1 9   ? -4.255  13.691  14.341  1.00 23.92 ? 4    SER A CB  1 
ATOM   38   O  OG  . SER A 1 9   ? -3.583  12.905  15.291  1.00 30.29 ? 4    SER A OG  1 
ATOM   39   N  N   . GLU A 1 10  ? -4.041  10.576  13.332  1.00 23.07 ? 5    GLU A N   1 
ATOM   40   C  CA  . GLU A 1 10  ? -3.196  9.534   12.738  1.00 23.46 ? 5    GLU A CA  1 
ATOM   41   C  C   . GLU A 1 10  ? -3.765  9.040   11.402  1.00 23.23 ? 5    GLU A C   1 
ATOM   42   O  O   . GLU A 1 10  ? -3.040  8.891   10.428  1.00 21.61 ? 5    GLU A O   1 
ATOM   43   C  CB  . GLU A 1 10  ? -2.982  8.343   13.681  1.00 24.02 ? 5    GLU A CB  1 
ATOM   44   C  CG  . GLU A 1 10  ? -2.059  7.274   13.103  1.00 24.16 ? 5    GLU A CG  1 
ATOM   45   C  CD  . GLU A 1 10  ? -1.821  6.099   14.054  1.00 25.96 ? 5    GLU A CD  1 
ATOM   46   O  OE1 . GLU A 1 10  ? -2.561  5.977   15.050  1.00 26.46 ? 5    GLU A OE1 1 
ATOM   47   O  OE2 . GLU A 1 10  ? -0.894  5.306   13.793  1.00 29.66 ? 5    GLU A OE2 1 
ATOM   48   N  N   . LEU A 1 11  ? -5.067  8.813   11.364  1.00 23.56 ? 6    LEU A N   1 
ATOM   49   C  CA  . LEU A 1 11  ? -5.733  8.371   10.121  1.00 22.91 ? 6    LEU A CA  1 
ATOM   50   C  C   . LEU A 1 11  ? -5.580  9.430   9.033   1.00 22.66 ? 6    LEU A C   1 
ATOM   51   O  O   . LEU A 1 11  ? -5.285  9.080   7.894   1.00 22.26 ? 6    LEU A O   1 
ATOM   52   C  CB  . LEU A 1 11  ? -7.227  8.137   10.384  1.00 23.93 ? 6    LEU A CB  1 
ATOM   53   C  CG  . LEU A 1 11  ? -8.092  7.799   9.156   1.00 23.90 ? 6    LEU A CG  1 
ATOM   54   C  CD1 . LEU A 1 11  ? -7.635  6.518   8.515   1.00 26.48 ? 6    LEU A CD1 1 
ATOM   55   C  CD2 . LEU A 1 11  ? -9.544  7.704   9.567   1.00 25.18 ? 6    LEU A CD2 1 
ATOM   56   N  N   . MET A 1 12  ? -5.762  10.707  9.380   1.00 22.10 ? 7    MET A N   1 
ATOM   57   C  CA  . MET A 1 12  ? -5.676  11.786  8.357   1.00 23.27 ? 7    MET A CA  1 
ATOM   58   C  C   . MET A 1 12  ? -4.246  11.881  7.788   1.00 23.26 ? 7    MET A C   1 
ATOM   59   O  O   . MET A 1 12  ? -4.040  12.095  6.582   1.00 22.69 ? 7    MET A O   1 
ATOM   60   C  CB  . MET A 1 12  ? -6.156  13.117  8.916   1.00 23.12 ? 7    MET A CB  1 
ATOM   61   C  CG  . MET A 1 12  ? -7.685  13.129  9.214   1.00 24.22 ? 7    MET A CG  1 
ATOM   62   S  SD  . MET A 1 12  ? -8.441  14.696  9.669   1.00 23.70 ? 7    MET A SD  1 
ATOM   63   C  CE  . MET A 1 12  ? -7.701  15.012  11.233  1.00 20.07 ? 7    MET A CE  1 
ATOM   64   N  N   . HIS A 1 13  ? -3.267  11.690  8.668   1.00 23.91 ? 8    HIS A N   1 
ATOM   65   C  CA  . HIS A 1 13  ? -1.887  11.681  8.248   1.00 24.29 ? 8    HIS A CA  1 
ATOM   66   C  C   . HIS A 1 13  ? -1.582  10.516  7.320   1.00 22.94 ? 8    HIS A C   1 
ATOM   67   O  O   . HIS A 1 13  ? -0.926  10.726  6.313   1.00 21.92 ? 8    HIS A O   1 
ATOM   68   C  CB  . HIS A 1 13  ? -0.926  11.708  9.424   1.00 25.67 ? 8    HIS A CB  1 
ATOM   69   C  CG  . HIS A 1 13  ? 0.489   11.911  8.996   1.00 28.76 ? 8    HIS A CG  1 
ATOM   70   N  ND1 . HIS A 1 13  ? 0.913   13.076  8.390   1.00 33.96 ? 8    HIS A ND1 1 
ATOM   71   C  CD2 . HIS A 1 13  ? 1.566   11.098  9.047   1.00 30.19 ? 8    HIS A CD2 1 
ATOM   72   C  CE1 . HIS A 1 13  ? 2.195   12.971  8.092   1.00 33.10 ? 8    HIS A CE1 1 
ATOM   73   N  NE2 . HIS A 1 13  ? 2.617   11.785  8.484   1.00 30.03 ? 8    HIS A NE2 1 
ATOM   74   N  N   . ILE A 1 14  ? -2.022  9.300   7.669   1.00 22.53 ? 9    ILE A N   1 
ATOM   75   C  CA  . ILE A 1 14  ? -1.921  8.129   6.796   1.00 23.18 ? 9    ILE A CA  1 
ATOM   76   C  C   . ILE A 1 14  ? -2.616  8.378   5.435   1.00 23.34 ? 9    ILE A C   1 
ATOM   77   O  O   . ILE A 1 14  ? -2.090  8.022   4.364   1.00 21.88 ? 9    ILE A O   1 
ATOM   78   C  CB  . ILE A 1 14  ? -2.495  6.849   7.491   1.00 23.51 ? 9    ILE A CB  1 
ATOM   79   C  CG1 . ILE A 1 14  ? -1.567  6.397   8.638   1.00 23.00 ? 9    ILE A CG1 1 
ATOM   80   C  CG2 . ILE A 1 14  ? -2.716  5.753   6.457   1.00 25.27 ? 9    ILE A CG2 1 
ATOM   81   C  CD1 . ILE A 1 14  ? -2.203  5.386   9.536   1.00 22.74 ? 9    ILE A CD1 1 
ATOM   82   N  N   . HIS A 1 15  ? -3.771  9.029   5.472   1.00 23.25 ? 10   HIS A N   1 
ATOM   83   C  CA  . HIS A 1 15  ? -4.510  9.309   4.257   1.00 23.22 ? 10   HIS A CA  1 
ATOM   84   C  C   . HIS A 1 15  ? -3.683  10.234  3.384   1.00 24.05 ? 10   HIS A C   1 
ATOM   85   O  O   . HIS A 1 15  ? -3.607  10.010  2.179   1.00 24.39 ? 10   HIS A O   1 
ATOM   86   C  CB  . HIS A 1 15  ? -5.870  9.944   4.560   1.00 24.66 ? 10   HIS A CB  1 
ATOM   87   C  CG  . HIS A 1 15  ? -6.757  10.052  3.357   1.00 25.11 ? 10   HIS A CG  1 
ATOM   88   N  ND1 . HIS A 1 15  ? -7.590  11.116  3.136   1.00 31.29 ? 10   HIS A ND1 1 
ATOM   89   C  CD2 . HIS A 1 15  ? -6.878  9.252   2.270   1.00 28.40 ? 10   HIS A CD2 1 
ATOM   90   C  CE1 . HIS A 1 15  ? -8.209  10.961  1.975   1.00 28.86 ? 10   HIS A CE1 1 
ATOM   91   N  NE2 . HIS A 1 15  ? -7.783  9.843   1.426   1.00 26.96 ? 10   HIS A NE2 1 
ATOM   92   N  N   . SER A 1 16  ? -3.076  11.260  3.975   1.00 23.87 ? 11   SER A N   1 
ATOM   93   C  CA  . SER A 1 16  ? -2.222  12.192  3.196   1.00 24.69 ? 11   SER A CA  1 
ATOM   94   C  C   . SER A 1 16  ? -1.046  11.425  2.561   1.00 24.43 ? 11   SER A C   1 
ATOM   95   O  O   . SER A 1 16  ? -0.742  11.605  1.374   1.00 23.60 ? 11   SER A O   1 
ATOM   96   C  CB  . SER A 1 16  ? -1.715  13.324  4.090   1.00 25.41 ? 11   SER A CB  1 
ATOM   97   O  OG  . SER A 1 16  ? -1.070  14.340  3.325   1.00 31.31 ? 11   SER A OG  1 
ATOM   98   N  N   . LEU A 1 17  ? -0.372  10.584  3.340   1.00 23.17 ? 12   LEU A N   1 
ATOM   99   C  CA  . LEU A 1 17  ? 0.691   9.739   2.801   1.00 24.68 ? 12   LEU A CA  1 
ATOM   100  C  C   . LEU A 1 17  ? 0.226   8.880   1.614   1.00 24.46 ? 12   LEU A C   1 
ATOM   101  O  O   . LEU A 1 17  ? 0.920   8.769   0.583   1.00 24.84 ? 12   LEU A O   1 
ATOM   102  C  CB  . LEU A 1 17  ? 1.280   8.834   3.904   1.00 25.00 ? 12   LEU A CB  1 
ATOM   103  C  CG  . LEU A 1 17  ? 2.063   9.604   4.982   1.00 27.50 ? 12   LEU A CG  1 
ATOM   104  C  CD1 . LEU A 1 17  ? 2.465   8.689   6.104   1.00 29.53 ? 12   LEU A CD1 1 
ATOM   105  C  CD2 . LEU A 1 17  ? 3.261   10.325  4.362   1.00 29.67 ? 12   LEU A CD2 1 
ATOM   106  N  N   . ALA A 1 18  ? -0.934  8.256   1.759   1.00 23.82 ? 13   ALA A N   1 
ATOM   107  C  CA  . ALA A 1 18  ? -1.463  7.388   0.720   1.00 24.19 ? 13   ALA A CA  1 
ATOM   108  C  C   . ALA A 1 18  ? -1.848  8.191   -0.516  1.00 24.23 ? 13   ALA A C   1 
ATOM   109  O  O   . ALA A 1 18  ? -1.568  7.753   -1.637  1.00 24.79 ? 13   ALA A O   1 
ATOM   110  C  CB  . ALA A 1 18  ? -2.683  6.580   1.245   1.00 24.76 ? 13   ALA A CB  1 
ATOM   111  N  N   . GLU A 1 19  ? -2.476  9.357   -0.317  1.00 25.05 ? 14   GLU A N   1 
ATOM   112  C  CA  . GLU A 1 19  ? -2.883  10.203  -1.422  1.00 26.77 ? 14   GLU A CA  1 
ATOM   113  C  C   . GLU A 1 19  ? -1.668  10.681  -2.210  1.00 26.46 ? 14   GLU A C   1 
ATOM   114  O  O   . GLU A 1 19  ? -1.678  10.687  -3.442  1.00 24.85 ? 14   GLU A O   1 
ATOM   115  C  CB  . GLU A 1 19  ? -3.650  11.439  -0.938  1.00 27.28 ? 14   GLU A CB  1 
ATOM   116  C  CG  . GLU A 1 19  ? -5.050  11.162  -0.521  1.00 30.56 ? 14   GLU A CG  1 
ATOM   117  C  CD  . GLU A 1 19  ? -5.794  12.415  -0.134  1.00 32.05 ? 14   GLU A CD  1 
ATOM   118  O  OE1 . GLU A 1 19  ? -5.271  13.228  0.686   1.00 39.71 ? 14   GLU A OE1 1 
ATOM   119  O  OE2 . GLU A 1 19  ? -6.903  12.594  -0.681  1.00 40.97 ? 14   GLU A OE2 1 
ATOM   120  N  N   . HIS A 1 20  ? -0.642  11.124  -1.491  1.00 25.79 ? 15   HIS A N   1 
ATOM   121  C  CA  . HIS A 1 20  ? 0.569   11.602  -2.140  1.00 26.61 ? 15   HIS A CA  1 
ATOM   122  C  C   . HIS A 1 20  ? 1.284   10.492  -2.898  1.00 25.80 ? 15   HIS A C   1 
ATOM   123  O  O   . HIS A 1 20  ? 1.782   10.745  -3.996  1.00 26.20 ? 15   HIS A O   1 
ATOM   124  C  CB  . HIS A 1 20  ? 1.509   12.288  -1.150  1.00 27.03 ? 15   HIS A CB  1 
ATOM   125  C  CG  . HIS A 1 20  ? 0.906   13.510  -0.536  1.00 29.68 ? 15   HIS A CG  1 
ATOM   126  N  ND1 . HIS A 1 20  ? 1.308   14.011  0.678   1.00 31.79 ? 15   HIS A ND1 1 
ATOM   127  C  CD2 . HIS A 1 20  ? -0.111  14.299  -0.952  1.00 32.47 ? 15   HIS A CD2 1 
ATOM   128  C  CE1 . HIS A 1 20  ? 0.584   15.078  0.972   1.00 33.85 ? 15   HIS A CE1 1 
ATOM   129  N  NE2 . HIS A 1 20  ? -0.286  15.272  -0.001  1.00 35.34 ? 15   HIS A NE2 1 
ATOM   130  N  N   . TYR A 1 21  ? 1.344   9.298   -2.334  1.00 25.65 ? 16   TYR A N   1 
ATOM   131  C  CA  . TYR A 1 21  ? 1.970   8.171   -3.028  1.00 25.92 ? 16   TYR A CA  1 
ATOM   132  C  C   . TYR A 1 21  ? 1.235   7.829   -4.336  1.00 26.00 ? 16   TYR A C   1 
ATOM   133  O  O   . TYR A 1 21  ? 1.870   7.660   -5.398  1.00 26.09 ? 16   TYR A O   1 
ATOM   134  C  CB  . TYR A 1 21  ? 2.080   6.925   -2.155  1.00 25.82 ? 16   TYR A CB  1 
ATOM   135  C  CG  . TYR A 1 21  ? 2.635   5.781   -2.947  1.00 24.67 ? 16   TYR A CG  1 
ATOM   136  C  CD1 . TYR A 1 21  ? 3.953   5.823   -3.386  1.00 26.22 ? 16   TYR A CD1 1 
ATOM   137  C  CD2 . TYR A 1 21  ? 1.847   4.688   -3.302  1.00 26.93 ? 16   TYR A CD2 1 
ATOM   138  C  CE1 . TYR A 1 21  ? 4.483   4.814   -4.165  1.00 28.37 ? 16   TYR A CE1 1 
ATOM   139  C  CE2 . TYR A 1 21  ? 2.385   3.631   -4.063  1.00 27.20 ? 16   TYR A CE2 1 
ATOM   140  C  CZ  . TYR A 1 21  ? 3.703   3.716   -4.499  1.00 25.88 ? 16   TYR A CZ  1 
ATOM   141  O  OH  . TYR A 1 21  ? 4.288   2.739   -5.279  1.00 26.90 ? 16   TYR A OH  1 
ATOM   142  N  N   . LEU A 1 22  ? -0.087  7.781   -4.257  1.00 25.08 ? 17   LEU A N   1 
ATOM   143  C  CA  . LEU A 1 22  ? -0.916  7.407   -5.391  1.00 26.09 ? 17   LEU A CA  1 
ATOM   144  C  C   . LEU A 1 22  ? -0.927  8.477   -6.464  1.00 26.09 ? 17   LEU A C   1 
ATOM   145  O  O   . LEU A 1 22  ? -0.945  8.167   -7.645  1.00 26.66 ? 17   LEU A O   1 
ATOM   146  C  CB  . LEU A 1 22  ? -2.336  7.084   -4.910  1.00 26.27 ? 17   LEU A CB  1 
ATOM   147  C  CG  . LEU A 1 22  ? -2.445  5.832   -4.054  1.00 27.43 ? 17   LEU A CG  1 
ATOM   148  C  CD1 . LEU A 1 22  ? -3.901  5.700   -3.603  1.00 30.48 ? 17   LEU A CD1 1 
ATOM   149  C  CD2 . LEU A 1 22  ? -1.923  4.577   -4.806  1.00 26.90 ? 17   LEU A CD2 1 
ATOM   150  N  N   . GLN A 1 23  ? -0.854  9.736   -6.047  1.00 26.04 ? 18   GLN A N   1 
ATOM   151  C  CA  . GLN A 1 23  ? -0.659  10.830  -6.962  1.00 27.06 ? 18   GLN A CA  1 
ATOM   152  C  C   . GLN A 1 23  ? 0.644   10.663  -7.724  1.00 26.84 ? 18   GLN A C   1 
ATOM   153  O  O   . GLN A 1 23  ? 0.677   10.884  -8.930  1.00 26.06 ? 18   GLN A O   1 
ATOM   154  C  CB  . GLN A 1 23  ? -0.666  12.179  -6.228  1.00 26.97 ? 18   GLN A CB  1 
ATOM   155  C  CG  . GLN A 1 23  ? -2.074  12.632  -5.871  1.00 28.32 ? 18   GLN A CG  1 
ATOM   156  C  CD  . GLN A 1 23  ? -2.122  13.839  -4.957  1.00 29.76 ? 18   GLN A CD  1 
ATOM   157  O  OE1 . GLN A 1 23  ? -1.174  14.132  -4.228  1.00 34.91 ? 18   GLN A OE1 1 
ATOM   158  N  NE2 . GLN A 1 23  ? -3.231  14.547  -4.996  1.00 34.98 ? 18   GLN A NE2 1 
ATOM   159  N  N   . TYR A 1 24  ? 1.702   10.309  -7.004  1.00 26.51 ? 19   TYR A N   1 
ATOM   160  C  CA  . TYR A 1 24  ? 3.018   10.024  -7.613  1.00 27.24 ? 19   TYR A CA  1 
ATOM   161  C  C   . TYR A 1 24  ? 2.914   8.899   -8.647  1.00 26.86 ? 19   TYR A C   1 
ATOM   162  O  O   . TYR A 1 24  ? 3.473   8.985   -9.746  1.00 27.38 ? 19   TYR A O   1 
ATOM   163  C  CB  . TYR A 1 24  ? 4.060   9.648   -6.541  1.00 27.43 ? 19   TYR A CB  1 
ATOM   164  C  CG  . TYR A 1 24  ? 5.312   9.066   -7.157  1.00 28.51 ? 19   TYR A CG  1 
ATOM   165  C  CD1 . TYR A 1 24  ? 6.285   9.887   -7.695  1.00 26.81 ? 19   TYR A CD1 1 
ATOM   166  C  CD2 . TYR A 1 24  ? 5.498   7.673   -7.227  1.00 29.55 ? 19   TYR A CD2 1 
ATOM   167  C  CE1 . TYR A 1 24  ? 7.433   9.363   -8.313  1.00 27.17 ? 19   TYR A CE1 1 
ATOM   168  C  CE2 . TYR A 1 24  ? 6.644   7.135   -7.834  1.00 28.99 ? 19   TYR A CE2 1 
ATOM   169  C  CZ  . TYR A 1 24  ? 7.607   7.992   -8.386  1.00 28.16 ? 19   TYR A CZ  1 
ATOM   170  O  OH  . TYR A 1 24  ? 8.745   7.484   -8.999  1.00 29.38 ? 19   TYR A OH  1 
ATOM   171  N  N   . VAL A 1 25  ? 2.193   7.855   -8.277  1.00 27.76 ? 20   VAL A N   1 
ATOM   172  C  CA  . VAL A 1 25  ? 1.994   6.702   -9.147  1.00 28.26 ? 20   VAL A CA  1 
ATOM   173  C  C   . VAL A 1 25  ? 1.372   7.127   -10.464 1.00 27.41 ? 20   VAL A C   1 
ATOM   174  O  O   . VAL A 1 25  ? 1.801   6.653   -11.510 1.00 27.86 ? 20   VAL A O   1 
ATOM   175  C  CB  . VAL A 1 25  ? 1.191   5.585   -8.433  1.00 27.65 ? 20   VAL A CB  1 
ATOM   176  C  CG1 . VAL A 1 25  ? 0.670   4.529   -9.426  1.00 29.64 ? 20   VAL A CG1 1 
ATOM   177  C  CG2 . VAL A 1 25  ? 2.079   4.926   -7.406  1.00 28.79 ? 20   VAL A CG2 1 
ATOM   178  N  N   . LEU A 1 26  ? 0.423   8.054   -10.424 1.00 26.94 ? 21   LEU A N   1 
ATOM   179  C  CA  . LEU A 1 26  ? -0.265  8.496   -11.624 1.00 27.84 ? 21   LEU A CA  1 
ATOM   180  C  C   . LEU A 1 26  ? 0.217   9.826   -12.212 1.00 27.53 ? 21   LEU A C   1 
ATOM   181  O  O   . LEU A 1 26  ? -0.434  10.355  -13.105 1.00 26.94 ? 21   LEU A O   1 
ATOM   182  C  CB  . LEU A 1 26  ? -1.766  8.589   -11.357 1.00 28.50 ? 21   LEU A CB  1 
ATOM   183  C  CG  . LEU A 1 26  ? -2.455  7.264   -11.032 1.00 29.98 ? 21   LEU A CG  1 
ATOM   184  C  CD1 . LEU A 1 26  ? -3.951  7.498   -11.070 1.00 32.73 ? 21   LEU A CD1 1 
ATOM   185  C  CD2 . LEU A 1 26  ? -2.059  6.182   -12.035 1.00 32.59 ? 21   LEU A CD2 1 
ATOM   186  N  N   . GLN A 1 27  ? 1.332   10.353  -11.708 1.00 27.76 ? 22   GLN A N   1 
ATOM   187  C  CA  . GLN A 1 27  ? 1.869   11.642  -12.142 1.00 29.37 ? 22   GLN A CA  1 
ATOM   188  C  C   . GLN A 1 27  ? 0.817   12.758  -12.068 1.00 30.07 ? 22   GLN A C   1 
ATOM   189  O  O   . GLN A 1 27  ? 0.690   13.558  -12.981 1.00 28.86 ? 22   GLN A O   1 
ATOM   190  C  CB  . GLN A 1 27  ? 2.434   11.553  -13.562 1.00 29.96 ? 22   GLN A CB  1 
ATOM   191  C  CG  . GLN A 1 27  ? 3.359   10.368  -13.792 1.00 31.31 ? 22   GLN A CG  1 
ATOM   192  C  CD  . GLN A 1 27  ? 2.636   9.149   -14.330 1.00 34.54 ? 22   GLN A CD  1 
ATOM   193  O  OE1 . GLN A 1 27  ? 1.815   9.249   -15.241 1.00 37.62 ? 22   GLN A OE1 1 
ATOM   194  N  NE2 . GLN A 1 27  ? 2.946   7.981   -13.769 1.00 37.43 ? 22   GLN A NE2 1 
ATOM   195  N  N   . VAL A 1 28  ? 0.048   12.780  -10.982 1.00 31.39 ? 23   VAL A N   1 
ATOM   196  C  CA  . VAL A 1 28  ? -0.935  13.841  -10.756 1.00 33.42 ? 23   VAL A CA  1 
ATOM   197  C  C   . VAL A 1 28  ? -0.178  15.097  -10.300 1.00 34.30 ? 23   VAL A C   1 
ATOM   198  O  O   . VAL A 1 28  ? 0.696   14.997  -9.435  1.00 35.69 ? 23   VAL A O   1 
ATOM   199  C  CB  . VAL A 1 28  ? -1.956  13.447  -9.661  1.00 33.22 ? 23   VAL A CB  1 
ATOM   200  C  CG1 . VAL A 1 28  ? -3.033  14.527  -9.476  1.00 33.91 ? 23   VAL A CG1 1 
ATOM   201  C  CG2 . VAL A 1 28  ? -2.604  12.095  -9.984  1.00 33.65 ? 23   VAL A CG2 1 
ATOM   202  N  N   . PRO A 1 29  ? -0.498  16.268  -10.874 1.00 35.23 ? 24   PRO A N   1 
ATOM   203  C  CA  . PRO A 1 29  ? 0.092   17.530  -10.380 1.00 35.41 ? 24   PRO A CA  1 
ATOM   204  C  C   . PRO A 1 29  ? -0.492  18.001  -9.033  1.00 35.95 ? 24   PRO A C   1 
ATOM   205  O  O   . PRO A 1 29  ? -0.047  17.549  -7.978  1.00 36.74 ? 24   PRO A O   1 
ATOM   206  C  CB  . PRO A 1 29  ? -0.232  18.541  -11.471 1.00 35.40 ? 24   PRO A CB  1 
ATOM   207  C  CG  . PRO A 1 29  ? -1.242  17.908  -12.366 1.00 35.95 ? 24   PRO A CG  1 
ATOM   208  C  CD  . PRO A 1 29  ? -1.401  16.471  -12.021 1.00 35.00 ? 24   PRO A CD  1 
ATOM   209  N  N   . SER A 1 36  ? 7.669   16.447  1.810   1.00 42.07 ? 31   SER A N   1 
ATOM   210  C  CA  . SER A 1 36  ? 8.235   16.009  3.090   1.00 42.24 ? 31   SER A CA  1 
ATOM   211  C  C   . SER A 1 36  ? 9.142   14.801  2.911   1.00 42.27 ? 31   SER A C   1 
ATOM   212  O  O   . SER A 1 36  ? 9.023   14.046  1.928   1.00 42.19 ? 31   SER A O   1 
ATOM   213  C  CB  . SER A 1 36  ? 7.128   15.648  4.101   1.00 42.31 ? 31   SER A CB  1 
ATOM   214  O  OG  . SER A 1 36  ? 6.940   14.243  4.203   1.00 42.60 ? 31   SER A OG  1 
ATOM   215  N  N   . GLN A 1 37  ? 10.005  14.586  3.900   1.00 41.83 ? 32   GLN A N   1 
ATOM   216  C  CA  . GLN A 1 37  ? 11.020  13.537  3.803   1.00 41.15 ? 32   GLN A CA  1 
ATOM   217  C  C   . GLN A 1 37  ? 10.444  12.137  3.868   1.00 39.66 ? 32   GLN A C   1 
ATOM   218  O  O   . GLN A 1 37  ? 10.870  11.279  3.098   1.00 39.00 ? 32   GLN A O   1 
ATOM   219  C  CB  . GLN A 1 37  ? 12.119  13.734  4.853   1.00 41.60 ? 32   GLN A CB  1 
ATOM   220  C  CG  . GLN A 1 37  ? 13.020  14.885  4.520   1.00 43.28 ? 32   GLN A CG  1 
ATOM   221  C  CD  . GLN A 1 37  ? 13.707  14.708  3.184   1.00 45.80 ? 32   GLN A CD  1 
ATOM   222  O  OE1 . GLN A 1 37  ? 14.148  13.603  2.848   1.00 49.33 ? 32   GLN A OE1 1 
ATOM   223  N  NE2 . GLN A 1 37  ? 13.783  15.780  2.405   1.00 45.54 ? 32   GLN A NE2 1 
ATOM   224  N  N   . ALA A 1 38  ? 9.489   11.900  4.764   1.00 37.98 ? 33   ALA A N   1 
ATOM   225  C  CA  . ALA A 1 38  ? 8.831   10.613  4.814   1.00 37.68 ? 33   ALA A CA  1 
ATOM   226  C  C   . ALA A 1 38  ? 8.146   10.348  3.481   1.00 35.96 ? 33   ALA A C   1 
ATOM   227  O  O   . ALA A 1 38  ? 8.212   9.247   3.009   1.00 34.92 ? 33   ALA A O   1 
ATOM   228  C  CB  . ALA A 1 38  ? 7.815   10.514  5.975   1.00 37.77 ? 33   ALA A CB  1 
ATOM   229  N  N   . CYS A 1 39  ? 7.516   11.369  2.890   1.00 34.59 ? 34   CYS A N   1 
ATOM   230  C  CA  . CYS A 1 39  ? 6.836   11.205  1.603   1.00 33.93 ? 34   CYS A CA  1 
ATOM   231  C  C   . CYS A 1 39  ? 7.851   10.782  0.542   1.00 31.52 ? 34   CYS A C   1 
ATOM   232  O  O   . CYS A 1 39  ? 7.619   9.833   -0.183  1.00 30.62 ? 34   CYS A O   1 
ATOM   233  C  CB  . CYS A 1 39  ? 6.132   12.486  1.147   1.00 34.39 ? 34   CYS A CB  1 
ATOM   234  S  SG  . CYS A 1 39  ? 4.611   12.981  2.069   1.00 40.82 ? 34   CYS A SG  1 
ATOM   235  N  N   . ARG A 1 40  ? 8.971   11.498  0.485   1.00 29.19 ? 35   ARG A N   1 
ATOM   236  C  CA  . ARG A 1 40  ? 10.041  11.254  -0.496  1.00 28.44 ? 35   ARG A CA  1 
ATOM   237  C  C   . ARG A 1 40  ? 10.595  9.836   -0.383  1.00 27.48 ? 35   ARG A C   1 
ATOM   238  O  O   . ARG A 1 40  ? 10.677  9.108   -1.383  1.00 25.77 ? 35   ARG A O   1 
ATOM   239  C  CB  . ARG A 1 40  ? 11.187  12.247  -0.287  1.00 28.37 ? 35   ARG A CB  1 
ATOM   240  N  N   . VAL A 1 41  ? 10.932  9.421   0.842   1.00 26.93 ? 36   VAL A N   1 
ATOM   241  C  CA  . VAL A 1 41  ? 11.520  8.096   0.989   1.00 27.03 ? 36   VAL A CA  1 
ATOM   242  C  C   . VAL A 1 41  ? 10.453  7.036   0.774   1.00 26.53 ? 36   VAL A C   1 
ATOM   243  O  O   . VAL A 1 41  ? 10.717  6.063   0.084   1.00 25.25 ? 36   VAL A O   1 
ATOM   244  C  CB  . VAL A 1 41  ? 12.412  7.860   2.283   1.00 27.87 ? 36   VAL A CB  1 
ATOM   245  C  CG1 . VAL A 1 41  ? 13.015  9.154   2.821   1.00 27.86 ? 36   VAL A CG1 1 
ATOM   246  C  CG2 . VAL A 1 41  ? 11.742  7.062   3.321   1.00 29.49 ? 36   VAL A CG2 1 
ATOM   247  N  N   . LEU A 1 42  ? 9.252   7.242   1.325   1.00 27.19 ? 37   LEU A N   1 
ATOM   248  C  CA  . LEU A 1 42  ? 8.146   6.308   1.116   1.00 27.90 ? 37   LEU A CA  1 
ATOM   249  C  C   . LEU A 1 42  ? 7.859   6.130   -0.374  1.00 27.31 ? 37   LEU A C   1 
ATOM   250  O  O   . LEU A 1 42  ? 7.676   5.006   -0.828  1.00 26.69 ? 37   LEU A O   1 
ATOM   251  C  CB  . LEU A 1 42  ? 6.860   6.752   1.843   1.00 28.27 ? 37   LEU A CB  1 
ATOM   252  C  CG  . LEU A 1 42  ? 5.630   5.826   1.660   1.00 28.99 ? 37   LEU A CG  1 
ATOM   253  C  CD1 . LEU A 1 42  ? 5.849   4.418   2.215   1.00 29.45 ? 37   LEU A CD1 1 
ATOM   254  C  CD2 . LEU A 1 42  ? 4.360   6.426   2.298   1.00 30.51 ? 37   LEU A CD2 1 
ATOM   255  N  N   . GLN A 1 43  ? 7.800   7.231   -1.121  1.00 27.03 ? 38   GLN A N   1 
ATOM   256  C  CA  . GLN A 1 43  ? 7.523   7.135   -2.551  1.00 28.29 ? 38   GLN A CA  1 
ATOM   257  C  C   . GLN A 1 43  ? 8.547   6.249   -3.263  1.00 27.33 ? 38   GLN A C   1 
ATOM   258  O  O   . GLN A 1 43  ? 8.149   5.381   -4.039  1.00 27.43 ? 38   GLN A O   1 
ATOM   259  C  CB  . GLN A 1 43  ? 7.397   8.505   -3.217  1.00 28.25 ? 38   GLN A CB  1 
ATOM   260  C  CG  . GLN A 1 43  ? 6.003   9.063   -2.959  1.00 32.03 ? 38   GLN A CG  1 
ATOM   261  C  CD  . GLN A 1 43  ? 5.858   10.527  -3.284  1.00 30.86 ? 38   GLN A CD  1 
ATOM   262  O  OE1 . GLN A 1 43  ? 6.509   11.053  -4.183  1.00 34.83 ? 38   GLN A OE1 1 
ATOM   263  N  NE2 . GLN A 1 43  ? 4.969   11.191  -2.552  1.00 35.44 ? 38   GLN A NE2 1 
ATOM   264  N  N   . ARG A 1 44  ? 9.817   6.396   -2.916  1.00 25.68 ? 39   ARG A N   1 
ATOM   265  C  CA  . ARG A 1 44  ? 10.881  5.655   -3.585  1.00 25.50 ? 39   ARG A CA  1 
ATOM   266  C  C   . ARG A 1 44  ? 10.806  4.167   -3.220  1.00 24.23 ? 39   ARG A C   1 
ATOM   267  O  O   . ARG A 1 44  ? 10.914  3.306   -4.077  1.00 24.07 ? 39   ARG A O   1 
ATOM   268  C  CB  . ARG A 1 44  ? 12.249  6.263   -3.216  1.00 26.11 ? 39   ARG A CB  1 
ATOM   269  C  CG  . ARG A 1 44  ? 13.482  5.565   -3.798  1.00 29.11 ? 39   ARG A CG  1 
ATOM   270  C  CD  . ARG A 1 44  ? 14.078  6.306   -4.999  1.00 34.85 ? 39   ARG A CD  1 
ATOM   271  N  NE  . ARG A 1 44  ? 14.600  7.632   -4.610  1.00 37.71 ? 39   ARG A NE  1 
ATOM   272  C  CZ  . ARG A 1 44  ? 15.842  7.892   -4.181  1.00 39.52 ? 39   ARG A CZ  1 
ATOM   273  N  NH1 . ARG A 1 44  ? 16.746  6.928   -4.067  1.00 39.33 ? 39   ARG A NH1 1 
ATOM   274  N  NH2 . ARG A 1 44  ? 16.185  9.142   -3.859  1.00 38.67 ? 39   ARG A NH2 1 
ATOM   275  N  N   . VAL A 1 45  ? 10.649  3.854   -1.944  1.00 23.81 ? 40   VAL A N   1 
ATOM   276  C  CA  . VAL A 1 45  ? 10.690  2.444   -1.554  1.00 23.45 ? 40   VAL A CA  1 
ATOM   277  C  C   . VAL A 1 45  ? 9.407   1.751   -1.971  1.00 23.09 ? 40   VAL A C   1 
ATOM   278  O  O   . VAL A 1 45  ? 9.474   0.659   -2.525  1.00 23.31 ? 40   VAL A O   1 
ATOM   279  C  CB  . VAL A 1 45  ? 11.037  2.221   -0.057  1.00 24.75 ? 40   VAL A CB  1 
ATOM   280  C  CG1 . VAL A 1 45  ? 9.962   2.702   0.821   1.00 24.71 ? 40   VAL A CG1 1 
ATOM   281  C  CG2 . VAL A 1 45  ? 11.319  0.727   0.201   1.00 23.78 ? 40   VAL A CG2 1 
ATOM   282  N  N   . ALA A 1 46  ? 8.260   2.401   -1.790  1.00 22.41 ? 41   ALA A N   1 
ATOM   283  C  CA  . ALA A 1 46  ? 7.001   1.800   -2.231  1.00 23.26 ? 41   ALA A CA  1 
ATOM   284  C  C   . ALA A 1 46  ? 6.985   1.600   -3.733  1.00 22.80 ? 41   ALA A C   1 
ATOM   285  O  O   . ALA A 1 46  ? 6.535   0.534   -4.198  1.00 22.55 ? 41   ALA A O   1 
ATOM   286  C  CB  . ALA A 1 46  ? 5.789   2.577   -1.771  1.00 23.29 ? 41   ALA A CB  1 
ATOM   287  N  N   . PHE A 1 47  ? 7.521   2.557   -4.494  1.00 22.91 ? 42   PHE A N   1 
ATOM   288  C  CA  . PHE A 1 47  ? 7.533   2.371   -5.925  1.00 24.02 ? 42   PHE A CA  1 
ATOM   289  C  C   . PHE A 1 47  ? 8.458   1.228   -6.341  1.00 24.04 ? 42   PHE A C   1 
ATOM   290  O  O   . PHE A 1 47  ? 8.133   0.488   -7.280  1.00 23.41 ? 42   PHE A O   1 
ATOM   291  C  CB  . PHE A 1 47  ? 7.868   3.651   -6.693  1.00 25.11 ? 42   PHE A CB  1 
ATOM   292  C  CG  . PHE A 1 47  ? 7.626   3.526   -8.172  1.00 26.11 ? 42   PHE A CG  1 
ATOM   293  C  CD1 . PHE A 1 47  ? 6.335   3.259   -8.641  1.00 29.57 ? 42   PHE A CD1 1 
ATOM   294  C  CD2 . PHE A 1 47  ? 8.661   3.629   -9.080  1.00 30.33 ? 42   PHE A CD2 1 
ATOM   295  C  CE1 . PHE A 1 47  ? 6.096   3.150   -10.009 1.00 30.84 ? 42   PHE A CE1 1 
ATOM   296  C  CE2 . PHE A 1 47  ? 8.419   3.514   -10.463 1.00 30.45 ? 42   PHE A CE2 1 
ATOM   297  C  CZ  . PHE A 1 47  ? 7.127   3.274   -10.903 1.00 27.90 ? 42   PHE A CZ  1 
ATOM   298  N  N   . SER A 1 48  ? 9.594   1.073   -5.659  1.00 23.25 ? 43   SER A N   1 
ATOM   299  C  CA  . SER A 1 48  ? 10.497  -0.049  -5.956  1.00 23.73 ? 43   SER A CA  1 
ATOM   300  C  C   . SER A 1 48  ? 9.774   -1.387  -5.726  1.00 23.81 ? 43   SER A C   1 
ATOM   301  O  O   . SER A 1 48  ? 9.970   -2.337  -6.474  1.00 23.85 ? 43   SER A O   1 
ATOM   302  C  CB  . SER A 1 48  ? 11.802  0.032   -5.134  1.00 23.55 ? 43   SER A CB  1 
ATOM   303  O  OG  . SER A 1 48  ? 11.573  -0.264  -3.769  1.00 23.79 ? 43   SER A OG  1 
ATOM   304  N  N   . VAL A 1 49  ? 8.916   -1.443  -4.721  1.00 24.57 ? 44   VAL A N   1 
ATOM   305  C  CA  . VAL A 1 49  ? 8.107   -2.643  -4.461  1.00 25.47 ? 44   VAL A CA  1 
ATOM   306  C  C   . VAL A 1 49  ? 7.063   -2.841  -5.563  1.00 26.17 ? 44   VAL A C   1 
ATOM   307  O  O   . VAL A 1 49  ? 6.922   -3.942  -6.118  1.00 25.62 ? 44   VAL A O   1 
ATOM   308  C  CB  . VAL A 1 49  ? 7.462   -2.597  -3.085  1.00 25.96 ? 44   VAL A CB  1 
ATOM   309  C  CG1 . VAL A 1 49  ? 6.485   -3.784  -2.873  1.00 26.44 ? 44   VAL A CG1 1 
ATOM   310  C  CG2 . VAL A 1 49  ? 8.556   -2.605  -2.014  1.00 27.07 ? 44   VAL A CG2 1 
ATOM   311  N  N   . GLN A 1 50  ? 6.361   -1.764  -5.911  1.00 26.41 ? 45   GLN A N   1 
ATOM   312  C  CA  . GLN A 1 50  ? 5.361   -1.831  -6.952  1.00 27.31 ? 45   GLN A CA  1 
ATOM   313  C  C   . GLN A 1 50  ? 5.957   -2.330  -8.282  1.00 27.08 ? 45   GLN A C   1 
ATOM   314  O  O   . GLN A 1 50  ? 5.356   -3.176  -8.968  1.00 25.57 ? 45   GLN A O   1 
ATOM   315  C  CB  . GLN A 1 50  ? 4.640   -0.457  -7.088  1.00 28.39 ? 45   GLN A CB  1 
ATOM   316  C  CG  . GLN A 1 50  ? 3.832   -0.307  -8.378  1.00 28.24 ? 45   GLN A CG  1 
ATOM   317  C  CD  . GLN A 1 50  ? 2.836   0.851   -8.319  1.00 30.17 ? 45   GLN A CD  1 
ATOM   318  O  OE1 . GLN A 1 50  ? 2.693   1.521   -7.288  1.00 36.15 ? 45   GLN A OE1 1 
ATOM   319  N  NE2 . GLN A 1 50  ? 2.126   1.083   -9.441  1.00 33.49 ? 45   GLN A NE2 1 
ATOM   320  N  N   . LYS A 1 51  ? 7.142   -1.832  -8.641  1.00 26.59 ? 46   LYS A N   1 
ATOM   321  C  CA  . LYS A 1 51  ? 7.799   -2.274  -9.852  1.00 27.30 ? 46   LYS A CA  1 
ATOM   322  C  C   . LYS A 1 51  ? 8.148   -3.754  -9.809  1.00 27.51 ? 46   LYS A C   1 
ATOM   323  O  O   . LYS A 1 51  ? 7.972   -4.464  -10.807 1.00 26.87 ? 46   LYS A O   1 
ATOM   324  C  CB  . LYS A 1 51  ? 9.065   -1.483  -10.109 1.00 27.51 ? 46   LYS A CB  1 
ATOM   325  C  CG  . LYS A 1 51  ? 8.807   -0.069  -10.546 1.00 28.72 ? 46   LYS A CG  1 
ATOM   326  C  CD  . LYS A 1 51  ? 10.066  0.487   -11.206 1.00 29.79 ? 46   LYS A CD  1 
ATOM   327  C  CE  . LYS A 1 51  ? 11.207  0.583   -10.207 1.00 29.59 ? 46   LYS A CE  1 
ATOM   328  N  NZ  . LYS A 1 51  ? 12.313  1.401   -10.752 1.00 29.96 ? 46   LYS A NZ  1 
ATOM   329  N  N   . GLU A 1 52  ? 8.643   -4.204  -8.658  1.00 28.21 ? 47   GLU A N   1 
ATOM   330  C  CA  . GLU A 1 52  ? 8.977   -5.635  -8.450  1.00 29.49 ? 47   GLU A CA  1 
ATOM   331  C  C   . GLU A 1 52  ? 7.744   -6.509  -8.659  1.00 28.59 ? 47   GLU A C   1 
ATOM   332  O  O   . GLU A 1 52  ? 7.810   -7.513  -9.382  1.00 28.44 ? 47   GLU A O   1 
ATOM   333  C  CB  . GLU A 1 52  ? 9.569   -5.866  -7.061  1.00 29.09 ? 47   GLU A CB  1 
ATOM   334  C  CG  . GLU A 1 52  ? 10.160  -7.264  -6.851  1.00 30.78 ? 47   GLU A CG  1 
ATOM   335  C  CD  . GLU A 1 52  ? 10.710  -7.476  -5.437  1.00 33.64 ? 47   GLU A CD  1 
ATOM   336  O  OE1 . GLU A 1 52  ? 10.604  -6.556  -4.585  1.00 40.65 ? 47   GLU A OE1 1 
ATOM   337  O  OE2 . GLU A 1 52  ? 11.236  -8.584  -5.166  1.00 41.58 ? 47   GLU A OE2 1 
ATOM   338  N  N   . VAL A 1 53  ? 6.627   -6.108  -8.059  1.00 28.38 ? 48   VAL A N   1 
ATOM   339  C  CA  . VAL A 1 53  ? 5.364   -6.839  -8.188  1.00 29.02 ? 48   VAL A CA  1 
ATOM   340  C  C   . VAL A 1 53  ? 4.851   -6.881  -9.648  1.00 29.06 ? 48   VAL A C   1 
ATOM   341  O  O   . VAL A 1 53  ? 4.497   -7.945  -10.158 1.00 28.06 ? 48   VAL A O   1 
ATOM   342  C  CB  . VAL A 1 53  ? 4.288   -6.266  -7.210  1.00 29.38 ? 48   VAL A CB  1 
ATOM   343  C  CG1 . VAL A 1 53  ? 2.887   -6.842  -7.487  1.00 30.17 ? 48   VAL A CG1 1 
ATOM   344  C  CG2 . VAL A 1 53  ? 4.688   -6.556  -5.777  1.00 29.83 ? 48   VAL A CG2 1 
ATOM   345  N  N   . GLU A 1 54  ? 4.869   -5.734  -10.328 1.00 29.22 ? 49   GLU A N   1 
ATOM   346  C  CA  . GLU A 1 54  ? 4.377   -5.652  -11.700 1.00 30.19 ? 49   GLU A CA  1 
ATOM   347  C  C   . GLU A 1 54  ? 5.199   -6.484  -12.663 1.00 30.52 ? 49   GLU A C   1 
ATOM   348  O  O   . GLU A 1 54  ? 4.667   -7.006  -13.641 1.00 31.32 ? 49   GLU A O   1 
ATOM   349  C  CB  . GLU A 1 54  ? 4.267   -4.181  -12.151 1.00 30.54 ? 49   GLU A CB  1 
ATOM   350  C  CG  . GLU A 1 54  ? 3.024   -3.539  -11.510 1.00 30.95 ? 49   GLU A CG  1 
ATOM   351  C  CD  . GLU A 1 54  ? 2.960   -2.016  -11.578 1.00 31.53 ? 49   GLU A CD  1 
ATOM   352  O  OE1 . GLU A 1 54  ? 1.976   -1.468  -11.030 1.00 32.51 ? 49   GLU A OE1 1 
ATOM   353  O  OE2 . GLU A 1 54  ? 3.870   -1.378  -12.157 1.00 33.00 ? 49   GLU A OE2 1 
ATOM   354  N  N   . LYS A 1 55  ? 6.489   -6.612  -12.367 1.00 30.50 ? 50   LYS A N   1 
ATOM   355  C  CA  . LYS A 1 55  ? 7.447   -7.331  -13.210 1.00 31.71 ? 50   LYS A CA  1 
ATOM   356  C  C   . LYS A 1 55  ? 7.345   -8.828  -12.933 1.00 31.32 ? 50   LYS A C   1 
ATOM   357  O  O   . LYS A 1 55  ? 7.159   -9.627  -13.856 1.00 32.44 ? 50   LYS A O   1 
ATOM   358  C  CB  . LYS A 1 55  ? 8.849   -6.785  -12.913 1.00 30.94 ? 50   LYS A CB  1 
ATOM   359  C  CG  . LYS A 1 55  ? 10.048  -7.541  -13.405 1.00 34.25 ? 50   LYS A CG  1 
ATOM   360  C  CD  . LYS A 1 55  ? 11.294  -6.748  -12.978 1.00 34.61 ? 50   LYS A CD  1 
ATOM   361  C  CE  . LYS A 1 55  ? 12.574  -7.312  -13.518 1.00 37.62 ? 50   LYS A CE  1 
ATOM   362  N  NZ  . LYS A 1 55  ? 13.590  -6.238  -13.759 1.00 40.35 ? 50   LYS A NZ  1 
ATOM   363  N  N   . ASN A 1 56  ? 7.433   -9.195  -11.664 1.00 31.58 ? 51   ASN A N   1 
ATOM   364  C  CA  . ASN A 1 56  ? 7.512   -10.600 -11.253 1.00 32.78 ? 51   ASN A CA  1 
ATOM   365  C  C   . ASN A 1 56  ? 6.199   -11.354 -11.097 1.00 32.65 ? 51   ASN A C   1 
ATOM   366  O  O   . ASN A 1 56  ? 6.195   -12.579 -11.226 1.00 33.85 ? 51   ASN A O   1 
ATOM   367  C  CB  . ASN A 1 56  ? 8.313   -10.744 -9.959  1.00 33.05 ? 51   ASN A CB  1 
ATOM   368  C  CG  . ASN A 1 56  ? 9.796   -10.493 -10.164 1.00 34.62 ? 51   ASN A CG  1 
ATOM   369  O  OD1 . ASN A 1 56  ? 10.404  -10.966 -11.140 1.00 36.97 ? 51   ASN A OD1 1 
ATOM   370  N  ND2 . ASN A 1 56  ? 10.395  -9.765  -9.228  1.00 38.16 ? 51   ASN A ND2 1 
ATOM   371  N  N   . LEU A 1 57  ? 5.108   -10.657 -10.815 1.00 32.06 ? 52   LEU A N   1 
ATOM   372  C  CA  . LEU A 1 57  ? 3.791   -11.308 -10.721 1.00 31.77 ? 52   LEU A CA  1 
ATOM   373  C  C   . LEU A 1 57  ? 2.879   -10.891 -11.884 1.00 30.82 ? 52   LEU A C   1 
ATOM   374  O  O   . LEU A 1 57  ? 1.669   -10.904 -11.743 1.00 30.15 ? 52   LEU A O   1 
ATOM   375  C  CB  . LEU A 1 57  ? 3.122   -10.989 -9.368  1.00 32.08 ? 52   LEU A CB  1 
ATOM   376  C  CG  . LEU A 1 57  ? 3.831   -11.362 -8.052  1.00 33.13 ? 52   LEU A CG  1 
ATOM   377  C  CD1 . LEU A 1 57  ? 3.429   -10.467 -6.859  1.00 35.29 ? 52   LEU A CD1 1 
ATOM   378  C  CD2 . LEU A 1 57  ? 3.603   -12.827 -7.709  1.00 35.77 ? 52   LEU A CD2 1 
ATOM   379  N  N   . LYS A 1 58  ? 3.463   -10.556 -13.033 1.00 29.92 ? 53   LYS A N   1 
ATOM   380  C  CA  . LYS A 1 58  ? 2.697   -10.053 -14.174 1.00 30.13 ? 53   LYS A CA  1 
ATOM   381  C  C   . LYS A 1 58  ? 1.539   -10.972 -14.591 1.00 30.07 ? 53   LYS A C   1 
ATOM   382  O  O   . LYS A 1 58  ? 0.447   -10.481 -14.878 1.00 29.10 ? 53   LYS A O   1 
ATOM   383  C  CB  . LYS A 1 58  ? 3.606   -9.797  -15.377 1.00 30.37 ? 53   LYS A CB  1 
ATOM   384  N  N   . SER A 1 59  ? 1.762   -12.287 -14.619 1.00 30.60 ? 54   SER A N   1 
ATOM   385  C  CA  . SER A 1 59  ? 0.701   -13.216 -15.045 1.00 31.22 ? 54   SER A CA  1 
ATOM   386  C  C   . SER A 1 59  ? -0.460  -13.316 -14.040 1.00 31.47 ? 54   SER A C   1 
ATOM   387  O  O   . SER A 1 59  ? -1.626  -13.454 -14.446 1.00 31.35 ? 54   SER A O   1 
ATOM   388  C  CB  . SER A 1 59  ? 1.253   -14.614 -15.391 1.00 31.59 ? 54   SER A CB  1 
ATOM   389  O  OG  . SER A 1 59  ? 2.355   -14.999 -14.590 1.00 32.43 ? 54   SER A OG  1 
ATOM   390  N  N   . TYR A 1 60  ? -0.148  -13.241 -12.743 1.00 31.49 ? 55   TYR A N   1 
ATOM   391  C  CA  . TYR A 1 60  ? -1.167  -13.242 -11.703 1.00 31.89 ? 55   TYR A CA  1 
ATOM   392  C  C   . TYR A 1 60  ? -2.008  -11.974 -11.703 1.00 32.19 ? 55   TYR A C   1 
ATOM   393  O  O   . TYR A 1 60  ? -3.225  -12.041 -11.577 1.00 31.88 ? 55   TYR A O   1 
ATOM   394  C  CB  . TYR A 1 60  ? -0.540  -13.438 -10.324 1.00 32.69 ? 55   TYR A CB  1 
ATOM   395  C  CG  . TYR A 1 60  ? 0.097   -14.802 -10.167 1.00 33.60 ? 55   TYR A CG  1 
ATOM   396  C  CD1 . TYR A 1 60  ? 1.485   -14.951 -10.094 1.00 34.23 ? 55   TYR A CD1 1 
ATOM   397  C  CD2 . TYR A 1 60  ? -0.688  -15.943 -10.142 1.00 33.54 ? 55   TYR A CD2 1 
ATOM   398  C  CE1 . TYR A 1 60  ? 2.062   -16.219 -9.972  1.00 34.21 ? 55   TYR A CE1 1 
ATOM   399  C  CE2 . TYR A 1 60  ? -0.128  -17.194 -10.004 1.00 34.41 ? 55   TYR A CE2 1 
ATOM   400  C  CZ  . TYR A 1 60  ? 1.247   -17.329 -9.924  1.00 33.60 ? 55   TYR A CZ  1 
ATOM   401  O  OH  . TYR A 1 60  ? 1.781   -18.597 -9.807  1.00 35.14 ? 55   TYR A OH  1 
ATOM   402  N  N   . LEU A 1 61  ? -1.351  -10.826 -11.832 1.00 32.03 ? 56   LEU A N   1 
ATOM   403  C  CA  . LEU A 1 61  ? -2.031  -9.546  -12.016 1.00 32.24 ? 56   LEU A CA  1 
ATOM   404  C  C   . LEU A 1 61  ? -2.924  -9.529  -13.278 1.00 32.23 ? 56   LEU A C   1 
ATOM   405  O  O   . LEU A 1 61  ? -3.947  -8.838  -13.306 1.00 31.33 ? 56   LEU A O   1 
ATOM   406  C  CB  . LEU A 1 61  ? -1.001  -8.421  -12.098 1.00 32.49 ? 56   LEU A CB  1 
ATOM   407  C  CG  . LEU A 1 61  ? -0.200  -8.141  -10.805 1.00 32.83 ? 56   LEU A CG  1 
ATOM   408  C  CD1 . LEU A 1 61  ? 0.932   -7.161  -11.053 1.00 33.93 ? 56   LEU A CD1 1 
ATOM   409  C  CD2 . LEU A 1 61  ? -1.090  -7.636  -9.721  1.00 33.00 ? 56   LEU A CD2 1 
ATOM   410  N  N   . ASP A 1 62  ? -2.521  -10.279 -14.303 1.00 32.36 ? 57   ASP A N   1 
ATOM   411  C  CA  . ASP A 1 62  ? -3.320  -10.439 -15.523 1.00 33.09 ? 57   ASP A CA  1 
ATOM   412  C  C   . ASP A 1 62  ? -4.512  -11.406 -15.374 1.00 33.37 ? 57   ASP A C   1 
ATOM   413  O  O   . ASP A 1 62  ? -5.295  -11.565 -16.312 1.00 33.06 ? 57   ASP A O   1 
ATOM   414  C  CB  . ASP A 1 62  ? -2.432  -10.893 -16.683 1.00 33.19 ? 57   ASP A CB  1 
ATOM   415  C  CG  . ASP A 1 62  ? -1.497  -9.806  -17.184 1.00 34.09 ? 57   ASP A CG  1 
ATOM   416  O  OD1 . ASP A 1 62  ? -1.566  -8.648  -16.705 1.00 37.97 ? 57   ASP A OD1 1 
ATOM   417  O  OD2 . ASP A 1 62  ? -0.672  -10.122 -18.070 1.00 38.20 ? 57   ASP A OD2 1 
ATOM   418  N  N   . ASP A 1 63  ? -4.654  -12.061 -14.225 1.00 33.82 ? 58   ASP A N   1 
ATOM   419  C  CA  . ASP A 1 63  ? -5.865  -12.840 -13.940 1.00 34.56 ? 58   ASP A CA  1 
ATOM   420  C  C   . ASP A 1 63  ? -7.017  -12.003 -13.338 1.00 35.08 ? 58   ASP A C   1 
ATOM   421  O  O   . ASP A 1 63  ? -8.095  -12.543 -13.082 1.00 35.36 ? 58   ASP A O   1 
ATOM   422  C  CB  . ASP A 1 63  ? -5.561  -13.999 -12.986 1.00 34.60 ? 58   ASP A CB  1 
ATOM   423  C  CG  . ASP A 1 63  ? -4.607  -15.027 -13.573 1.00 34.70 ? 58   ASP A CG  1 
ATOM   424  O  OD1 . ASP A 1 63  ? -4.510  -15.182 -14.819 1.00 33.09 ? 58   ASP A OD1 1 
ATOM   425  O  OD2 . ASP A 1 63  ? -3.961  -15.708 -12.759 1.00 36.66 ? 58   ASP A OD2 1 
ATOM   426  N  N   . PHE A 1 64  ? -6.781  -10.719 -13.085 1.00 35.94 ? 59   PHE A N   1 
ATOM   427  C  CA  . PHE A 1 64  ? -7.810  -9.799  -12.573 1.00 36.32 ? 59   PHE A CA  1 
ATOM   428  C  C   . PHE A 1 64  ? -8.105  -8.738  -13.589 1.00 36.09 ? 59   PHE A C   1 
ATOM   429  O  O   . PHE A 1 64  ? -7.192  -8.206  -14.206 1.00 36.22 ? 59   PHE A O   1 
ATOM   430  C  CB  . PHE A 1 64  ? -7.327  -9.036  -11.334 1.00 37.59 ? 59   PHE A CB  1 
ATOM   431  C  CG  . PHE A 1 64  ? -6.944  -9.904  -10.216 1.00 38.64 ? 59   PHE A CG  1 
ATOM   432  C  CD1 . PHE A 1 64  ? -5.607  -10.133 -9.937  1.00 40.35 ? 59   PHE A CD1 1 
ATOM   433  C  CD2 . PHE A 1 64  ? -7.919  -10.519 -9.438  1.00 40.61 ? 59   PHE A CD2 1 
ATOM   434  C  CE1 . PHE A 1 64  ? -5.241  -10.960 -8.895  1.00 41.35 ? 59   PHE A CE1 1 
ATOM   435  C  CE2 . PHE A 1 64  ? -7.561  -11.344 -8.385  1.00 42.01 ? 59   PHE A CE2 1 
ATOM   436  C  CZ  . PHE A 1 64  ? -6.211  -11.559 -8.111  1.00 40.74 ? 59   PHE A CZ  1 
ATOM   437  N  N   . HIS A 1 65  ? -9.373  -8.375  -13.698 1.00 35.74 ? 60   HIS A N   1 
ATOM   438  C  CA  . HIS A 1 65  ? -9.765  -7.191  -14.448 1.00 35.34 ? 60   HIS A CA  1 
ATOM   439  C  C   . HIS A 1 65  ? -10.449 -6.247  -13.472 1.00 33.27 ? 60   HIS A C   1 
ATOM   440  O  O   . HIS A 1 65  ? -11.511 -6.547  -12.954 1.00 33.46 ? 60   HIS A O   1 
ATOM   441  C  CB  . HIS A 1 65  ? -10.641 -7.527  -15.666 1.00 36.41 ? 60   HIS A CB  1 
ATOM   442  C  CG  . HIS A 1 65  ? -11.913 -8.257  -15.349 1.00 39.65 ? 60   HIS A CG  1 
ATOM   443  N  ND1 . HIS A 1 65  ? -11.964 -9.357  -14.516 1.00 43.45 ? 60   HIS A ND1 1 
ATOM   444  C  CD2 . HIS A 1 65  ? -13.179 -8.068  -15.797 1.00 42.52 ? 60   HIS A CD2 1 
ATOM   445  C  CE1 . HIS A 1 65  ? -13.208 -9.801  -14.451 1.00 43.77 ? 60   HIS A CE1 1 
ATOM   446  N  NE2 . HIS A 1 65  ? -13.966 -9.038  -15.220 1.00 43.90 ? 60   HIS A NE2 1 
ATOM   447  N  N   . VAL A 1 66  ? -9.816  -5.113  -13.217 1.00 30.72 ? 61   VAL A N   1 
ATOM   448  C  CA  . VAL A 1 66  ? -10.297 -4.153  -12.219 1.00 29.57 ? 61   VAL A CA  1 
ATOM   449  C  C   . VAL A 1 66  ? -11.184 -3.097  -12.896 1.00 28.38 ? 61   VAL A C   1 
ATOM   450  O  O   . VAL A 1 66  ? -10.738 -1.997  -13.250 1.00 28.08 ? 61   VAL A O   1 
ATOM   451  C  CB  . VAL A 1 66  ? -9.115  -3.516  -11.464 1.00 29.21 ? 61   VAL A CB  1 
ATOM   452  C  CG1 . VAL A 1 66  ? -9.617  -2.667  -10.305 1.00 28.52 ? 61   VAL A CG1 1 
ATOM   453  C  CG2 . VAL A 1 66  ? -8.173  -4.594  -10.955 1.00 30.02 ? 61   VAL A CG2 1 
ATOM   454  N  N   . GLU A 1 67  ? -12.441 -3.475  -13.101 1.00 27.22 ? 62   GLU A N   1 
ATOM   455  C  CA  . GLU A 1 67  ? -13.371 -2.725  -13.953 1.00 27.07 ? 62   GLU A CA  1 
ATOM   456  C  C   . GLU A 1 67  ? -14.134 -1.657  -13.178 1.00 25.73 ? 62   GLU A C   1 
ATOM   457  O  O   . GLU A 1 67  ? -14.841 -0.836  -13.777 1.00 25.64 ? 62   GLU A O   1 
ATOM   458  C  CB  . GLU A 1 67  ? -14.342 -3.691  -14.659 1.00 27.29 ? 62   GLU A CB  1 
ATOM   459  C  CG  . GLU A 1 67  ? -15.533 -4.240  -13.810 1.00 31.55 ? 62   GLU A CG  1 
ATOM   460  C  CD  . GLU A 1 67  ? -15.139 -5.170  -12.653 1.00 34.83 ? 62   GLU A CD  1 
ATOM   461  O  OE1 . GLU A 1 67  ? -13.960 -5.537  -12.516 1.00 36.49 ? 62   GLU A OE1 1 
ATOM   462  O  OE2 . GLU A 1 67  ? -16.036 -5.537  -11.863 1.00 39.84 ? 62   GLU A OE2 1 
ATOM   463  N  N   . SER A 1 68  ? -13.982 -1.677  -11.856 1.00 24.27 ? 63   SER A N   1 
ATOM   464  C  CA  . SER A 1 68  ? -14.693 -0.748  -10.984 1.00 23.46 ? 63   SER A CA  1 
ATOM   465  C  C   . SER A 1 68  ? -13.937 -0.506  -9.668  1.00 23.22 ? 63   SER A C   1 
ATOM   466  O  O   . SER A 1 68  ? -13.113 -1.326  -9.230  1.00 21.05 ? 63   SER A O   1 
ATOM   467  C  CB  . SER A 1 68  ? -16.077 -1.320  -10.671 1.00 23.19 ? 63   SER A CB  1 
ATOM   468  O  OG  . SER A 1 68  ? -15.991 -2.417  -9.761  1.00 22.17 ? 63   SER A OG  1 
ATOM   469  N  N   . ILE A 1 69  ? -14.257 0.607   -9.016  1.00 22.84 ? 64   ILE A N   1 
ATOM   470  C  CA  . ILE A 1 69  ? -13.716 0.865   -7.704  1.00 23.59 ? 64   ILE A CA  1 
ATOM   471  C  C   . ILE A 1 69  ? -14.059 -0.261  -6.702  1.00 22.88 ? 64   ILE A C   1 
ATOM   472  O  O   . ILE A 1 69  ? -13.213 -0.669  -5.907  1.00 21.61 ? 64   ILE A O   1 
ATOM   473  C  CB  . ILE A 1 69  ? -14.177 2.240   -7.149  1.00 24.10 ? 64   ILE A CB  1 
ATOM   474  C  CG1 . ILE A 1 69  ? -13.441 2.542   -5.852  1.00 26.61 ? 64   ILE A CG1 1 
ATOM   475  C  CG2 . ILE A 1 69  ? -15.697 2.334   -6.994  1.00 26.80 ? 64   ILE A CG2 1 
ATOM   476  C  CD1 . ILE A 1 69  ? -11.965 2.673   -6.065  1.00 29.48 ? 64   ILE A CD1 1 
ATOM   477  N  N   . ASP A 1 70  ? -15.275 -0.777  -6.763  1.00 22.71 ? 65   ASP A N   1 
ATOM   478  C  CA  . ASP A 1 70  ? -15.666 -1.821  -5.792  1.00 23.25 ? 65   ASP A CA  1 
ATOM   479  C  C   . ASP A 1 70  ? -14.780 -3.070  -5.981  1.00 23.25 ? 65   ASP A C   1 
ATOM   480  O  O   . ASP A 1 70  ? -14.343 -3.676  -5.016  1.00 21.62 ? 65   ASP A O   1 
ATOM   481  C  CB  . ASP A 1 70  ? -17.134 -2.177  -5.940  1.00 23.73 ? 65   ASP A CB  1 
ATOM   482  C  CG  . ASP A 1 70  ? -17.593 -3.205  -4.915  1.00 24.44 ? 65   ASP A CG  1 
ATOM   483  O  OD1 . ASP A 1 70  ? -17.557 -2.899  -3.717  1.00 29.78 ? 65   ASP A OD1 1 
ATOM   484  O  OD2 . ASP A 1 70  ? -17.989 -4.307  -5.311  1.00 27.17 ? 65   ASP A OD2 1 
ATOM   485  N  N   . THR A 1 71  ? -14.526 -3.442  -7.234  1.00 24.00 ? 66   THR A N   1 
ATOM   486  C  CA  . THR A 1 71  ? -13.617 -4.557  -7.538  1.00 23.66 ? 66   THR A CA  1 
ATOM   487  C  C   . THR A 1 71  ? -12.196 -4.302  -7.025  1.00 24.28 ? 66   THR A C   1 
ATOM   488  O  O   . THR A 1 71  ? -11.576 -5.206  -6.430  1.00 23.98 ? 66   THR A O   1 
ATOM   489  C  CB  . THR A 1 71  ? -13.633 -4.869  -9.040  1.00 24.37 ? 66   THR A CB  1 
ATOM   490  O  OG1 . THR A 1 71  ? -14.951 -5.309  -9.385  1.00 24.67 ? 66   THR A OG1 1 
ATOM   491  C  CG2 . THR A 1 71  ? -12.608 -5.957  -9.411  1.00 24.16 ? 66   THR A CG2 1 
ATOM   492  N  N   . ALA A 1 72  ? -11.704 -3.070  -7.187  1.00 23.47 ? 67   ALA A N   1 
ATOM   493  C  CA  . ALA A 1 72  ? -10.407 -2.693  -6.632  1.00 24.56 ? 67   ALA A CA  1 
ATOM   494  C  C   . ALA A 1 72  ? -10.379 -2.914  -5.111  1.00 24.99 ? 67   ALA A C   1 
ATOM   495  O  O   . ALA A 1 72  ? -9.464  -3.541  -4.595  1.00 25.20 ? 67   ALA A O   1 
ATOM   496  C  CB  . ALA A 1 72  ? -10.052 -1.255  -6.970  1.00 24.74 ? 67   ALA A CB  1 
ATOM   497  N  N   . ARG A 1 73  ? -11.390 -2.420  -4.421  1.00 25.47 ? 68   ARG A N   1 
ATOM   498  C  CA  . ARG A 1 73  ? -11.480 -2.569  -2.949  1.00 25.49 ? 68   ARG A CA  1 
ATOM   499  C  C   . ARG A 1 73  ? -11.527 -4.024  -2.513  1.00 24.24 ? 68   ARG A C   1 
ATOM   500  O  O   . ARG A 1 73  ? -10.886 -4.385  -1.517  1.00 23.10 ? 68   ARG A O   1 
ATOM   501  C  CB  . ARG A 1 73  ? -12.722 -1.854  -2.436  1.00 25.91 ? 68   ARG A CB  1 
ATOM   502  C  CG  . ARG A 1 73  ? -12.919 -1.945  -0.944  1.00 27.33 ? 68   ARG A CG  1 
ATOM   503  C  CD  . ARG A 1 73  ? -14.319 -1.522  -0.516  1.00 29.84 ? 68   ARG A CD  1 
ATOM   504  N  NE  . ARG A 1 73  ? -15.373 -2.376  -1.107  1.00 35.63 ? 68   ARG A NE  1 
ATOM   505  C  CZ  . ARG A 1 73  ? -15.715 -3.603  -0.698  1.00 35.53 ? 68   ARG A CZ  1 
ATOM   506  N  NH1 . ARG A 1 73  ? -15.106 -4.198  0.326   1.00 39.38 ? 68   ARG A NH1 1 
ATOM   507  N  NH2 . ARG A 1 73  ? -16.682 -4.250  -1.320  1.00 34.87 ? 68   ARG A NH2 1 
ATOM   508  N  N   . ILE A 1 74  ? -12.338 -4.831  -3.200  1.00 23.34 ? 69   ILE A N   1 
ATOM   509  C  CA  . ILE A 1 74  ? -12.467 -6.264  -2.894  1.00 23.74 ? 69   ILE A CA  1 
ATOM   510  C  C   . ILE A 1 74  ? -11.102 -6.944  -3.023  1.00 24.29 ? 69   ILE A C   1 
ATOM   511  O  O   . ILE A 1 74  ? -10.648 -7.627  -2.095  1.00 25.25 ? 69   ILE A O   1 
ATOM   512  C  CB  . ILE A 1 74  ? -13.525 -6.968  -3.789  1.00 23.56 ? 69   ILE A CB  1 
ATOM   513  C  CG1 . ILE A 1 74  ? -14.927 -6.481  -3.432  1.00 23.47 ? 69   ILE A CG1 1 
ATOM   514  C  CG2 . ILE A 1 74  ? -13.432 -8.483  -3.673  1.00 23.13 ? 69   ILE A CG2 1 
ATOM   515  C  CD1 . ILE A 1 74  ? -15.984 -6.798  -4.498  1.00 24.06 ? 69   ILE A CD1 1 
ATOM   516  N  N   . ILE A 1 75  ? -10.433 -6.742  -4.148  1.00 23.95 ? 70   ILE A N   1 
ATOM   517  C  CA  . ILE A 1 75  ? -9.146  -7.406  -4.371  1.00 24.43 ? 70   ILE A CA  1 
ATOM   518  C  C   . ILE A 1 75  ? -8.100  -6.914  -3.374  1.00 24.24 ? 70   ILE A C   1 
ATOM   519  O  O   . ILE A 1 75  ? -7.352  -7.708  -2.843  1.00 24.23 ? 70   ILE A O   1 
ATOM   520  C  CB  . ILE A 1 75  ? -8.646  -7.224  -5.814  1.00 23.98 ? 70   ILE A CB  1 
ATOM   521  C  CG1 . ILE A 1 75  ? -9.593  -7.921  -6.784  1.00 25.84 ? 70   ILE A CG1 1 
ATOM   522  C  CG2 . ILE A 1 75  ? -7.212  -7.763  -5.995  1.00 24.53 ? 70   ILE A CG2 1 
ATOM   523  C  CD1 . ILE A 1 75  ? -9.402  -7.496  -8.232  1.00 26.01 ? 70   ILE A CD1 1 
ATOM   524  N  N   . PHE A 1 76  ? -8.038  -5.602  -3.140  1.00 25.05 ? 71   PHE A N   1 
ATOM   525  C  CA  . PHE A 1 76  ? -7.109  -5.055  -2.174  1.00 25.15 ? 71   PHE A CA  1 
ATOM   526  C  C   . PHE A 1 76  ? -7.302  -5.740  -0.826  1.00 26.26 ? 71   PHE A C   1 
ATOM   527  O  O   . PHE A 1 76  ? -6.357  -6.214  -0.220  1.00 25.10 ? 71   PHE A O   1 
ATOM   528  C  CB  . PHE A 1 76  ? -7.345  -3.553  -2.039  1.00 25.61 ? 71   PHE A CB  1 
ATOM   529  C  CG  . PHE A 1 76  ? -6.477  -2.897  -1.032  1.00 25.69 ? 71   PHE A CG  1 
ATOM   530  C  CD1 . PHE A 1 76  ? -5.163  -2.581  -1.330  1.00 22.55 ? 71   PHE A CD1 1 
ATOM   531  C  CD2 . PHE A 1 76  ? -6.969  -2.636  0.246   1.00 26.99 ? 71   PHE A CD2 1 
ATOM   532  C  CE1 . PHE A 1 76  ? -4.379  -1.942  -0.402  1.00 27.49 ? 71   PHE A CE1 1 
ATOM   533  C  CE2 . PHE A 1 76  ? -6.181  -2.010  1.198   1.00 28.43 ? 71   PHE A CE2 1 
ATOM   534  C  CZ  . PHE A 1 76  ? -4.896  -1.668  0.888   1.00 28.66 ? 71   PHE A CZ  1 
ATOM   535  N  N   . ASN A 1 77  ? -8.543  -5.765  -0.345  1.00 26.49 ? 72   ASN A N   1 
ATOM   536  C  CA  . ASN A 1 77  ? -8.808  -6.346  0.969   1.00 27.88 ? 72   ASN A CA  1 
ATOM   537  C  C   . ASN A 1 77  ? -8.533  -7.837  1.066   1.00 27.26 ? 72   ASN A C   1 
ATOM   538  O  O   . ASN A 1 77  ? -7.978  -8.284  2.087   1.00 27.63 ? 72   ASN A O   1 
ATOM   539  C  CB  . ASN A 1 77  ? -10.213 -5.964  1.449   1.00 28.17 ? 72   ASN A CB  1 
ATOM   540  C  CG  . ASN A 1 77  ? -10.256 -4.529  1.926   1.00 33.57 ? 72   ASN A CG  1 
ATOM   541  O  OD1 . ASN A 1 77  ? -9.689  -4.212  2.968   1.00 41.73 ? 72   ASN A OD1 1 
ATOM   542  N  ND2 . ASN A 1 77  ? -10.857 -3.647  1.147   1.00 38.96 ? 72   ASN A ND2 1 
ATOM   543  N  N   . GLN A 1 78  ? -8.850  -8.592  0.017   1.00 26.14 ? 73   GLN A N   1 
ATOM   544  C  CA  . GLN A 1 78  ? -8.639  -10.029 0.033   1.00 26.95 ? 73   GLN A CA  1 
ATOM   545  C  C   . GLN A 1 78  ? -7.137  -10.325 0.071   1.00 25.68 ? 73   GLN A C   1 
ATOM   546  O  O   . GLN A 1 78  ? -6.684  -11.203 0.820   1.00 24.22 ? 73   GLN A O   1 
ATOM   547  C  CB  . GLN A 1 78  ? -9.348  -10.734 -1.153  1.00 26.87 ? 73   GLN A CB  1 
ATOM   548  C  CG  . GLN A 1 78  ? -10.868 -10.749 -1.013  1.00 26.83 ? 73   GLN A CG  1 
ATOM   549  C  CD  . GLN A 1 78  ? -11.617 -11.253 -2.228  1.00 28.54 ? 73   GLN A CD  1 
ATOM   550  O  OE1 . GLN A 1 78  ? -12.826 -11.505 -2.158  1.00 30.31 ? 73   GLN A OE1 1 
ATOM   551  N  NE2 . GLN A 1 78  ? -10.918 -11.424 -3.335  1.00 28.49 ? 73   GLN A NE2 1 
ATOM   552  N  N   . VAL A 1 79  ? -6.369  -9.602  -0.731  1.00 25.21 ? 74   VAL A N   1 
ATOM   553  C  CA  . VAL A 1 79  ? -4.920  -9.820  -0.782  1.00 25.73 ? 74   VAL A CA  1 
ATOM   554  C  C   . VAL A 1 79  ? -4.264  -9.394  0.534   1.00 25.72 ? 74   VAL A C   1 
ATOM   555  O  O   . VAL A 1 79  ? -3.435  -10.130 1.100   1.00 26.53 ? 74   VAL A O   1 
ATOM   556  C  CB  . VAL A 1 79  ? -4.254  -9.094  -1.980  1.00 25.20 ? 74   VAL A CB  1 
ATOM   557  C  CG1 . VAL A 1 79  ? -2.764  -9.103  -1.831  1.00 26.88 ? 74   VAL A CG1 1 
ATOM   558  C  CG2 . VAL A 1 79  ? -4.663  -9.771  -3.317  1.00 25.97 ? 74   VAL A CG2 1 
ATOM   559  N  N   . MET A 1 80  ? -4.652  -8.222  1.013   1.00 26.68 ? 75   MET A N   1 
ATOM   560  C  CA  . MET A 1 80  ? -4.076  -7.656  2.224   1.00 27.73 ? 75   MET A CA  1 
ATOM   561  C  C   . MET A 1 80  ? -4.429  -8.529  3.426   1.00 28.20 ? 75   MET A C   1 
ATOM   562  O  O   . MET A 1 80  ? -3.599  -8.772  4.299   1.00 28.19 ? 75   MET A O   1 
ATOM   563  C  CB  . MET A 1 80  ? -4.614  -6.239  2.444   1.00 28.43 ? 75   MET A CB  1 
ATOM   564  C  CG  . MET A 1 80  ? -4.029  -5.187  1.522   1.00 30.14 ? 75   MET A CG  1 
ATOM   565  S  SD  . MET A 1 80  ? -2.257  -5.039  1.707   1.00 35.98 ? 75   MET A SD  1 
ATOM   566  C  CE  . MET A 1 80  ? -1.649  -5.983  0.317   1.00 32.81 ? 75   MET A CE  1 
ATOM   567  N  N   . GLU A 1 81  ? -5.665  -9.008  3.466   1.00 28.63 ? 76   GLU A N   1 
ATOM   568  C  CA  . GLU A 1 81  ? -6.100  -9.870  4.565   1.00 30.26 ? 76   GLU A CA  1 
ATOM   569  C  C   . GLU A 1 81  ? -5.234  -11.122 4.630   1.00 29.16 ? 76   GLU A C   1 
ATOM   570  O  O   . GLU A 1 81  ? -4.778  -11.515 5.709   1.00 28.58 ? 76   GLU A O   1 
ATOM   571  C  CB  . GLU A 1 81  ? -7.585  -10.214 4.438   1.00 30.05 ? 76   GLU A CB  1 
ATOM   572  C  CG  . GLU A 1 81  ? -8.479  -9.025  4.869   1.00 33.81 ? 76   GLU A CG  1 
ATOM   573  C  CD  . GLU A 1 81  ? -9.954  -9.248  4.584   1.00 35.78 ? 76   GLU A CD  1 
ATOM   574  O  OE1 . GLU A 1 81  ? -10.291 -9.844  3.519   1.00 42.80 ? 76   GLU A OE1 1 
ATOM   575  O  OE2 . GLU A 1 81  ? -10.779 -8.844  5.455   1.00 45.54 ? 76   GLU A OE2 1 
ATOM   576  N  N   . LYS A 1 82  ? -4.985  -11.730 3.474   1.00 28.31 ? 77   LYS A N   1 
ATOM   577  C  CA  . LYS A 1 82  ? -4.111  -12.889 3.407   1.00 28.32 ? 77   LYS A CA  1 
ATOM   578  C  C   . LYS A 1 82  ? -2.677  -12.542 3.836   1.00 26.87 ? 77   LYS A C   1 
ATOM   579  O  O   . LYS A 1 82  ? -2.060  -13.281 4.609   1.00 26.13 ? 77   LYS A O   1 
ATOM   580  C  CB  . LYS A 1 82  ? -4.115  -13.516 2.003   1.00 28.51 ? 77   LYS A CB  1 
ATOM   581  C  CG  . LYS A 1 82  ? -3.309  -14.799 1.866   1.00 29.55 ? 77   LYS A CG  1 
ATOM   582  C  CD  . LYS A 1 82  ? -3.844  -15.937 2.739   1.00 31.73 ? 77   LYS A CD  1 
ATOM   583  C  CE  . LYS A 1 82  ? -3.047  -17.216 2.542   1.00 31.46 ? 77   LYS A CE  1 
ATOM   584  N  NZ  . LYS A 1 82  ? -3.479  -18.296 3.457   1.00 30.75 ? 77   LYS A NZ  1 
ATOM   585  N  N   . GLU A 1 83  ? -2.140  -11.448 3.316   1.00 27.63 ? 78   GLU A N   1 
ATOM   586  C  CA  . GLU A 1 83  ? -0.809  -10.999 3.713   1.00 27.41 ? 78   GLU A CA  1 
ATOM   587  C  C   . GLU A 1 83  ? -0.680  -10.884 5.219   1.00 26.87 ? 78   GLU A C   1 
ATOM   588  O  O   . GLU A 1 83  ? 0.277   -11.401 5.807   1.00 27.85 ? 78   GLU A O   1 
ATOM   589  C  CB  . GLU A 1 83  ? -0.457  -9.656  3.092   1.00 26.81 ? 78   GLU A CB  1 
ATOM   590  C  CG  . GLU A 1 83  ? 0.998   -9.285  3.399   1.00 26.94 ? 78   GLU A CG  1 
ATOM   591  C  CD  . GLU A 1 83  ? 1.461   -8.022  2.733   1.00 28.01 ? 78   GLU A CD  1 
ATOM   592  O  OE1 . GLU A 1 83  ? 0.697   -7.465  1.902   1.00 25.83 ? 78   GLU A OE1 1 
ATOM   593  O  OE2 . GLU A 1 83  ? 2.600   -7.578  3.062   1.00 28.51 ? 78   GLU A OE2 1 
ATOM   594  N  N   . PHE A 1 84  ? -1.655  -10.229 5.834   1.00 27.23 ? 79   PHE A N   1 
ATOM   595  C  CA  . PHE A 1 84  ? -1.612  -9.906  7.275   1.00 27.56 ? 79   PHE A CA  1 
ATOM   596  C  C   . PHE A 1 84  ? -2.228  -10.936 8.239   1.00 28.12 ? 79   PHE A C   1 
ATOM   597  O  O   . PHE A 1 84  ? -2.345  -10.690 9.455   1.00 27.91 ? 79   PHE A O   1 
ATOM   598  C  CB  . PHE A 1 84  ? -2.226  -8.531  7.478   1.00 28.01 ? 79   PHE A CB  1 
ATOM   599  C  CG  . PHE A 1 84  ? -1.351  -7.449  6.976   1.00 28.12 ? 79   PHE A CG  1 
ATOM   600  C  CD1 . PHE A 1 84  ? -1.391  -7.073  5.633   1.00 29.16 ? 79   PHE A CD1 1 
ATOM   601  C  CD2 . PHE A 1 84  ? -0.412  -6.869  7.807   1.00 30.82 ? 79   PHE A CD2 1 
ATOM   602  C  CE1 . PHE A 1 84  ? -0.541  -6.098  5.138   1.00 29.05 ? 79   PHE A CE1 1 
ATOM   603  C  CE2 . PHE A 1 84  ? 0.432   -5.868  7.316   1.00 30.46 ? 79   PHE A CE2 1 
ATOM   604  C  CZ  . PHE A 1 84  ? 0.368   -5.499  5.970   1.00 28.69 ? 79   PHE A CZ  1 
ATOM   605  N  N   . GLU A 1 85  ? -2.563  -12.109 7.729   1.00 28.30 ? 80   GLU A N   1 
ATOM   606  C  CA  . GLU A 1 85  ? -3.277  -13.075 8.531   1.00 29.05 ? 80   GLU A CA  1 
ATOM   607  C  C   . GLU A 1 85  ? -2.458  -13.596 9.719   1.00 28.22 ? 80   GLU A C   1 
ATOM   608  O  O   . GLU A 1 85  ? -3.036  -14.038 10.713  1.00 27.33 ? 80   GLU A O   1 
ATOM   609  C  CB  . GLU A 1 85  ? -3.805  -14.239 7.681   1.00 28.91 ? 80   GLU A CB  1 
ATOM   610  C  CG  . GLU A 1 85  ? -2.775  -15.164 7.109   1.00 31.03 ? 80   GLU A CG  1 
ATOM   611  C  CD  . GLU A 1 85  ? -3.401  -16.416 6.477   1.00 32.88 ? 80   GLU A CD  1 
ATOM   612  O  OE1 . GLU A 1 85  ? -2.687  -17.436 6.349   1.00 36.91 ? 80   GLU A OE1 1 
ATOM   613  O  OE2 . GLU A 1 85  ? -4.609  -16.397 6.136   1.00 37.25 ? 80   GLU A OE2 1 
ATOM   614  N  N   . ASP A 1 86  ? -1.131  -13.574 9.605   1.00 27.40 ? 81   ASP A N   1 
ATOM   615  C  CA  . ASP A 1 86  ? -0.252  -14.001 10.709  1.00 27.93 ? 81   ASP A CA  1 
ATOM   616  C  C   . ASP A 1 86  ? -0.122  -12.925 11.809  1.00 28.05 ? 81   ASP A C   1 
ATOM   617  O  O   . ASP A 1 86  ? 0.506   -13.163 12.838  1.00 29.04 ? 81   ASP A O   1 
ATOM   618  C  CB  . ASP A 1 86  ? 1.131   -14.414 10.193  1.00 27.54 ? 81   ASP A CB  1 
ATOM   619  C  CG  . ASP A 1 86  ? 1.810   -13.318 9.384   1.00 29.36 ? 81   ASP A CG  1 
ATOM   620  O  OD1 . ASP A 1 86  ? 1.345   -12.145 9.388   1.00 27.36 ? 81   ASP A OD1 1 
ATOM   621  O  OD2 . ASP A 1 86  ? 2.807   -13.640 8.709   1.00 31.61 ? 81   ASP A OD2 1 
ATOM   622  N  N   . GLY A 1 87  ? -0.712  -11.758 11.581  1.00 28.52 ? 82   GLY A N   1 
ATOM   623  C  CA  . GLY A 1 87  ? -0.696  -10.663 12.566  1.00 28.40 ? 82   GLY A CA  1 
ATOM   624  C  C   . GLY A 1 87  ? 0.631   -9.918  12.661  1.00 28.57 ? 82   GLY A C   1 
ATOM   625  O  O   . GLY A 1 87  ? 0.766   -8.980  13.475  1.00 28.31 ? 82   GLY A O   1 
ATOM   626  N  N   . ILE A 1 88  ? 1.586   -10.288 11.795  1.00 27.70 ? 83   ILE A N   1 
ATOM   627  C  CA  . ILE A 1 88  ? 2.906   -9.681  11.788  1.00 27.71 ? 83   ILE A CA  1 
ATOM   628  C  C   . ILE A 1 88  ? 2.854   -8.265  11.200  1.00 27.02 ? 83   ILE A C   1 
ATOM   629  O  O   . ILE A 1 88  ? 2.344   -8.042  10.098  1.00 26.02 ? 83   ILE A O   1 
ATOM   630  C  CB  . ILE A 1 88  ? 3.929   -10.572 10.986  1.00 28.05 ? 83   ILE A CB  1 
ATOM   631  C  CG1 . ILE A 1 88  ? 4.147   -11.937 11.664  1.00 30.26 ? 83   ILE A CG1 1 
ATOM   632  C  CG2 . ILE A 1 88  ? 5.218   -9.827  10.728  1.00 28.22 ? 83   ILE A CG2 1 
ATOM   633  C  CD1 . ILE A 1 88  ? 4.683   -11.909 13.090  1.00 32.80 ? 83   ILE A CD1 1 
ATOM   634  N  N   . ILE A 1 89  ? 3.380   -7.296  11.940  1.00 26.67 ? 84   ILE A N   1 
ATOM   635  C  CA  . ILE A 1 89  ? 3.476   -5.919  11.446  1.00 26.80 ? 84   ILE A CA  1 
ATOM   636  C  C   . ILE A 1 89  ? 4.930   -5.455  11.512  1.00 26.09 ? 84   ILE A C   1 
ATOM   637  O  O   . ILE A 1 89  ? 5.613   -5.666  12.505  1.00 24.36 ? 84   ILE A O   1 
ATOM   638  C  CB  . ILE A 1 89  ? 2.565   -4.943  12.237  1.00 27.24 ? 84   ILE A CB  1 
ATOM   639  C  CG1 . ILE A 1 89  ? 1.110   -5.425  12.206  1.00 29.23 ? 84   ILE A CG1 1 
ATOM   640  C  CG2 . ILE A 1 89  ? 2.618   -3.515  11.661  1.00 27.79 ? 84   ILE A CG2 1 
ATOM   641  C  CD1 . ILE A 1 89  ? 0.318   -4.960  13.389  1.00 30.95 ? 84   ILE A CD1 1 
ATOM   642  N  N   . ASN A 1 90  ? 5.407   -4.855  10.415  1.00 25.10 ? 85   ASN A N   1 
ATOM   643  C  CA  . ASN A 1 90  ? 6.659   -4.112  10.440  1.00 24.14 ? 85   ASN A CA  1 
ATOM   644  C  C   . ASN A 1 90  ? 6.634   -3.093  9.302   1.00 25.01 ? 85   ASN A C   1 
ATOM   645  O  O   . ASN A 1 90  ? 5.653   -3.026  8.563   1.00 23.55 ? 85   ASN A O   1 
ATOM   646  C  CB  . ASN A 1 90  ? 7.886   -5.028  10.417  1.00 24.16 ? 85   ASN A CB  1 
ATOM   647  C  CG  . ASN A 1 90  ? 7.870   -5.997  9.268   1.00 23.09 ? 85   ASN A CG  1 
ATOM   648  O  OD1 . ASN A 1 90  ? 7.718   -5.596  8.116   1.00 24.74 ? 85   ASN A OD1 1 
ATOM   649  N  ND2 . ASN A 1 90  ? 7.994   -7.272  9.569   1.00 22.79 ? 85   ASN A ND2 1 
ATOM   650  N  N   . TRP A 1 91  ? 7.677   -2.290  9.192   1.00 24.86 ? 86   TRP A N   1 
ATOM   651  C  CA  . TRP A 1 91  ? 7.664   -1.206  8.203   1.00 25.17 ? 86   TRP A CA  1 
ATOM   652  C  C   . TRP A 1 91  ? 7.671   -1.786  6.805   1.00 24.70 ? 86   TRP A C   1 
ATOM   653  O  O   . TRP A 1 91  ? 7.035   -1.250  5.929   1.00 24.49 ? 86   TRP A O   1 
ATOM   654  C  CB  . TRP A 1 91  ? 8.821   -0.250  8.426   1.00 25.04 ? 86   TRP A CB  1 
ATOM   655  C  CG  . TRP A 1 91  ? 8.615   0.670   9.596   1.00 25.77 ? 86   TRP A CG  1 
ATOM   656  C  CD1 . TRP A 1 91  ? 9.373   0.721   10.711  1.00 25.64 ? 86   TRP A CD1 1 
ATOM   657  C  CD2 . TRP A 1 91  ? 7.597   1.693   9.752   1.00 25.60 ? 86   TRP A CD2 1 
ATOM   658  N  NE1 . TRP A 1 91  ? 8.901   1.680   11.565  1.00 26.15 ? 86   TRP A NE1 1 
ATOM   659  C  CE2 . TRP A 1 91  ? 7.821   2.303   11.002  1.00 26.18 ? 86   TRP A CE2 1 
ATOM   660  C  CE3 . TRP A 1 91  ? 6.535   2.153   8.959   1.00 24.89 ? 86   TRP A CE3 1 
ATOM   661  C  CZ2 . TRP A 1 91  ? 7.016   3.354   11.489  1.00 25.13 ? 86   TRP A CZ2 1 
ATOM   662  C  CZ3 . TRP A 1 91  ? 5.726   3.179   9.449   1.00 25.71 ? 86   TRP A CZ3 1 
ATOM   663  C  CH2 . TRP A 1 91  ? 5.975   3.764   10.705  1.00 25.60 ? 86   TRP A CH2 1 
ATOM   664  N  N   . GLY A 1 92  ? 8.374   -2.903  6.613   1.00 24.42 ? 87   GLY A N   1 
ATOM   665  C  CA  . GLY A 1 92  ? 8.340   -3.651  5.313   1.00 25.24 ? 87   GLY A CA  1 
ATOM   666  C  C   . GLY A 1 92  ? 6.917   -3.983  4.893   1.00 25.24 ? 87   GLY A C   1 
ATOM   667  O  O   . GLY A 1 92  ? 6.483   -3.677  3.765   1.00 25.35 ? 87   GLY A O   1 
ATOM   668  N  N   . ARG A 1 93  ? 6.160   -4.533  5.831   1.00 25.41 ? 88   ARG A N   1 
ATOM   669  C  CA  . ARG A 1 93  ? 4.749   -4.861  5.623   1.00 25.84 ? 88   ARG A CA  1 
ATOM   670  C  C   . ARG A 1 93  ? 3.929   -3.629  5.255   1.00 24.44 ? 88   ARG A C   1 
ATOM   671  O  O   . ARG A 1 93  ? 3.163   -3.637  4.277   1.00 25.11 ? 88   ARG A O   1 
ATOM   672  C  CB  . ARG A 1 93  ? 4.169   -5.550  6.872   1.00 25.45 ? 88   ARG A CB  1 
ATOM   673  C  CG  . ARG A 1 93  ? 4.715   -6.945  7.067   1.00 27.79 ? 88   ARG A CG  1 
ATOM   674  C  CD  . ARG A 1 93  ? 3.821   -7.958  6.358   1.00 30.45 ? 88   ARG A CD  1 
ATOM   675  N  NE  . ARG A 1 93  ? 4.223   -9.360  6.529   1.00 30.43 ? 88   ARG A NE  1 
ATOM   676  C  CZ  . ARG A 1 93  ? 3.558   -10.298 7.194   1.00 28.16 ? 88   ARG A CZ  1 
ATOM   677  N  NH1 . ARG A 1 93  ? 2.413   -10.046 7.824   1.00 26.51 ? 88   ARG A NH1 1 
ATOM   678  N  NH2 . ARG A 1 93  ? 4.051   -11.527 7.198   1.00 29.20 ? 88   ARG A NH2 1 
ATOM   679  N  N   . ILE A 1 94  ? 4.124   -2.551  6.000   1.00 23.66 ? 89   ILE A N   1 
ATOM   680  C  CA  . ILE A 1 94  ? 3.417   -1.292  5.742   1.00 25.19 ? 89   ILE A CA  1 
ATOM   681  C  C   . ILE A 1 94  ? 3.725   -0.774  4.332   1.00 25.25 ? 89   ILE A C   1 
ATOM   682  O  O   . ILE A 1 94  ? 2.824   -0.389  3.572   1.00 25.30 ? 89   ILE A O   1 
ATOM   683  C  CB  . ILE A 1 94  ? 3.746   -0.271  6.860   1.00 24.76 ? 89   ILE A CB  1 
ATOM   684  C  CG1 . ILE A 1 94  ? 3.087   -0.731  8.169   1.00 26.13 ? 89   ILE A CG1 1 
ATOM   685  C  CG2 . ILE A 1 94  ? 3.259   1.129   6.531   1.00 27.71 ? 89   ILE A CG2 1 
ATOM   686  C  CD1 . ILE A 1 94  ? 3.653   -0.013  9.423   1.00 26.79 ? 89   ILE A CD1 1 
ATOM   687  N  N   . VAL A 1 95  ? 4.995   -0.800  3.965   1.00 24.29 ? 90   VAL A N   1 
ATOM   688  C  CA  . VAL A 1 95  ? 5.370   -0.351  2.615   1.00 25.31 ? 90   VAL A CA  1 
ATOM   689  C  C   . VAL A 1 95  ? 4.611   -1.124  1.540   1.00 25.44 ? 90   VAL A C   1 
ATOM   690  O  O   . VAL A 1 95  ? 4.121   -0.522  0.577   1.00 25.30 ? 90   VAL A O   1 
ATOM   691  C  CB  . VAL A 1 95  ? 6.874   -0.458  2.386   1.00 25.35 ? 90   VAL A CB  1 
ATOM   692  C  CG1 . VAL A 1 95  ? 7.230   -0.338  0.914   1.00 27.69 ? 90   VAL A CG1 1 
ATOM   693  C  CG2 . VAL A 1 95  ? 7.569   0.643   3.171   1.00 26.95 ? 90   VAL A CG2 1 
ATOM   694  N  N   . THR A 1 96  ? 4.460   -2.430  1.737   1.00 25.21 ? 91   THR A N   1 
ATOM   695  C  CA  . THR A 1 96  ? 3.777   -3.275  0.741   1.00 26.22 ? 91   THR A CA  1 
ATOM   696  C  C   . THR A 1 96  ? 2.295   -2.927  0.592   1.00 26.04 ? 91   THR A C   1 
ATOM   697  O  O   . THR A 1 96  ? 1.719   -3.155  -0.480  1.00 25.69 ? 91   THR A O   1 
ATOM   698  C  CB  . THR A 1 96  ? 3.916   -4.803  1.008   1.00 25.64 ? 91   THR A CB  1 
ATOM   699  O  OG1 . THR A 1 96  ? 3.259   -5.180  2.240   1.00 25.56 ? 91   THR A OG1 1 
ATOM   700  C  CG2 . THR A 1 96  ? 5.367   -5.267  0.999   1.00 27.48 ? 91   THR A CG2 1 
ATOM   701  N  N   . ILE A 1 97  ? 1.671   -2.364  1.623   1.00 26.06 ? 92   ILE A N   1 
ATOM   702  C  CA  . ILE A 1 97  ? 0.271   -1.956  1.509   1.00 26.20 ? 92   ILE A CA  1 
ATOM   703  C  C   . ILE A 1 97  ? 0.166   -0.790  0.520   1.00 26.29 ? 92   ILE A C   1 
ATOM   704  O  O   . ILE A 1 97  ? -0.656  -0.787  -0.390  1.00 27.60 ? 92   ILE A O   1 
ATOM   705  C  CB  . ILE A 1 97  ? -0.347  -1.494  2.840   1.00 27.38 ? 92   ILE A CB  1 
ATOM   706  C  CG1 . ILE A 1 97  ? -0.163  -2.575  3.904   1.00 25.66 ? 92   ILE A CG1 1 
ATOM   707  C  CG2 . ILE A 1 97  ? -1.857  -1.159  2.621   1.00 26.86 ? 92   ILE A CG2 1 
ATOM   708  C  CD1 . ILE A 1 97  ? -0.545  -2.152  5.269   1.00 27.40 ? 92   ILE A CD1 1 
ATOM   709  N  N   . PHE A 1 98  ? 0.985   0.216   0.703   1.00 25.91 ? 93   PHE A N   1 
ATOM   710  C  CA  . PHE A 1 98  ? 0.975   1.346   -0.237  1.00 25.30 ? 93   PHE A CA  1 
ATOM   711  C  C   . PHE A 1 98  ? 1.236   0.852   -1.653  1.00 25.33 ? 93   PHE A C   1 
ATOM   712  O  O   . PHE A 1 98  ? 0.543   1.271   -2.592  1.00 24.93 ? 93   PHE A O   1 
ATOM   713  C  CB  . PHE A 1 98  ? 2.040   2.329   0.119   1.00 25.70 ? 93   PHE A CB  1 
ATOM   714  C  CG  . PHE A 1 98  ? 1.747   3.136   1.338   1.00 25.12 ? 93   PHE A CG  1 
ATOM   715  C  CD1 . PHE A 1 98  ? 2.257   2.753   2.559   1.00 23.63 ? 93   PHE A CD1 1 
ATOM   716  C  CD2 . PHE A 1 98  ? 1.031   4.318   1.248   1.00 27.60 ? 93   PHE A CD2 1 
ATOM   717  C  CE1 . PHE A 1 98  ? 2.039   3.513   3.706   1.00 26.18 ? 93   PHE A CE1 1 
ATOM   718  C  CE2 . PHE A 1 98  ? 0.784   5.091   2.419   1.00 28.44 ? 93   PHE A CE2 1 
ATOM   719  C  CZ  . PHE A 1 98  ? 1.299   4.676   3.634   1.00 26.61 ? 93   PHE A CZ  1 
ATOM   720  N  N   . ALA A 1 99  ? 2.248   -0.014  -1.797  1.00 25.24 ? 94   ALA A N   1 
ATOM   721  C  CA  . ALA A 1 99  ? 2.675   -0.519  -3.109  1.00 25.62 ? 94   ALA A CA  1 
ATOM   722  C  C   . ALA A 1 99  ? 1.534   -1.219  -3.839  1.00 25.73 ? 94   ALA A C   1 
ATOM   723  O  O   . ALA A 1 99  ? 1.291   -0.951  -5.046  1.00 25.67 ? 94   ALA A O   1 
ATOM   724  C  CB  . ALA A 1 99  ? 3.908   -1.462  -2.986  1.00 25.65 ? 94   ALA A CB  1 
ATOM   725  N  N   . PHE A 1 100 ? 0.848   -2.115  -3.129  1.00 24.91 ? 95   PHE A N   1 
ATOM   726  C  CA  . PHE A 1 100 ? -0.231  -2.880  -3.759  1.00 25.38 ? 95   PHE A CA  1 
ATOM   727  C  C   . PHE A 1 100 ? -1.420  -1.977  -4.116  1.00 24.95 ? 95   PHE A C   1 
ATOM   728  O  O   . PHE A 1 100 ? -2.079  -2.175  -5.142  1.00 25.85 ? 95   PHE A O   1 
ATOM   729  C  CB  . PHE A 1 100 ? -0.684  -4.080  -2.913  1.00 24.62 ? 95   PHE A CB  1 
ATOM   730  C  CG  . PHE A 1 100 ? -1.562  -5.029  -3.692  1.00 24.30 ? 95   PHE A CG  1 
ATOM   731  C  CD1 . PHE A 1 100 ? -2.859  -5.298  -3.275  1.00 25.35 ? 95   PHE A CD1 1 
ATOM   732  C  CD2 . PHE A 1 100 ? -1.092  -5.629  -4.840  1.00 24.96 ? 95   PHE A CD2 1 
ATOM   733  C  CE1 . PHE A 1 100 ? -3.668  -6.137  -4.018  1.00 25.12 ? 95   PHE A CE1 1 
ATOM   734  C  CE2 . PHE A 1 100 ? -1.881  -6.459  -5.580  1.00 25.24 ? 95   PHE A CE2 1 
ATOM   735  C  CZ  . PHE A 1 100 ? -3.192  -6.712  -5.159  1.00 24.85 ? 95   PHE A CZ  1 
ATOM   736  N  N   . GLY A 1 101 ? -1.652  -0.954  -3.303  1.00 25.48 ? 96   GLY A N   1 
ATOM   737  C  CA  . GLY A 1 101 ? -2.642  0.078   -3.624  1.00 25.24 ? 96   GLY A CA  1 
ATOM   738  C  C   . GLY A 1 101 ? -2.314  0.741   -4.954  1.00 24.62 ? 96   GLY A C   1 
ATOM   739  O  O   . GLY A 1 101 ? -3.205  0.959   -5.773  1.00 25.02 ? 96   GLY A O   1 
ATOM   740  N  N   . GLY A 1 102 ? -1.045  1.077   -5.176  1.00 25.45 ? 97   GLY A N   1 
ATOM   741  C  CA  . GLY A 1 102 ? -0.621  1.660   -6.462  1.00 25.37 ? 97   GLY A CA  1 
ATOM   742  C  C   . GLY A 1 102 ? -0.794  0.687   -7.614  1.00 25.38 ? 97   GLY A C   1 
ATOM   743  O  O   . GLY A 1 102 ? -1.155  1.095   -8.744  1.00 24.98 ? 97   GLY A O   1 
ATOM   744  N  N   . VAL A 1 103 ? -0.476  -0.584  -7.355  1.00 25.41 ? 98   VAL A N   1 
ATOM   745  C  CA  . VAL A 1 103 ? -0.568  -1.620  -8.386  1.00 25.55 ? 98   VAL A CA  1 
ATOM   746  C  C   . VAL A 1 103 ? -2.015  -1.682  -8.884  1.00 25.11 ? 98   VAL A C   1 
ATOM   747  O  O   . VAL A 1 103 ? -2.253  -1.646  -10.107 1.00 24.52 ? 98   VAL A O   1 
ATOM   748  C  CB  . VAL A 1 103 ? -0.078  -3.022  -7.902  1.00 25.98 ? 98   VAL A CB  1 
ATOM   749  C  CG1 . VAL A 1 103 ? -0.467  -4.134  -8.903  1.00 26.93 ? 98   VAL A CG1 1 
ATOM   750  C  CG2 . VAL A 1 103 ? 1.432   -3.042  -7.689  1.00 27.27 ? 98   VAL A CG2 1 
ATOM   751  N  N   . LEU A 1 104 ? -2.954  -1.730  -7.937  1.00 24.75 ? 99   LEU A N   1 
ATOM   752  C  CA  . LEU A 1 104 ? -4.383  -1.768  -8.238  1.00 25.31 ? 99   LEU A CA  1 
ATOM   753  C  C   . LEU A 1 104 ? -4.907  -0.468  -8.885  1.00 25.69 ? 99   LEU A C   1 
ATOM   754  O  O   . LEU A 1 104 ? -5.724  -0.512  -9.791  1.00 24.97 ? 99   LEU A O   1 
ATOM   755  C  CB  . LEU A 1 104 ? -5.192  -2.115  -6.983  1.00 25.40 ? 99   LEU A CB  1 
ATOM   756  C  CG  . LEU A 1 104 ? -5.109  -3.536  -6.432  1.00 27.23 ? 99   LEU A CG  1 
ATOM   757  C  CD1 . LEU A 1 104 ? -6.034  -3.644  -5.279  1.00 30.32 ? 99   LEU A CD1 1 
ATOM   758  C  CD2 . LEU A 1 104 ? -5.468  -4.603  -7.517  1.00 27.69 ? 99   LEU A CD2 1 
ATOM   759  N  N   . LEU A 1 105 ? -4.411  0.685   -8.439  1.00 25.99 ? 100  LEU A N   1 
ATOM   760  C  CA  . LEU A 1 105 ? -4.790  1.950   -9.040  1.00 25.92 ? 100  LEU A CA  1 
ATOM   761  C  C   . LEU A 1 105 ? -4.365  2.012   -10.494 1.00 25.67 ? 100  LEU A C   1 
ATOM   762  O  O   . LEU A 1 105 ? -5.119  2.477   -11.322 1.00 24.67 ? 100  LEU A O   1 
ATOM   763  C  CB  . LEU A 1 105 ? -4.235  3.139   -8.261  1.00 26.14 ? 100  LEU A CB  1 
ATOM   764  C  CG  . LEU A 1 105 ? -4.498  4.518   -8.859  1.00 26.67 ? 100  LEU A CG  1 
ATOM   765  C  CD1 . LEU A 1 105 ? -6.021  4.826   -8.874  1.00 26.96 ? 100  LEU A CD1 1 
ATOM   766  C  CD2 . LEU A 1 105 ? -3.706  5.556   -8.051  1.00 26.23 ? 100  LEU A CD2 1 
ATOM   767  N  N   . LYS A 1 106 ? -3.162  1.539   -10.816 1.00 25.37 ? 101  LYS A N   1 
ATOM   768  C  CA  . LYS A 1 106 ? -2.743  1.514   -12.199 1.00 26.41 ? 101  LYS A CA  1 
ATOM   769  C  C   . LYS A 1 106 ? -3.637  0.603   -13.054 1.00 25.50 ? 101  LYS A C   1 
ATOM   770  O  O   . LYS A 1 106 ? -3.976  0.951   -14.164 1.00 25.38 ? 101  LYS A O   1 
ATOM   771  C  CB  . LYS A 1 106 ? -1.270  1.125   -12.325 1.00 26.55 ? 101  LYS A CB  1 
ATOM   772  C  CG  . LYS A 1 106 ? -0.333  2.279   -12.030 1.00 28.54 ? 101  LYS A CG  1 
ATOM   773  C  CD  . LYS A 1 106 ? 1.154   1.854   -12.021 1.00 29.47 ? 101  LYS A CD  1 
ATOM   774  C  CE  . LYS A 1 106 ? 1.763   1.694   -13.389 1.00 33.25 ? 101  LYS A CE  1 
ATOM   775  N  NZ  . LYS A 1 106 ? 3.122   0.999   -13.269 1.00 35.44 ? 101  LYS A NZ  1 
ATOM   776  N  N   . LYS A 1 107 ? -4.021  -0.548  -12.517 1.00 25.24 ? 102  LYS A N   1 
ATOM   777  C  CA  . LYS A 1 107 ? -4.913  -1.450  -13.216 1.00 26.20 ? 102  LYS A CA  1 
ATOM   778  C  C   . LYS A 1 107 ? -6.288  -0.801  -13.395 1.00 25.65 ? 102  LYS A C   1 
ATOM   779  O  O   . LYS A 1 107 ? -6.841  -0.832  -14.471 1.00 25.28 ? 102  LYS A O   1 
ATOM   780  C  CB  . LYS A 1 107 ? -5.021  -2.764  -12.482 1.00 26.50 ? 102  LYS A CB  1 
ATOM   781  C  CG  . LYS A 1 107 ? -3.814  -3.653  -12.683 1.00 28.36 ? 102  LYS A CG  1 
ATOM   782  C  CD  . LYS A 1 107 ? -4.038  -5.066  -12.161 1.00 29.61 ? 102  LYS A CD  1 
ATOM   783  C  CE  . LYS A 1 107 ? -5.130  -5.842  -12.930 1.00 32.46 ? 102  LYS A CE  1 
ATOM   784  N  NZ  . LYS A 1 107 ? -4.805  -6.328  -14.311 1.00 30.89 ? 102  LYS A NZ  1 
ATOM   785  N  N   . LEU A 1 108 ? -6.797  -0.169  -12.343 1.00 25.79 ? 103  LEU A N   1 
ATOM   786  C  CA  . LEU A 1 108 ? -8.087  0.478   -12.404 1.00 26.65 ? 103  LEU A CA  1 
ATOM   787  C  C   . LEU A 1 108 ? -8.077  1.531   -13.504 1.00 26.80 ? 103  LEU A C   1 
ATOM   788  O  O   . LEU A 1 108 ? -9.002  1.617   -14.296 1.00 27.65 ? 103  LEU A O   1 
ATOM   789  C  CB  . LEU A 1 108 ? -8.436  1.094   -11.045 1.00 25.86 ? 103  LEU A CB  1 
ATOM   790  C  CG  . LEU A 1 108 ? -9.810  1.723   -10.859 1.00 26.81 ? 103  LEU A CG  1 
ATOM   791  C  CD1 . LEU A 1 108 ? -10.946 0.731   -11.040 1.00 27.57 ? 103  LEU A CD1 1 
ATOM   792  C  CD2 . LEU A 1 108 ? -9.878  2.347   -9.478  1.00 27.15 ? 103  LEU A CD2 1 
ATOM   793  N  N   . LYS A 1 109 ? -7.002  2.295   -13.601 1.00 27.98 ? 104  LYS A N   1 
ATOM   794  C  CA  . LYS A 1 109 ? -6.969  3.355   -14.598 1.00 29.85 ? 104  LYS A CA  1 
ATOM   795  C  C   . LYS A 1 109 ? -6.999  2.755   -16.004 1.00 29.87 ? 104  LYS A C   1 
ATOM   796  O  O   . LYS A 1 109 ? -7.611  3.336   -16.894 1.00 29.81 ? 104  LYS A O   1 
ATOM   797  C  CB  . LYS A 1 109 ? -5.769  4.274   -14.384 1.00 30.63 ? 104  LYS A CB  1 
ATOM   798  C  CG  . LYS A 1 109 ? -5.791  5.010   -13.033 1.00 33.25 ? 104  LYS A CG  1 
ATOM   799  C  CD  . LYS A 1 109 ? -7.149  5.683   -12.687 1.00 35.49 ? 104  LYS A CD  1 
ATOM   800  C  CE  . LYS A 1 109 ? -7.524  6.766   -13.681 1.00 36.15 ? 104  LYS A CE  1 
ATOM   801  N  NZ  . LYS A 1 109 ? -8.734  7.587   -13.280 1.00 35.92 ? 104  LYS A NZ  1 
ATOM   802  N  N   . GLN A 1 110 ? -6.384  1.579   -16.173 1.00 30.02 ? 105  GLN A N   1 
ATOM   803  C  CA  . GLN A 1 110 ? -6.394  0.846   -17.456 1.00 31.05 ? 105  GLN A CA  1 
ATOM   804  C  C   . GLN A 1 110 ? -7.767  0.225   -17.799 1.00 29.66 ? 105  GLN A C   1 
ATOM   805  O  O   . GLN A 1 110 ? -8.200  0.256   -18.941 1.00 29.71 ? 105  GLN A O   1 
ATOM   806  C  CB  . GLN A 1 110 ? -5.345  -0.289  -17.437 1.00 30.97 ? 105  GLN A CB  1 
ATOM   807  C  CG  . GLN A 1 110 ? -3.923  0.109   -17.839 1.00 34.31 ? 105  GLN A CG  1 
ATOM   808  C  CD  . GLN A 1 110 ? -2.818  -0.566  -16.987 1.00 35.46 ? 105  GLN A CD  1 
ATOM   809  O  OE1 . GLN A 1 110 ? -1.750  0.026   -16.776 1.00 43.76 ? 105  GLN A OE1 1 
ATOM   810  N  NE2 . GLN A 1 110 ? -3.076  -1.789  -16.484 1.00 38.98 ? 105  GLN A NE2 1 
ATOM   811  N  N   . GLU A 1 111 ? -8.433  -0.346  -16.798 1.00 28.56 ? 106  GLU A N   1 
ATOM   812  C  CA  . GLU A 1 111 ? -9.544  -1.278  -17.022 1.00 28.12 ? 106  GLU A CA  1 
ATOM   813  C  C   . GLU A 1 111 ? -10.920 -0.802  -16.557 1.00 26.04 ? 106  GLU A C   1 
ATOM   814  O  O   . GLU A 1 111 ? -11.914 -1.481  -16.803 1.00 24.64 ? 106  GLU A O   1 
ATOM   815  C  CB  . GLU A 1 111 ? -9.203  -2.586  -16.314 1.00 28.51 ? 106  GLU A CB  1 
ATOM   816  C  CG  . GLU A 1 111 ? -7.873  -3.172  -16.771 1.00 29.63 ? 106  GLU A CG  1 
ATOM   817  C  CD  . GLU A 1 111 ? -7.174  -4.013  -15.705 1.00 31.73 ? 106  GLU A CD  1 
ATOM   818  O  OE1 . GLU A 1 111 ? -7.808  -4.393  -14.688 1.00 33.95 ? 106  GLU A OE1 1 
ATOM   819  O  OE2 . GLU A 1 111 ? -5.963  -4.296  -15.897 1.00 37.96 ? 106  GLU A OE2 1 
ATOM   820  N  N   . GLN A 1 112 ? -10.973 0.331   -15.857 1.00 24.77 ? 107  GLN A N   1 
ATOM   821  C  CA  . GLN A 1 112 ? -12.216 0.823   -15.275 1.00 24.88 ? 107  GLN A CA  1 
ATOM   822  C  C   . GLN A 1 112 ? -13.168 1.185   -16.409 1.00 24.15 ? 107  GLN A C   1 
ATOM   823  O  O   . GLN A 1 112 ? -12.753 1.732   -17.438 1.00 25.13 ? 107  GLN A O   1 
ATOM   824  C  CB  . GLN A 1 112 ? -11.957 2.011   -14.306 1.00 24.84 ? 107  GLN A CB  1 
ATOM   825  C  CG  . GLN A 1 112 ? -13.169 2.422   -13.474 1.00 24.92 ? 107  GLN A CG  1 
ATOM   826  C  CD  . GLN A 1 112 ? -12.854 3.458   -12.416 1.00 25.56 ? 107  GLN A CD  1 
ATOM   827  O  OE1 . GLN A 1 112 ? -11.792 4.096   -12.448 1.00 26.07 ? 107  GLN A OE1 1 
ATOM   828  N  NE2 . GLN A 1 112 ? -13.770 3.621   -11.443 1.00 27.40 ? 107  GLN A NE2 1 
ATOM   829  N  N   . ILE A 1 113 ? -14.437 0.802   -16.279 1.00 23.54 ? 108  ILE A N   1 
ATOM   830  C  CA  . ILE A 1 113 ? -15.393 1.084   -17.333 1.00 22.79 ? 108  ILE A CA  1 
ATOM   831  C  C   . ILE A 1 113 ? -16.076 2.400   -17.037 1.00 22.77 ? 108  ILE A C   1 
ATOM   832  O  O   . ILE A 1 113 ? -16.083 3.307   -17.880 1.00 21.19 ? 108  ILE A O   1 
ATOM   833  C  CB  . ILE A 1 113 ? -16.385 -0.074  -17.533 1.00 22.93 ? 108  ILE A CB  1 
ATOM   834  C  CG1 . ILE A 1 113 ? -15.621 -1.321  -17.981 1.00 23.01 ? 108  ILE A CG1 1 
ATOM   835  C  CG2 . ILE A 1 113 ? -17.429 0.271   -18.596 1.00 21.64 ? 108  ILE A CG2 1 
ATOM   836  C  CD1 . ILE A 1 113 ? -16.410 -2.594  -17.872 1.00 23.41 ? 108  ILE A CD1 1 
ATOM   837  N  N   . ALA A 1 114 ? -16.631 2.527   -15.837 1.00 22.56 ? 109  ALA A N   1 
ATOM   838  C  CA  . ALA A 1 114 ? -17.231 3.797   -15.425 1.00 23.25 ? 109  ALA A CA  1 
ATOM   839  C  C   . ALA A 1 114 ? -16.162 4.883   -15.469 1.00 23.76 ? 109  ALA A C   1 
ATOM   840  O  O   . ALA A 1 114 ? -15.043 4.663   -15.016 1.00 22.45 ? 109  ALA A O   1 
ATOM   841  C  CB  . ALA A 1 114 ? -17.797 3.702   -14.020 1.00 23.67 ? 109  ALA A CB  1 
ATOM   842  N  N   . LEU A 1 115 ? -16.526 6.050   -15.988 1.00 24.32 ? 110  LEU A N   1 
ATOM   843  C  CA  . LEU A 1 115 ? -15.625 7.195   -15.994 1.00 26.40 ? 110  LEU A CA  1 
ATOM   844  C  C   . LEU A 1 115 ? -15.383 7.601   -14.551 1.00 27.52 ? 110  LEU A C   1 
ATOM   845  O  O   . LEU A 1 115 ? -16.319 7.906   -13.829 1.00 28.31 ? 110  LEU A O   1 
ATOM   846  C  CB  . LEU A 1 115 ? -16.226 8.386   -16.750 1.00 25.94 ? 110  LEU A CB  1 
ATOM   847  C  CG  . LEU A 1 115 ? -15.323 9.110   -17.754 1.00 27.77 ? 110  LEU A CG  1 
ATOM   848  C  CD1 . LEU A 1 115 ? -15.862 10.493  -17.995 1.00 28.70 ? 110  LEU A CD1 1 
ATOM   849  C  CD2 . LEU A 1 115 ? -13.872 9.187   -17.341 1.00 28.25 ? 110  LEU A CD2 1 
ATOM   850  N  N   . ASP A 1 116 ? -14.136 7.593   -14.128 1.00 29.38 ? 111  ASP A N   1 
ATOM   851  C  CA  . ASP A 1 116 ? -13.815 7.959   -12.758 1.00 30.84 ? 111  ASP A CA  1 
ATOM   852  C  C   . ASP A 1 116 ? -12.483 8.690   -12.778 1.00 32.53 ? 111  ASP A C   1 
ATOM   853  O  O   . ASP A 1 116 ? -11.429 8.055   -12.869 1.00 34.19 ? 111  ASP A O   1 
ATOM   854  C  CB  . ASP A 1 116 ? -13.763 6.685   -11.910 1.00 30.65 ? 111  ASP A CB  1 
ATOM   855  C  CG  . ASP A 1 116 ? -13.609 6.960   -10.418 1.00 31.12 ? 111  ASP A CG  1 
ATOM   856  O  OD1 . ASP A 1 116 ? -13.366 8.129   -10.029 1.00 31.50 ? 111  ASP A OD1 1 
ATOM   857  O  OD2 . ASP A 1 116 ? -13.737 5.981   -9.645  1.00 30.45 ? 111  ASP A OD2 1 
ATOM   858  N  N   . VAL A 1 117 ? -12.532 10.023  -12.747 1.00 33.61 ? 112  VAL A N   1 
ATOM   859  C  CA  . VAL A 1 117 ? -11.306 10.832  -12.737 1.00 34.77 ? 112  VAL A CA  1 
ATOM   860  C  C   . VAL A 1 117 ? -10.758 10.983  -11.298 1.00 35.45 ? 112  VAL A C   1 
ATOM   861  O  O   . VAL A 1 117 ? -9.642  11.455  -11.093 1.00 37.49 ? 112  VAL A O   1 
ATOM   862  C  CB  . VAL A 1 117 ? -11.506 12.203  -13.445 1.00 34.70 ? 112  VAL A CB  1 
ATOM   863  C  CG1 . VAL A 1 117 ? -12.109 11.990  -14.840 1.00 35.36 ? 112  VAL A CG1 1 
ATOM   864  C  CG2 . VAL A 1 117 ? -12.384 13.168  -12.634 1.00 35.06 ? 112  VAL A CG2 1 
ATOM   865  N  N   . SER A 1 118 ? -11.542 10.527  -10.328 1.00 35.41 ? 113  SER A N   1 
ATOM   866  C  CA  . SER A 1 118 ? -11.243 10.682  -8.915  1.00 36.09 ? 113  SER A CA  1 
ATOM   867  C  C   . SER A 1 118 ? -10.820 9.355   -8.293  1.00 34.80 ? 113  SER A C   1 
ATOM   868  O  O   . SER A 1 118 ? -10.856 9.201   -7.066  1.00 35.68 ? 113  SER A O   1 
ATOM   869  C  CB  . SER A 1 118 ? -12.500 11.154  -8.204  1.00 36.32 ? 113  SER A CB  1 
ATOM   870  O  OG  . SER A 1 118 ? -13.248 10.027  -7.758  1.00 39.19 ? 113  SER A OG  1 
ATOM   871  N  N   . ALA A 1 119 ? -10.434 8.384   -9.124  1.00 33.23 ? 114  ALA A N   1 
ATOM   872  C  CA  . ALA A 1 119 ? -10.182 7.027   -8.627  1.00 31.90 ? 114  ALA A CA  1 
ATOM   873  C  C   . ALA A 1 119 ? -9.083  6.987   -7.561  1.00 31.46 ? 114  ALA A C   1 
ATOM   874  O  O   . ALA A 1 119 ? -9.208  6.262   -6.565  1.00 30.64 ? 114  ALA A O   1 
ATOM   875  C  CB  . ALA A 1 119 ? -9.856  6.089   -9.762  1.00 31.31 ? 114  ALA A CB  1 
ATOM   876  N  N   . TYR A 1 120 ? -8.005  7.753   -7.751  1.00 30.90 ? 115  TYR A N   1 
ATOM   877  C  CA  . TYR A 1 120 ? -6.923  7.741   -6.755  1.00 31.29 ? 115  TYR A CA  1 
ATOM   878  C  C   . TYR A 1 120 ? -7.401  8.221   -5.375  1.00 31.00 ? 115  TYR A C   1 
ATOM   879  O  O   . TYR A 1 120 ? -6.907  7.757   -4.353  1.00 29.83 ? 115  TYR A O   1 
ATOM   880  C  CB  . TYR A 1 120 ? -5.680  8.517   -7.214  1.00 32.21 ? 115  TYR A CB  1 
ATOM   881  C  CG  . TYR A 1 120 ? -5.751  10.008  -7.019  1.00 33.24 ? 115  TYR A CG  1 
ATOM   882  C  CD1 . TYR A 1 120 ? -5.369  10.594  -5.815  1.00 34.52 ? 115  TYR A CD1 1 
ATOM   883  C  CD2 . TYR A 1 120 ? -6.201  10.830  -8.031  1.00 34.75 ? 115  TYR A CD2 1 
ATOM   884  C  CE1 . TYR A 1 120 ? -5.442  11.965  -5.625  1.00 34.84 ? 115  TYR A CE1 1 
ATOM   885  C  CE2 . TYR A 1 120 ? -6.263  12.201  -7.856  1.00 36.63 ? 115  TYR A CE2 1 
ATOM   886  C  CZ  . TYR A 1 120 ? -5.878  12.755  -6.646  1.00 34.10 ? 115  TYR A CZ  1 
ATOM   887  O  OH  . TYR A 1 120 ? -5.958  14.117  -6.480  1.00 38.06 ? 115  TYR A OH  1 
ATOM   888  N  N   . LYS A 1 121 ? -8.339  9.157   -5.347  1.00 30.49 ? 116  LYS A N   1 
ATOM   889  C  CA  . LYS A 1 121 ? -8.966  9.551   -4.080  1.00 31.12 ? 116  LYS A CA  1 
ATOM   890  C  C   . LYS A 1 121 ? -9.709  8.385   -3.410  1.00 30.27 ? 116  LYS A C   1 
ATOM   891  O  O   . LYS A 1 121 ? -9.563  8.171   -2.205  1.00 29.62 ? 116  LYS A O   1 
ATOM   892  C  CB  . LYS A 1 121 ? -9.909  10.724  -4.256  1.00 31.42 ? 116  LYS A CB  1 
ATOM   893  C  CG  . LYS A 1 121 ? -9.219  12.013  -4.669  1.00 33.05 ? 116  LYS A CG  1 
ATOM   894  C  CD  . LYS A 1 121 ? -10.229 13.138  -4.780  1.00 33.96 ? 116  LYS A CD  1 
ATOM   895  C  CE  . LYS A 1 121 ? -9.570  14.511  -4.926  1.00 36.79 ? 116  LYS A CE  1 
ATOM   896  N  NZ  . LYS A 1 121 ? -8.717  14.582  -6.150  1.00 39.65 ? 116  LYS A NZ  1 
ATOM   897  N  N   . GLN A 1 122 ? -10.505 7.643   -4.179  1.00 28.95 ? 117  GLN A N   1 
ATOM   898  C  CA  . GLN A 1 122 ? -11.237 6.501   -3.637  1.00 29.15 ? 117  GLN A CA  1 
ATOM   899  C  C   . GLN A 1 122 ? -10.288 5.403   -3.147  1.00 27.31 ? 117  GLN A C   1 
ATOM   900  O  O   . GLN A 1 122 ? -10.482 4.823   -2.086  1.00 27.07 ? 117  GLN A O   1 
ATOM   901  C  CB  . GLN A 1 122 ? -12.226 5.950   -4.683  1.00 29.14 ? 117  GLN A CB  1 
ATOM   902  C  CG  . GLN A 1 122 ? -13.356 6.936   -5.036  1.00 31.06 ? 117  GLN A CG  1 
ATOM   903  C  CD  . GLN A 1 122 ? -14.034 6.633   -6.372  1.00 31.81 ? 117  GLN A CD  1 
ATOM   904  O  OE1 . GLN A 1 122 ? -15.174 7.040   -6.606  1.00 37.59 ? 117  GLN A OE1 1 
ATOM   905  N  NE2 . GLN A 1 122 ? -13.328 5.960   -7.254  1.00 33.25 ? 117  GLN A NE2 1 
ATOM   906  N  N   . VAL A 1 123 ? -9.254  5.111   -3.928  1.00 26.12 ? 118  VAL A N   1 
ATOM   907  C  CA  . VAL A 1 123 ? -8.291  4.114   -3.548  1.00 26.51 ? 118  VAL A CA  1 
ATOM   908  C  C   . VAL A 1 123 ? -7.509  4.578   -2.299  1.00 26.90 ? 118  VAL A C   1 
ATOM   909  O  O   . VAL A 1 123 ? -7.315  3.810   -1.377  1.00 27.36 ? 118  VAL A O   1 
ATOM   910  C  CB  . VAL A 1 123 ? -7.341  3.786   -4.717  1.00 26.97 ? 118  VAL A CB  1 
ATOM   911  C  CG1 . VAL A 1 123 ? -6.298  2.789   -4.303  1.00 27.36 ? 118  VAL A CG1 1 
ATOM   912  C  CG2 . VAL A 1 123 ? -8.138  3.210   -5.923  1.00 26.53 ? 118  VAL A CG2 1 
ATOM   913  N  N   . SER A 1 124 ? -7.122  5.849   -2.259  1.00 26.95 ? 119  SER A N   1 
ATOM   914  C  CA  . SER A 1 124 ? -6.396  6.365   -1.101  1.00 27.30 ? 119  SER A CA  1 
ATOM   915  C  C   . SER A 1 124 ? -7.217  6.188   0.189   1.00 27.31 ? 119  SER A C   1 
ATOM   916  O  O   . SER A 1 124 ? -6.648  5.944   1.239   1.00 26.84 ? 119  SER A O   1 
ATOM   917  C  CB  . SER A 1 124 ? -6.022  7.827   -1.287  1.00 27.46 ? 119  SER A CB  1 
ATOM   918  O  OG  . SER A 1 124 ? -7.137  8.627   -1.082  1.00 29.61 ? 119  SER A OG  1 
ATOM   919  N  N   . SER A 1 125 ? -8.540  6.317   0.104   1.00 27.66 ? 120  SER A N   1 
ATOM   920  C  CA  . SER A 1 125 ? -9.390  6.126   1.282   1.00 28.40 ? 120  SER A CA  1 
ATOM   921  C  C   . SER A 1 125 ? -9.363  4.677   1.783   1.00 27.88 ? 120  SER A C   1 
ATOM   922  O  O   . SER A 1 125 ? -9.215  4.458   2.989   1.00 27.67 ? 120  SER A O   1 
ATOM   923  C  CB  . SER A 1 125 ? -10.831 6.550   1.025   1.00 28.88 ? 120  SER A CB  1 
ATOM   924  O  OG  . SER A 1 125 ? -10.873 7.935   0.707   1.00 36.00 ? 120  SER A OG  1 
ATOM   925  N  N   . PHE A 1 126 ? -9.509  3.685   0.911   1.00 27.62 ? 121  PHE A N   1 
ATOM   926  C  CA  . PHE A 1 126 ? -9.543  2.321   1.451   1.00 27.70 ? 121  PHE A CA  1 
ATOM   927  C  C   . PHE A 1 126 ? -8.165  1.845   1.848   1.00 26.94 ? 121  PHE A C   1 
ATOM   928  O  O   . PHE A 1 126 ? -8.018  1.058   2.802   1.00 26.31 ? 121  PHE A O   1 
ATOM   929  C  CB  . PHE A 1 126 ? -10.398 1.319   0.632   1.00 28.15 ? 121  PHE A CB  1 
ATOM   930  C  CG  . PHE A 1 126 ? -9.910  1.016   -0.794  1.00 27.93 ? 121  PHE A CG  1 
ATOM   931  C  CD1 . PHE A 1 126 ? -10.715 1.314   -1.886  1.00 27.42 ? 121  PHE A CD1 1 
ATOM   932  C  CD2 . PHE A 1 126 ? -8.733  0.312   -1.016  1.00 27.59 ? 121  PHE A CD2 1 
ATOM   933  C  CE1 . PHE A 1 126 ? -10.311 0.970   -3.201  1.00 28.91 ? 121  PHE A CE1 1 
ATOM   934  C  CE2 . PHE A 1 126 ? -8.339  -0.025  -2.319  1.00 28.10 ? 121  PHE A CE2 1 
ATOM   935  C  CZ  . PHE A 1 126 ? -9.131  0.312   -3.392  1.00 27.29 ? 121  PHE A CZ  1 
ATOM   936  N  N   . VAL A 1 127 ? -7.138  2.385   1.203   1.00 25.68 ? 122  VAL A N   1 
ATOM   937  C  CA  . VAL A 1 127 ? -5.786  2.051   1.556   1.00 26.55 ? 122  VAL A CA  1 
ATOM   938  C  C   . VAL A 1 127 ? -5.509  2.638   2.953   1.00 26.30 ? 122  VAL A C   1 
ATOM   939  O  O   . VAL A 1 127 ? -5.019  1.923   3.808   1.00 26.25 ? 122  VAL A O   1 
ATOM   940  C  CB  . VAL A 1 127 ? -4.745  2.587   0.524   1.00 27.25 ? 122  VAL A CB  1 
ATOM   941  C  CG1 . VAL A 1 127 ? -3.330  2.509   1.109   1.00 29.22 ? 122  VAL A CG1 1 
ATOM   942  C  CG2 . VAL A 1 127 ? -4.830  1.838   -0.819  1.00 28.80 ? 122  VAL A CG2 1 
ATOM   943  N  N   . ALA A 1 128 ? -5.853  3.912   3.176   1.00 25.51 ? 123  ALA A N   1 
ATOM   944  C  CA  . ALA A 1 128 ? -5.657  4.540   4.506   1.00 25.73 ? 123  ALA A CA  1 
ATOM   945  C  C   . ALA A 1 128 ? -6.412  3.818   5.634   1.00 25.96 ? 123  ALA A C   1 
ATOM   946  O  O   . ALA A 1 128 ? -5.874  3.623   6.734   1.00 25.40 ? 123  ALA A O   1 
ATOM   947  C  CB  . ALA A 1 128 ? -6.042  6.035   4.486   1.00 25.09 ? 123  ALA A CB  1 
ATOM   948  N  N   . GLU A 1 129 ? -7.656  3.430   5.369   1.00 25.77 ? 124  GLU A N   1 
ATOM   949  C  CA  . GLU A 1 129 ? -8.407  2.673   6.358   1.00 27.26 ? 124  GLU A CA  1 
ATOM   950  C  C   . GLU A 1 129 ? -7.727  1.345   6.713   1.00 26.30 ? 124  GLU A C   1 
ATOM   951  O  O   . GLU A 1 129 ? -7.590  1.025   7.893   1.00 24.68 ? 124  GLU A O   1 
ATOM   952  C  CB  . GLU A 1 129 ? -9.855  2.463   5.914   1.00 26.78 ? 124  GLU A CB  1 
ATOM   953  C  CG  . GLU A 1 129 ? -10.568 3.791   5.747   1.00 28.04 ? 124  GLU A CG  1 
ATOM   954  C  CD  . GLU A 1 129 ? -11.902 3.725   5.036   1.00 31.46 ? 124  GLU A CD  1 
ATOM   955  O  OE1 . GLU A 1 129 ? -12.199 2.686   4.403   1.00 38.16 ? 124  GLU A OE1 1 
ATOM   956  O  OE2 . GLU A 1 129 ? -12.665 4.739   5.147   1.00 35.56 ? 124  GLU A OE2 1 
ATOM   957  N  N   . PHE A 1 130 ? -7.282  0.589   5.724   1.00 26.21 ? 125  PHE A N   1 
ATOM   958  C  CA  . PHE A 1 130 ? -6.588  -0.674  6.037   1.00 26.25 ? 125  PHE A CA  1 
ATOM   959  C  C   . PHE A 1 130 ? -5.340  -0.423  6.894   1.00 26.23 ? 125  PHE A C   1 
ATOM   960  O  O   . PHE A 1 130 ? -5.127  -1.086  7.916   1.00 26.65 ? 125  PHE A O   1 
ATOM   961  C  CB  . PHE A 1 130 ? -6.200  -1.440  4.777   1.00 26.55 ? 125  PHE A CB  1 
ATOM   962  C  CG  . PHE A 1 130 ? -5.643  -2.784  5.084   1.00 26.17 ? 125  PHE A CG  1 
ATOM   963  C  CD1 . PHE A 1 130 ? -4.313  -2.932  5.391   1.00 28.70 ? 125  PHE A CD1 1 
ATOM   964  C  CD2 . PHE A 1 130 ? -6.474  -3.878  5.175   1.00 29.05 ? 125  PHE A CD2 1 
ATOM   965  C  CE1 . PHE A 1 130 ? -3.794  -4.178  5.716   1.00 29.40 ? 125  PHE A CE1 1 
ATOM   966  C  CE2 . PHE A 1 130 ? -5.986  -5.115  5.533   1.00 27.60 ? 125  PHE A CE2 1 
ATOM   967  C  CZ  . PHE A 1 130 ? -4.640  -5.269  5.787   1.00 29.03 ? 125  PHE A CZ  1 
ATOM   968  N  N   . ILE A 1 131 ? -4.509  0.512   6.451   1.00 26.49 ? 126  ILE A N   1 
ATOM   969  C  CA  . ILE A 1 131 ? -3.261  0.839   7.151   1.00 27.01 ? 126  ILE A CA  1 
ATOM   970  C  C   . ILE A 1 131 ? -3.591  1.229   8.609   1.00 26.42 ? 126  ILE A C   1 
ATOM   971  O  O   . ILE A 1 131 ? -2.991  0.690   9.562   1.00 25.83 ? 126  ILE A O   1 
ATOM   972  C  CB  . ILE A 1 131 ? -2.474  1.960   6.434   1.00 26.94 ? 126  ILE A CB  1 
ATOM   973  C  CG1 . ILE A 1 131 ? -2.037  1.527   5.019   1.00 27.38 ? 126  ILE A CG1 1 
ATOM   974  C  CG2 . ILE A 1 131 ? -1.253  2.389   7.260   1.00 27.03 ? 126  ILE A CG2 1 
ATOM   975  C  CD1 . ILE A 1 131 ? -1.357  2.607   4.251   1.00 28.84 ? 126  ILE A CD1 1 
ATOM   976  N  N   . MET A 1 132 ? -4.561  2.133   8.790   1.00 27.22 ? 127  MET A N   1 
ATOM   977  C  CA  . MET A 1 132 ? -4.929  2.593   10.142  1.00 27.17 ? 127  MET A CA  1 
ATOM   978  C  C   . MET A 1 132 ? -5.455  1.439   11.005  1.00 27.71 ? 127  MET A C   1 
ATOM   979  O  O   . MET A 1 132 ? -5.002  1.259   12.150  1.00 27.57 ? 127  MET A O   1 
ATOM   980  C  CB  . MET A 1 132 ? -5.973  3.723   10.083  1.00 26.95 ? 127  MET A CB  1 
ATOM   981  C  CG  . MET A 1 132 ? -6.395  4.269   11.446  1.00 27.29 ? 127  MET A CG  1 
ATOM   982  S  SD  . MET A 1 132 ? -5.028  5.024   12.320  1.00 26.62 ? 127  MET A SD  1 
ATOM   983  C  CE  . MET A 1 132 ? -5.741  5.236   13.939  1.00 25.73 ? 127  MET A CE  1 
ATOM   984  N  N   . ASN A 1 133 ? -6.380  0.649   10.438  1.00 27.57 ? 128  ASN A N   1 
ATOM   985  C  CA  . ASN A 1 133 ? -7.069  -0.396  11.154  1.00 27.70 ? 128  ASN A CA  1 
ATOM   986  C  C   . ASN A 1 133 ? -6.148  -1.567  11.507  1.00 27.87 ? 128  ASN A C   1 
ATOM   987  O  O   . ASN A 1 133 ? -6.283  -2.174  12.563  1.00 27.93 ? 128  ASN A O   1 
ATOM   988  C  CB  . ASN A 1 133 ? -8.294  -0.866  10.335  1.00 27.36 ? 128  ASN A CB  1 
ATOM   989  C  CG  . ASN A 1 133 ? -9.394  0.224   10.220  1.00 28.23 ? 128  ASN A CG  1 
ATOM   990  O  OD1 . ASN A 1 133 ? -10.357 0.083   9.438   1.00 27.48 ? 128  ASN A OD1 1 
ATOM   991  N  ND2 . ASN A 1 133 ? -9.248  1.314   10.992  1.00 26.94 ? 128  ASN A ND2 1 
ATOM   992  N  N   . ASN A 1 134 ? -5.191  -1.848  10.648  1.00 27.44 ? 129  ASN A N   1 
ATOM   993  C  CA  . ASN A 1 134 ? -4.298  -2.972  10.862  1.00 28.70 ? 129  ASN A CA  1 
ATOM   994  C  C   . ASN A 1 134 ? -2.977  -2.627  11.523  1.00 28.97 ? 129  ASN A C   1 
ATOM   995  O  O   . ASN A 1 134 ? -2.394  -3.475  12.182  1.00 28.81 ? 129  ASN A O   1 
ATOM   996  C  CB  . ASN A 1 134 ? -4.036  -3.675  9.533   1.00 28.35 ? 129  ASN A CB  1 
ATOM   997  C  CG  . ASN A 1 134 ? -5.237  -4.450  9.060   1.00 30.29 ? 129  ASN A CG  1 
ATOM   998  O  OD1 . ASN A 1 134 ? -5.305  -5.681  9.260   1.00 29.90 ? 129  ASN A OD1 1 
ATOM   999  N  ND2 . ASN A 1 134 ? -6.231  -3.739  8.478   1.00 25.47 ? 129  ASN A ND2 1 
ATOM   1000 N  N   . THR A 1 135 ? -2.478  -1.421  11.283  1.00 29.10 ? 130  THR A N   1 
ATOM   1001 C  CA  . THR A 1 135 ? -1.127  -1.056  11.681  1.00 29.41 ? 130  THR A CA  1 
ATOM   1002 C  C   . THR A 1 135 ? -1.005  0.281   12.460  1.00 29.20 ? 130  THR A C   1 
ATOM   1003 O  O   . THR A 1 135 ? 0.089   0.626   12.918  1.00 28.17 ? 130  THR A O   1 
ATOM   1004 C  CB  . THR A 1 135 ? -0.175  -1.021  10.450  1.00 29.64 ? 130  THR A CB  1 
ATOM   1005 O  OG1 . THR A 1 135 ? -0.402  0.152   9.671   1.00 29.43 ? 130  THR A OG1 1 
ATOM   1006 C  CG2 . THR A 1 135 ? -0.338  -2.235  9.556   1.00 31.47 ? 130  THR A CG2 1 
ATOM   1007 N  N   . GLY A 1 136 ? -2.115  0.994   12.643  1.00 29.27 ? 131  GLY A N   1 
ATOM   1008 C  CA  . GLY A 1 136 ? -2.103  2.346   13.221  1.00 28.96 ? 131  GLY A CA  1 
ATOM   1009 C  C   . GLY A 1 136 ? -1.510  2.397   14.630  1.00 28.71 ? 131  GLY A C   1 
ATOM   1010 O  O   . GLY A 1 136 ? -0.666  3.234   14.914  1.00 26.57 ? 131  GLY A O   1 
ATOM   1011 N  N   . GLU A 1 137 ? -1.956  1.489   15.499  1.00 29.13 ? 132  GLU A N   1 
ATOM   1012 C  CA  . GLU A 1 137 ? -1.422  1.376   16.848  1.00 29.33 ? 132  GLU A CA  1 
ATOM   1013 C  C   . GLU A 1 137 ? 0.074   0.983   16.842  1.00 28.34 ? 132  GLU A C   1 
ATOM   1014 O  O   . GLU A 1 137 ? 0.886   1.525   17.625  1.00 28.70 ? 132  GLU A O   1 
ATOM   1015 C  CB  . GLU A 1 137 ? -2.280  0.362   17.650  1.00 29.43 ? 132  GLU A CB  1 
ATOM   1016 C  CG  . GLU A 1 137 ? -1.797  0.056   19.061  1.00 32.69 ? 132  GLU A CG  1 
ATOM   1017 C  CD  . GLU A 1 137 ? -1.930  1.231   20.028  1.00 39.45 ? 132  GLU A CD  1 
ATOM   1018 O  OE1 . GLU A 1 137 ? -2.749  1.142   20.977  1.00 44.43 ? 132  GLU A OE1 1 
ATOM   1019 O  OE2 . GLU A 1 137 ? -1.213  2.242   19.852  1.00 43.69 ? 132  GLU A OE2 1 
ATOM   1020 N  N   . TRP A 1 138 ? 0.422   0.011   16.006  1.00 28.15 ? 133  TRP A N   1 
ATOM   1021 C  CA  . TRP A 1 138 ? 1.809   -0.421  15.837  1.00 27.37 ? 133  TRP A CA  1 
ATOM   1022 C  C   . TRP A 1 138 ? 2.705   0.782   15.436  1.00 26.83 ? 133  TRP A C   1 
ATOM   1023 O  O   . TRP A 1 138 ? 3.778   0.976   15.987  1.00 26.60 ? 133  TRP A O   1 
ATOM   1024 C  CB  . TRP A 1 138 ? 1.914   -1.532  14.777  1.00 27.41 ? 133  TRP A CB  1 
ATOM   1025 C  CG  . TRP A 1 138 ? 3.272   -2.100  14.734  1.00 27.31 ? 133  TRP A CG  1 
ATOM   1026 C  CD1 . TRP A 1 138 ? 3.753   -3.137  15.480  1.00 27.86 ? 133  TRP A CD1 1 
ATOM   1027 C  CD2 . TRP A 1 138 ? 4.362   -1.619  13.960  1.00 26.82 ? 133  TRP A CD2 1 
ATOM   1028 N  NE1 . TRP A 1 138 ? 5.068   -3.355  15.184  1.00 26.90 ? 133  TRP A NE1 1 
ATOM   1029 C  CE2 . TRP A 1 138 ? 5.465   -2.436  14.249  1.00 27.80 ? 133  TRP A CE2 1 
ATOM   1030 C  CE3 . TRP A 1 138 ? 4.502   -0.605  12.999  1.00 26.82 ? 133  TRP A CE3 1 
ATOM   1031 C  CZ2 . TRP A 1 138 ? 6.706   -2.245  13.651  1.00 28.29 ? 133  TRP A CZ2 1 
ATOM   1032 C  CZ3 . TRP A 1 138 ? 5.728   -0.432  12.401  1.00 25.98 ? 133  TRP A CZ3 1 
ATOM   1033 C  CH2 . TRP A 1 138 ? 6.810   -1.238  12.733  1.00 27.65 ? 133  TRP A CH2 1 
ATOM   1034 N  N   . ILE A 1 139 ? 2.243   1.589   14.488  1.00 26.53 ? 134  ILE A N   1 
ATOM   1035 C  CA  . ILE A 1 139 ? 3.014   2.750   14.039  1.00 27.15 ? 134  ILE A CA  1 
ATOM   1036 C  C   . ILE A 1 139 ? 3.301   3.709   15.218  1.00 26.95 ? 134  ILE A C   1 
ATOM   1037 O  O   . ILE A 1 139 ? 4.436   4.168   15.408  1.00 25.74 ? 134  ILE A O   1 
ATOM   1038 C  CB  . ILE A 1 139 ? 2.320   3.492   12.886  1.00 27.39 ? 134  ILE A CB  1 
ATOM   1039 C  CG1 . ILE A 1 139 ? 2.314   2.629   11.605  1.00 28.40 ? 134  ILE A CG1 1 
ATOM   1040 C  CG2 . ILE A 1 139 ? 3.021   4.823   12.626  1.00 27.51 ? 134  ILE A CG2 1 
ATOM   1041 C  CD1 . ILE A 1 139 ? 1.520   3.240   10.445  1.00 28.77 ? 134  ILE A CD1 1 
ATOM   1042 N  N   . ARG A 1 140 ? 2.297   3.991   16.031  1.00 27.78 ? 135  ARG A N   1 
ATOM   1043 C  CA  . ARG A 1 140 ? 2.555   4.901   17.146  1.00 29.73 ? 135  ARG A CA  1 
ATOM   1044 C  C   . ARG A 1 140 ? 3.427   4.259   18.219  1.00 28.56 ? 135  ARG A C   1 
ATOM   1045 O  O   . ARG A 1 140 ? 4.160   4.946   18.887  1.00 28.60 ? 135  ARG A O   1 
ATOM   1046 C  CB  . ARG A 1 140 ? 1.305   5.554   17.733  1.00 30.15 ? 135  ARG A CB  1 
ATOM   1047 C  CG  . ARG A 1 140 ? -0.016  4.881   17.548  1.00 33.02 ? 135  ARG A CG  1 
ATOM   1048 C  CD  . ARG A 1 140 ? -1.083  5.627   18.374  1.00 35.22 ? 135  ARG A CD  1 
ATOM   1049 N  NE  . ARG A 1 140 ? -2.010  4.725   19.070  1.00 38.62 ? 135  ARG A NE  1 
ATOM   1050 C  CZ  . ARG A 1 140 ? -2.999  4.053   18.477  1.00 40.64 ? 135  ARG A CZ  1 
ATOM   1051 N  NH1 . ARG A 1 140 ? -3.198  4.148   17.166  1.00 41.61 ? 135  ARG A NH1 1 
ATOM   1052 N  NH2 . ARG A 1 140 ? -3.793  3.271   19.202  1.00 40.87 ? 135  ARG A NH2 1 
ATOM   1053 N  N   . GLN A 1 141 ? 3.367   2.940   18.348  1.00 28.76 ? 136  GLN A N   1 
ATOM   1054 C  CA  . GLN A 1 141 ? 4.191   2.202   19.312  1.00 29.29 ? 136  GLN A CA  1 
ATOM   1055 C  C   . GLN A 1 141 ? 5.636   1.967   18.833  1.00 28.69 ? 136  GLN A C   1 
ATOM   1056 O  O   . GLN A 1 141 ? 6.501   1.523   19.616  1.00 28.76 ? 136  GLN A O   1 
ATOM   1057 C  CB  . GLN A 1 141 ? 3.529   0.857   19.629  1.00 28.93 ? 136  GLN A CB  1 
ATOM   1058 C  CG  . GLN A 1 141 ? 2.213   0.960   20.414  1.00 31.19 ? 136  GLN A CG  1 
ATOM   1059 C  CD  . GLN A 1 141 ? 1.456   -0.378  20.491  1.00 33.09 ? 136  GLN A CD  1 
ATOM   1060 O  OE1 . GLN A 1 141 ? 1.772   -1.336  19.766  1.00 41.74 ? 136  GLN A OE1 1 
ATOM   1061 N  NE2 . GLN A 1 141 ? 0.436   -0.438  21.355  1.00 38.30 ? 136  GLN A NE2 1 
ATOM   1062 N  N   . ASN A 1 142 ? 5.904   2.245   17.562  1.00 28.28 ? 137  ASN A N   1 
ATOM   1063 C  CA  . ASN A 1 142 ? 7.203   1.962   16.972  1.00 28.50 ? 137  ASN A CA  1 
ATOM   1064 C  C   . ASN A 1 142 ? 7.881   3.171   16.310  1.00 28.45 ? 137  ASN A C   1 
ATOM   1065 O  O   . ASN A 1 142 ? 8.581   3.020   15.302  1.00 29.44 ? 137  ASN A O   1 
ATOM   1066 C  CB  . ASN A 1 142 ? 7.086   0.777   15.993  1.00 28.80 ? 137  ASN A CB  1 
ATOM   1067 C  CG  . ASN A 1 142 ? 6.915   -0.547  16.710  1.00 29.53 ? 137  ASN A CG  1 
ATOM   1068 O  OD1 . ASN A 1 142 ? 7.892   -1.240  16.972  1.00 31.02 ? 137  ASN A OD1 1 
ATOM   1069 N  ND2 . ASN A 1 142 ? 5.672   -0.892  17.059  1.00 28.50 ? 137  ASN A ND2 1 
ATOM   1070 N  N   . GLY A 1 143 ? 7.673   4.352   16.882  1.00 27.93 ? 138  GLY A N   1 
ATOM   1071 C  CA  . GLY A 1 143 ? 8.461   5.548   16.545  1.00 28.10 ? 138  GLY A CA  1 
ATOM   1072 C  C   . GLY A 1 143 ? 7.773   6.515   15.596  1.00 27.71 ? 138  GLY A C   1 
ATOM   1073 O  O   . GLY A 1 143 ? 8.278   7.625   15.363  1.00 28.32 ? 138  GLY A O   1 
ATOM   1074 N  N   . GLY A 1 144 ? 6.610   6.124   15.087  1.00 26.84 ? 139  GLY A N   1 
ATOM   1075 C  CA  . GLY A 1 144 ? 5.893   6.933   14.112  1.00 27.40 ? 139  GLY A CA  1 
ATOM   1076 C  C   . GLY A 1 144 ? 6.686   7.041   12.821  1.00 28.05 ? 139  GLY A C   1 
ATOM   1077 O  O   . GLY A 1 144 ? 7.686   6.342   12.625  1.00 27.67 ? 139  GLY A O   1 
ATOM   1078 N  N   . TRP A 1 145 ? 6.242   7.925   11.937  1.00 29.30 ? 140  TRP A N   1 
ATOM   1079 C  CA  . TRP A 1 145 ? 6.857   8.064   10.616  1.00 29.89 ? 140  TRP A CA  1 
ATOM   1080 C  C   . TRP A 1 145 ? 8.259   8.683   10.622  1.00 30.51 ? 140  TRP A C   1 
ATOM   1081 O  O   . TRP A 1 145 ? 9.109   8.340   9.793   1.00 30.00 ? 140  TRP A O   1 
ATOM   1082 C  CB  . TRP A 1 145 ? 5.924   8.870   9.715   1.00 30.71 ? 140  TRP A CB  1 
ATOM   1083 C  CG  . TRP A 1 145 ? 4.702   8.103   9.436   1.00 31.41 ? 140  TRP A CG  1 
ATOM   1084 C  CD1 . TRP A 1 145 ? 3.505   8.195   10.081  1.00 32.91 ? 140  TRP A CD1 1 
ATOM   1085 C  CD2 . TRP A 1 145 ? 4.575   7.038   8.498   1.00 31.64 ? 140  TRP A CD2 1 
ATOM   1086 N  NE1 . TRP A 1 145 ? 2.625   7.271   9.565   1.00 32.26 ? 140  TRP A NE1 1 
ATOM   1087 C  CE2 . TRP A 1 145 ? 3.263   6.546   8.599   1.00 31.22 ? 140  TRP A CE2 1 
ATOM   1088 C  CE3 . TRP A 1 145 ? 5.442   6.468   7.564   1.00 32.36 ? 140  TRP A CE3 1 
ATOM   1089 C  CZ2 . TRP A 1 145 ? 2.786   5.524   7.786   1.00 32.77 ? 140  TRP A CZ2 1 
ATOM   1090 C  CZ3 . TRP A 1 145 ? 4.973   5.432   6.769   1.00 33.30 ? 140  TRP A CZ3 1 
ATOM   1091 C  CH2 . TRP A 1 145 ? 3.655   4.974   6.886   1.00 32.15 ? 140  TRP A CH2 1 
ATOM   1092 N  N   . GLU A 1 146 ? 8.505   9.600   11.542  1.00 30.89 ? 141  GLU A N   1 
ATOM   1093 C  CA  . GLU A 1 146 ? 9.774   10.326  11.528  1.00 32.04 ? 141  GLU A CA  1 
ATOM   1094 C  C   . GLU A 1 146 ? 10.811  9.573   12.354  1.00 31.17 ? 141  GLU A C   1 
ATOM   1095 O  O   . GLU A 1 146 ? 11.923  9.323   11.882  1.00 31.07 ? 141  GLU A O   1 
ATOM   1096 C  CB  . GLU A 1 146 ? 9.610   11.767  12.031  1.00 32.75 ? 141  GLU A CB  1 
ATOM   1097 C  CG  . GLU A 1 146 ? 8.376   12.513  11.476  1.00 36.34 ? 141  GLU A CG  1 
ATOM   1098 C  CD  . GLU A 1 146 ? 8.347   12.615  9.955   1.00 41.62 ? 141  GLU A CD  1 
ATOM   1099 O  OE1 . GLU A 1 146 ? 9.375   13.036  9.362   1.00 45.20 ? 141  GLU A OE1 1 
ATOM   1100 O  OE2 . GLU A 1 146 ? 7.283   12.305  9.354   1.00 43.85 ? 141  GLU A OE2 1 
ATOM   1101 N  N   . ASP A 1 147 ? 10.438  9.190   13.569  1.00 30.19 ? 142  ASP A N   1 
ATOM   1102 C  CA  . ASP A 1 147 ? 11.366  8.521   14.473  1.00 30.05 ? 142  ASP A CA  1 
ATOM   1103 C  C   . ASP A 1 147 ? 11.366  7.004   14.334  1.00 29.33 ? 142  ASP A C   1 
ATOM   1104 O  O   . ASP A 1 147 ? 12.134  6.329   15.012  1.00 29.19 ? 142  ASP A O   1 
ATOM   1105 C  CB  . ASP A 1 147 ? 11.059  8.906   15.923  1.00 30.35 ? 142  ASP A CB  1 
ATOM   1106 C  CG  . ASP A 1 147 ? 11.649  10.233  16.295  1.00 32.66 ? 142  ASP A CG  1 
ATOM   1107 O  OD1 . ASP A 1 147 ? 12.893  10.379  16.177  1.00 35.17 ? 142  ASP A OD1 1 
ATOM   1108 O  OD2 . ASP A 1 147 ? 10.877  11.125  16.712  1.00 36.66 ? 142  ASP A OD2 1 
ATOM   1109 N  N   . GLY A 1 148 ? 10.497  6.475   13.479  1.00 27.91 ? 143  GLY A N   1 
ATOM   1110 C  CA  . GLY A 1 148 ? 10.424  5.041   13.232  1.00 27.73 ? 143  GLY A CA  1 
ATOM   1111 C  C   . GLY A 1 148 ? 10.786  4.738   11.787  1.00 27.42 ? 143  GLY A C   1 
ATOM   1112 O  O   . GLY A 1 148 ? 11.842  4.193   11.507  1.00 26.35 ? 143  GLY A O   1 
ATOM   1113 N  N   . PHE A 1 149 ? 9.916   5.137   10.869  1.00 27.82 ? 144  PHE A N   1 
ATOM   1114 C  CA  . PHE A 1 149 ? 10.051  4.735   9.478   1.00 28.35 ? 144  PHE A CA  1 
ATOM   1115 C  C   . PHE A 1 149 ? 11.336  5.292   8.876   1.00 28.09 ? 144  PHE A C   1 
ATOM   1116 O  O   . PHE A 1 149 ? 12.151  4.545   8.365   1.00 26.81 ? 144  PHE A O   1 
ATOM   1117 C  CB  . PHE A 1 149 ? 8.850   5.208   8.648   1.00 28.49 ? 144  PHE A CB  1 
ATOM   1118 C  CG  . PHE A 1 149 ? 8.967   4.880   7.201   1.00 28.98 ? 144  PHE A CG  1 
ATOM   1119 C  CD1 . PHE A 1 149 ? 9.039   5.882   6.242   1.00 29.75 ? 144  PHE A CD1 1 
ATOM   1120 C  CD2 . PHE A 1 149 ? 9.033   3.557   6.790   1.00 29.84 ? 144  PHE A CD2 1 
ATOM   1121 C  CE1 . PHE A 1 149 ? 9.155   5.563   4.898   1.00 30.77 ? 144  PHE A CE1 1 
ATOM   1122 C  CE2 . PHE A 1 149 ? 9.144   3.231   5.440   1.00 29.97 ? 144  PHE A CE2 1 
ATOM   1123 C  CZ  . PHE A 1 149 ? 9.216   4.227   4.502   1.00 27.93 ? 144  PHE A CZ  1 
ATOM   1124 N  N   . ILE A 1 150 ? 11.517  6.613   8.964   1.00 29.43 ? 145  ILE A N   1 
ATOM   1125 C  CA  . ILE A 1 150 ? 12.693  7.278   8.357   1.00 30.29 ? 145  ILE A CA  1 
ATOM   1126 C  C   . ILE A 1 150 ? 14.019  6.782   8.944   1.00 29.86 ? 145  ILE A C   1 
ATOM   1127 O  O   . ILE A 1 150 ? 15.023  6.664   8.236   1.00 29.33 ? 145  ILE A O   1 
ATOM   1128 C  CB  . ILE A 1 150 ? 12.620  8.819   8.524   1.00 30.33 ? 145  ILE A CB  1 
ATOM   1129 C  CG1 . ILE A 1 150 ? 11.472  9.391   7.692   1.00 31.36 ? 145  ILE A CG1 1 
ATOM   1130 C  CG2 . ILE A 1 150 ? 13.926  9.472   8.133   1.00 31.41 ? 145  ILE A CG2 1 
ATOM   1131 C  CD1 . ILE A 1 150 ? 11.204  10.855  7.979   1.00 32.73 ? 145  ILE A CD1 1 
ATOM   1132 N  N   . LYS A 1 151 ? 14.020  6.498   10.243  1.00 30.18 ? 146  LYS A N   1 
ATOM   1133 C  CA  . LYS A 1 151 ? 15.210  5.990   10.913  1.00 30.21 ? 146  LYS A CA  1 
ATOM   1134 C  C   . LYS A 1 151 ? 15.660  4.643   10.343  1.00 30.55 ? 146  LYS A C   1 
ATOM   1135 O  O   . LYS A 1 151 ? 16.826  4.300   10.442  1.00 29.95 ? 146  LYS A O   1 
ATOM   1136 C  CB  . LYS A 1 151 ? 14.978  5.882   12.430  1.00 30.46 ? 146  LYS A CB  1 
ATOM   1137 N  N   . LYS A 1 152 ? 14.746  3.885   9.729   1.00 31.12 ? 147  LYS A N   1 
ATOM   1138 C  CA  . LYS A 1 152 ? 15.126  2.625   9.073   1.00 31.74 ? 147  LYS A CA  1 
ATOM   1139 C  C   . LYS A 1 152 ? 16.133  2.806   7.940   1.00 32.55 ? 147  LYS A C   1 
ATOM   1140 O  O   . LYS A 1 152 ? 16.813  1.849   7.556   1.00 32.20 ? 147  LYS A O   1 
ATOM   1141 C  CB  . LYS A 1 152 ? 13.910  1.882   8.525   1.00 31.47 ? 147  LYS A CB  1 
ATOM   1142 C  CG  . LYS A 1 152 ? 12.847  1.538   9.550   1.00 33.30 ? 147  LYS A CG  1 
ATOM   1143 C  CD  . LYS A 1 152 ? 13.374  0.769   10.740  1.00 34.15 ? 147  LYS A CD  1 
ATOM   1144 C  CE  . LYS A 1 152 ? 13.516  -0.691  10.441  1.00 35.22 ? 147  LYS A CE  1 
ATOM   1145 N  NZ  . LYS A 1 152 ? 13.965  -1.435  11.655  1.00 36.44 ? 147  LYS A NZ  1 
ATOM   1146 N  N   . PHE A 1 153 ? 16.232  4.024   7.410   1.00 33.15 ? 148  PHE A N   1 
ATOM   1147 C  CA  . PHE A 1 153 ? 17.122  4.288   6.293   1.00 33.50 ? 148  PHE A CA  1 
ATOM   1148 C  C   . PHE A 1 153 ? 18.415  4.995   6.700   1.00 34.82 ? 148  PHE A C   1 
ATOM   1149 O  O   . PHE A 1 153 ? 19.346  5.069   5.909   1.00 34.88 ? 148  PHE A O   1 
ATOM   1150 C  CB  . PHE A 1 153 ? 16.371  5.081   5.231   1.00 32.67 ? 148  PHE A CB  1 
ATOM   1151 C  CG  . PHE A 1 153 ? 15.139  4.386   4.753   1.00 31.99 ? 148  PHE A CG  1 
ATOM   1152 C  CD1 . PHE A 1 153 ? 13.935  4.557   5.424   1.00 30.27 ? 148  PHE A CD1 1 
ATOM   1153 C  CD2 . PHE A 1 153 ? 15.195  3.509   3.688   1.00 30.96 ? 148  PHE A CD2 1 
ATOM   1154 C  CE1 . PHE A 1 153 ? 12.789  3.910   5.012   1.00 31.96 ? 148  PHE A CE1 1 
ATOM   1155 C  CE2 . PHE A 1 153 ? 14.044  2.849   3.263   1.00 32.11 ? 148  PHE A CE2 1 
ATOM   1156 C  CZ  . PHE A 1 153 ? 12.845  3.043   3.935   1.00 31.78 ? 148  PHE A CZ  1 
ATOM   1157 N  N   . GLU A 1 154 ? 18.484  5.480   7.938   1.00 36.12 ? 149  GLU A N   1 
ATOM   1158 C  CA  . GLU A 1 154 ? 19.644  6.236   8.398   1.00 37.11 ? 149  GLU A CA  1 
ATOM   1159 C  C   . GLU A 1 154 ? 20.626  5.346   9.146   1.00 37.28 ? 149  GLU A C   1 
ATOM   1160 O  O   . GLU A 1 154 ? 20.472  5.120   10.348  1.00 38.14 ? 149  GLU A O   1 
ATOM   1161 C  CB  . GLU A 1 154 ? 19.183  7.384   9.291   1.00 37.25 ? 149  GLU A CB  1 
ATOM   1162 C  CG  . GLU A 1 154 ? 18.172  8.287   8.618   1.00 37.60 ? 149  GLU A CG  1 
ATOM   1163 C  CD  . GLU A 1 154 ? 17.615  9.338   9.555   1.00 38.19 ? 149  GLU A CD  1 
ATOM   1164 O  OE1 . GLU A 1 154 ? 17.665  9.136   10.791  1.00 39.76 ? 149  GLU A OE1 1 
ATOM   1165 O  OE2 . GLU A 1 154 ? 17.119  10.367  9.049   1.00 40.96 ? 149  GLU A OE2 1 
ATOM   1166 N  N   . ARG B 2 4   ? -6.229  -18.313 -6.017  1.00 32.45 ? 129  ARG B N   1 
ATOM   1167 C  CA  . ARG B 2 4   ? -4.838  -18.798 -6.240  1.00 32.13 ? 129  ARG B CA  1 
ATOM   1168 C  C   . ARG B 2 4   ? -3.914  -17.624 -6.574  1.00 31.02 ? 129  ARG B C   1 
ATOM   1169 O  O   . ARG B 2 4   ? -2.823  -17.499 -6.019  1.00 31.40 ? 129  ARG B O   1 
ATOM   1170 C  CB  . ARG B 2 4   ? -4.794  -19.848 -7.355  1.00 32.69 ? 129  ARG B CB  1 
ATOM   1171 N  N   . ALA B 2 5   ? -4.348  -16.764 -7.487  1.00 30.39 ? 130  ALA B N   1 
ATOM   1172 C  CA  . ALA B 2 5   ? -3.598  -15.556 -7.794  1.00 29.27 ? 130  ALA B CA  1 
ATOM   1173 C  C   . ALA B 2 5   ? -3.426  -14.637 -6.567  1.00 28.60 ? 130  ALA B C   1 
ATOM   1174 O  O   . ALA B 2 5   ? -2.362  -14.063 -6.377  1.00 28.15 ? 130  ALA B O   1 
ATOM   1175 C  CB  . ALA B 2 5   ? -4.251  -14.805 -8.929  1.00 29.54 ? 130  ALA B CB  1 
ATOM   1176 N  N   . GLU B 2 6   ? -4.470  -14.496 -5.752  1.00 28.03 ? 131  GLU B N   1 
ATOM   1177 C  CA  . GLU B 2 6   ? -4.398  -13.650 -4.555  1.00 28.03 ? 131  GLU B CA  1 
ATOM   1178 C  C   . GLU B 2 6   ? -3.430  -14.215 -3.521  1.00 27.83 ? 131  GLU B C   1 
ATOM   1179 O  O   . GLU B 2 6   ? -2.740  -13.472 -2.844  1.00 27.38 ? 131  GLU B O   1 
ATOM   1180 C  CB  . GLU B 2 6   ? -5.781  -13.471 -3.931  1.00 27.95 ? 131  GLU B CB  1 
ATOM   1181 C  CG  . GLU B 2 6   ? -6.741  -12.661 -4.777  1.00 27.65 ? 131  GLU B CG  1 
ATOM   1182 C  CD  . GLU B 2 6   ? -8.090  -12.454 -4.092  1.00 28.87 ? 131  GLU B CD  1 
ATOM   1183 O  OE1 . GLU B 2 6   ? -8.756  -11.437 -4.361  1.00 31.28 ? 131  GLU B OE1 1 
ATOM   1184 O  OE2 . GLU B 2 6   ? -8.507  -13.298 -3.283  1.00 26.82 ? 131  GLU B OE2 1 
ATOM   1185 N  N   . VAL B 2 7   ? -3.368  -15.543 -3.411  1.00 27.72 ? 132  VAL B N   1 
ATOM   1186 C  CA  . VAL B 2 7   ? -2.402  -16.179 -2.517  1.00 27.72 ? 132  VAL B CA  1 
ATOM   1187 C  C   . VAL B 2 7   ? -0.947  -16.000 -2.954  1.00 27.25 ? 132  VAL B C   1 
ATOM   1188 O  O   . VAL B 2 7   ? -0.072  -15.721 -2.124  1.00 27.22 ? 132  VAL B O   1 
ATOM   1189 C  CB  . VAL B 2 7   ? -2.689  -17.697 -2.356  1.00 27.88 ? 132  VAL B CB  1 
ATOM   1190 C  CG1 . VAL B 2 7   ? -1.496  -18.411 -1.692  1.00 28.96 ? 132  VAL B CG1 1 
ATOM   1191 C  CG2 . VAL B 2 7   ? -3.956  -17.898 -1.554  1.00 29.34 ? 132  VAL B CG2 1 
ATOM   1192 N  N   . GLN B 2 8   ? -0.661  -16.189 -4.235  1.00 26.63 ? 133  GLN B N   1 
ATOM   1193 C  CA  . GLN B 2 8   ? 0.716   -16.009 -4.682  1.00 26.22 ? 133  GLN B CA  1 
ATOM   1194 C  C   . GLN B 2 8   ? 1.115   -14.532 -4.607  1.00 25.28 ? 133  GLN B C   1 
ATOM   1195 O  O   . GLN B 2 8   ? 2.266   -14.254 -4.318  1.00 24.98 ? 133  GLN B O   1 
ATOM   1196 C  CB  . GLN B 2 8   ? 0.985   -16.602 -6.073  1.00 27.73 ? 133  GLN B CB  1 
ATOM   1197 C  CG  . GLN B 2 8   ? 1.888   -17.918 -6.158  1.00 30.19 ? 133  GLN B CG  1 
ATOM   1198 C  CD  . GLN B 2 8   ? 2.140   -18.672 -4.820  1.00 34.96 ? 133  GLN B CD  1 
ATOM   1199 O  OE1 . GLN B 2 8   ? 3.295   -18.803 -4.370  1.00 38.81 ? 133  GLN B OE1 1 
ATOM   1200 N  NE2 . GLN B 2 8   ? 1.071   -19.153 -4.192  1.00 36.13 ? 133  GLN B NE2 1 
ATOM   1201 N  N   . ILE B 2 9   ? 0.181   -13.601 -4.834  1.00 24.13 ? 134  ILE B N   1 
ATOM   1202 C  CA  . ILE B 2 9   ? 0.498   -12.169 -4.647  1.00 23.64 ? 134  ILE B CA  1 
ATOM   1203 C  C   . ILE B 2 9   ? 0.816   -11.878 -3.175  1.00 22.23 ? 134  ILE B C   1 
ATOM   1204 O  O   . ILE B 2 9   ? 1.872   -11.340 -2.860  1.00 20.90 ? 134  ILE B O   1 
ATOM   1205 C  CB  . ILE B 2 9   ? -0.614  -11.216 -5.149  1.00 23.20 ? 134  ILE B CB  1 
ATOM   1206 C  CG1 . ILE B 2 9   ? -0.719  -11.282 -6.677  1.00 23.77 ? 134  ILE B CG1 1 
ATOM   1207 C  CG2 . ILE B 2 9   ? -0.257  -9.757  -4.790  1.00 23.54 ? 134  ILE B CG2 1 
ATOM   1208 C  CD1 . ILE B 2 9   ? -2.080  -10.902 -7.235  1.00 24.34 ? 134  ILE B CD1 1 
ATOM   1209 N  N   . ALA B 2 10  ? -0.110  -12.243 -2.289  1.00 21.41 ? 135  ALA B N   1 
ATOM   1210 C  CA  . ALA B 2 10  ? 0.075   -12.058 -0.853  1.00 21.16 ? 135  ALA B CA  1 
ATOM   1211 C  C   . ALA B 2 10  ? 1.420   -12.652 -0.353  1.00 21.29 ? 135  ALA B C   1 
ATOM   1212 O  O   . ALA B 2 10  ? 2.144   -12.011 0.412   1.00 19.43 ? 135  ALA B O   1 
ATOM   1213 C  CB  . ALA B 2 10  ? -1.130  -12.653 -0.090  1.00 21.18 ? 135  ALA B CB  1 
ATOM   1214 N  N   . ARG B 2 11  ? 1.765   -13.856 -0.831  1.00 21.93 ? 136  ARG B N   1 
ATOM   1215 C  CA  . ARG B 2 11  ? 2.982   -14.521 -0.418  1.00 22.52 ? 136  ARG B CA  1 
ATOM   1216 C  C   . ARG B 2 11  ? 4.179   -13.743 -0.934  1.00 21.94 ? 136  ARG B C   1 
ATOM   1217 O  O   . ARG B 2 11  ? 5.163   -13.607 -0.240  1.00 21.29 ? 136  ARG B O   1 
ATOM   1218 C  CB  . ARG B 2 11  ? 3.042   -15.989 -0.909  1.00 23.11 ? 136  ARG B CB  1 
ATOM   1219 C  CG  . ARG B 2 11  ? 2.174   -16.988 -0.107  1.00 24.55 ? 136  ARG B CG  1 
ATOM   1220 C  CD  . ARG B 2 11  ? 2.164   -18.395 -0.760  1.00 25.39 ? 136  ARG B CD  1 
ATOM   1221 N  NE  . ARG B 2 11  ? 3.535   -18.812 -1.058  1.00 29.18 ? 136  ARG B NE  1 
ATOM   1222 C  CZ  . ARG B 2 11  ? 4.366   -19.402 -0.191  1.00 30.33 ? 136  ARG B CZ  1 
ATOM   1223 N  NH1 . ARG B 2 11  ? 3.968   -19.707 1.043   1.00 31.04 ? 136  ARG B NH1 1 
ATOM   1224 N  NH2 . ARG B 2 11  ? 5.603   -19.717 -0.582  1.00 29.65 ? 136  ARG B NH2 1 
ATOM   1225 N  N   . LYS B 2 12  ? 4.090   -13.204 -2.138  1.00 21.66 ? 137  LYS B N   1 
ATOM   1226 C  CA  . LYS B 2 12  ? 5.204   -12.409 -2.650  1.00 21.27 ? 137  LYS B CA  1 
ATOM   1227 C  C   . LYS B 2 12  ? 5.373   -11.135 -1.845  1.00 20.39 ? 137  LYS B C   1 
ATOM   1228 O  O   . LYS B 2 12  ? 6.485   -10.745 -1.559  1.00 20.72 ? 137  LYS B O   1 
ATOM   1229 C  CB  . LYS B 2 12  ? 5.004   -12.061 -4.114  1.00 21.49 ? 137  LYS B CB  1 
ATOM   1230 C  CG  . LYS B 2 12  ? 6.176   -11.300 -4.754  1.00 23.95 ? 137  LYS B CG  1 
ATOM   1231 C  CD  . LYS B 2 12  ? 7.465   -12.131 -4.656  1.00 28.48 ? 137  LYS B CD  1 
ATOM   1232 C  CE  . LYS B 2 12  ? 8.397   -11.873 -5.816  1.00 32.69 ? 137  LYS B CE  1 
ATOM   1233 N  NZ  . LYS B 2 12  ? 8.737   -10.428 -5.979  1.00 33.53 ? 137  LYS B NZ  1 
ATOM   1234 N  N   . LEU B 2 13  ? 4.262   -10.490 -1.485  1.00 20.15 ? 138  LEU B N   1 
ATOM   1235 C  CA  . LEU B 2 13  ? 4.331   -9.271  -0.661  1.00 19.88 ? 138  LEU B CA  1 
ATOM   1236 C  C   . LEU B 2 13  ? 4.913   -9.565  0.724   1.00 20.70 ? 138  LEU B C   1 
ATOM   1237 O  O   . LEU B 2 13  ? 5.739   -8.821  1.231   1.00 21.44 ? 138  LEU B O   1 
ATOM   1238 C  CB  . LEU B 2 13  ? 2.954   -8.653  -0.554  1.00 19.70 ? 138  LEU B CB  1 
ATOM   1239 C  CG  . LEU B 2 13  ? 2.400   -8.121  -1.891  1.00 18.63 ? 138  LEU B CG  1 
ATOM   1240 C  CD1 . LEU B 2 13  ? 0.998   -7.684  -1.654  1.00 17.22 ? 138  LEU B CD1 1 
ATOM   1241 C  CD2 . LEU B 2 13  ? 3.266   -6.981  -2.416  1.00 20.33 ? 138  LEU B CD2 1 
ATOM   1242 N  N   . GLN B 2 14  ? 4.472   -10.659 1.335   1.00 21.86 ? 139  GLN B N   1 
ATOM   1243 C  CA  . GLN B 2 14  ? 5.106   -11.142 2.556   1.00 23.19 ? 139  GLN B CA  1 
ATOM   1244 C  C   . GLN B 2 14  ? 6.617   -11.312 2.371   1.00 23.26 ? 139  GLN B C   1 
ATOM   1245 O  O   . GLN B 2 14  ? 7.406   -10.883 3.205   1.00 22.92 ? 139  GLN B O   1 
ATOM   1246 C  CB  . GLN B 2 14  ? 4.495   -12.484 2.993   1.00 23.32 ? 139  GLN B CB  1 
ATOM   1247 C  CG  . GLN B 2 14  ? 3.077   -12.423 3.528   1.00 23.19 ? 139  GLN B CG  1 
ATOM   1248 C  CD  . GLN B 2 14  ? 2.577   -13.782 4.018   1.00 24.61 ? 139  GLN B CD  1 
ATOM   1249 O  OE1 . GLN B 2 14  ? 3.033   -14.819 3.559   1.00 25.63 ? 139  GLN B OE1 1 
ATOM   1250 N  NE2 . GLN B 2 14  ? 1.624   -13.770 4.925   1.00 25.04 ? 139  GLN B NE2 1 
ATOM   1251 N  N   . CYS B 2 15  ? 7.020   -11.926 1.268   1.00 24.65 ? 140  CYS B N   1 
ATOM   1252 C  CA  . CYS B 2 15  ? 8.434   -12.189 1.042   1.00 24.06 ? 140  CYS B CA  1 
ATOM   1253 C  C   . CYS B 2 15  ? 9.218   -10.891 0.884   1.00 21.88 ? 140  CYS B C   1 
ATOM   1254 O  O   . CYS B 2 15  ? 10.285  -10.716 1.481   1.00 20.00 ? 140  CYS B O   1 
ATOM   1255 C  CB  . CYS B 2 15  ? 8.611   -13.085 -0.186  1.00 24.74 ? 140  CYS B CB  1 
ATOM   1256 S  SG  . CYS B 2 15  ? 10.326  -13.499 -0.580  1.00 32.92 ? 140  CYS B SG  1 
ATOM   1257 N  N   . ILE B 2 16  ? 8.673   -9.980  0.084   1.00 20.92 ? 141  ILE B N   1 
ATOM   1258 C  CA  . ILE B 2 16  ? 9.265   -8.668  -0.090  1.00 21.03 ? 141  ILE B CA  1 
ATOM   1259 C  C   . ILE B 2 16  ? 9.328   -7.902  1.245   1.00 20.21 ? 141  ILE B C   1 
ATOM   1260 O  O   . ILE B 2 16  ? 10.339  -7.251  1.555   1.00 19.20 ? 141  ILE B O   1 
ATOM   1261 C  CB  . ILE B 2 16  ? 8.447   -7.842  -1.146  1.00 21.29 ? 141  ILE B CB  1 
ATOM   1262 C  CG1 . ILE B 2 16  ? 8.650   -8.422  -2.546  1.00 22.06 ? 141  ILE B CG1 1 
ATOM   1263 C  CG2 . ILE B 2 16  ? 8.815   -6.381  -1.067  1.00 24.05 ? 141  ILE B CG2 1 
ATOM   1264 C  CD1 . ILE B 2 16  ? 7.619   -8.019  -3.622  1.00 21.99 ? 141  ILE B CD1 1 
ATOM   1265 N  N   . ALA B 2 17  ? 8.244   -7.959  2.019   1.00 19.32 ? 142  ALA B N   1 
ATOM   1266 C  CA  . ALA B 2 17  ? 8.212   -7.261  3.319   1.00 19.94 ? 142  ALA B CA  1 
ATOM   1267 C  C   . ALA B 2 17  ? 9.328   -7.802  4.208   1.00 20.24 ? 142  ALA B C   1 
ATOM   1268 O  O   . ALA B 2 17  ? 10.038  -7.035  4.863   1.00 19.77 ? 142  ALA B O   1 
ATOM   1269 C  CB  . ALA B 2 17  ? 6.874   -7.444  4.005   1.00 19.54 ? 142  ALA B CB  1 
ATOM   1270 N  N   . ASP B 2 18  ? 9.481   -9.120  4.190   1.00 21.83 ? 143  ASP B N   1 
ATOM   1271 C  CA  . ASP B 2 18  ? 10.531  -9.796  4.958   1.00 23.21 ? 143  ASP B CA  1 
ATOM   1272 C  C   . ASP B 2 18  ? 11.916  -9.352  4.510   1.00 22.42 ? 143  ASP B C   1 
ATOM   1273 O  O   . ASP B 2 18  ? 12.795  -9.106  5.322   1.00 22.05 ? 143  ASP B O   1 
ATOM   1274 C  CB  . ASP B 2 18  ? 10.429  -11.317 4.802   1.00 24.25 ? 143  ASP B CB  1 
ATOM   1275 C  CG  . ASP B 2 18  ? 11.265  -12.074 5.849   1.00 28.62 ? 143  ASP B CG  1 
ATOM   1276 O  OD1 . ASP B 2 18  ? 11.216  -11.709 7.046   1.00 30.70 ? 143  ASP B OD1 1 
ATOM   1277 O  OD2 . ASP B 2 18  ? 11.947  -13.048 5.464   1.00 34.42 ? 143  ASP B OD2 1 
ATOM   1278 N  N   . GLN B 2 19  ? 12.114  -9.295  3.201   1.00 23.37 ? 144  GLN B N   1 
ATOM   1279 C  CA  . GLN B 2 19  ? 13.382  -8.829  2.648   1.00 23.93 ? 144  GLN B CA  1 
ATOM   1280 C  C   . GLN B 2 19  ? 13.740  -7.447  3.190   1.00 22.55 ? 144  GLN B C   1 
ATOM   1281 O  O   . GLN B 2 19  ? 14.844  -7.216  3.685   1.00 22.77 ? 144  GLN B O   1 
ATOM   1282 C  CB  . GLN B 2 19  ? 13.300  -8.823  1.118   1.00 23.92 ? 144  GLN B CB  1 
ATOM   1283 C  CG  . GLN B 2 19  ? 13.339  -10.229 0.531   1.00 26.91 ? 144  GLN B CG  1 
ATOM   1284 C  CD  . GLN B 2 19  ? 13.146  -10.274 -0.973  1.00 27.85 ? 144  GLN B CD  1 
ATOM   1285 O  OE1 . GLN B 2 19  ? 13.589  -11.228 -1.629  1.00 36.71 ? 144  GLN B OE1 1 
ATOM   1286 N  NE2 . GLN B 2 19  ? 12.486  -9.259  -1.530  1.00 31.12 ? 144  GLN B NE2 1 
ATOM   1287 N  N   . PHE B 2 20  ? 12.791  -6.523  3.118   1.00 21.97 ? 145  PHE B N   1 
ATOM   1288 C  CA  . PHE B 2 20  ? 13.006  -5.179  3.642   1.00 21.70 ? 145  PHE B CA  1 
ATOM   1289 C  C   . PHE B 2 20  ? 13.333  -5.202  5.143   1.00 22.10 ? 145  PHE B C   1 
ATOM   1290 O  O   . PHE B 2 20  ? 14.259  -4.534  5.613   1.00 21.39 ? 145  PHE B O   1 
ATOM   1291 C  CB  . PHE B 2 20  ? 11.753  -4.341  3.396   1.00 21.76 ? 145  PHE B CB  1 
ATOM   1292 C  CG  . PHE B 2 20  ? 11.841  -2.959  3.936   1.00 21.32 ? 145  PHE B CG  1 
ATOM   1293 C  CD1 . PHE B 2 20  ? 11.559  -2.705  5.270   1.00 21.40 ? 145  PHE B CD1 1 
ATOM   1294 C  CD2 . PHE B 2 20  ? 12.222  -1.898  3.114   1.00 22.99 ? 145  PHE B CD2 1 
ATOM   1295 C  CE1 . PHE B 2 20  ? 11.650  -1.427  5.784   1.00 20.50 ? 145  PHE B CE1 1 
ATOM   1296 C  CE2 . PHE B 2 20  ? 12.297  -0.604  3.620   1.00 21.52 ? 145  PHE B CE2 1 
ATOM   1297 C  CZ  . PHE B 2 20  ? 12.017  -0.371  4.958   1.00 22.65 ? 145  PHE B CZ  1 
ATOM   1298 N  N   . HIS B 2 21  ? 12.541  -5.958  5.890   1.00 22.69 ? 146  HIS B N   1 
ATOM   1299 C  CA  . HIS B 2 21  ? 12.674  -6.014  7.361   1.00 24.28 ? 146  HIS B CA  1 
ATOM   1300 C  C   . HIS B 2 21  ? 14.063  -6.510  7.743   1.00 26.02 ? 146  HIS B C   1 
ATOM   1301 O  O   . HIS B 2 21  ? 14.733  -5.929  8.592   1.00 26.02 ? 146  HIS B O   1 
ATOM   1302 C  CB  . HIS B 2 21  ? 11.609  -6.947  7.947   1.00 23.71 ? 146  HIS B CB  1 
ATOM   1303 C  CG  . HIS B 2 21  ? 11.662  -7.074  9.444   1.00 24.07 ? 146  HIS B CG  1 
ATOM   1304 N  ND1 . HIS B 2 21  ? 11.477  -6.001  10.288  1.00 22.77 ? 146  HIS B ND1 1 
ATOM   1305 C  CD2 . HIS B 2 21  ? 11.847  -8.153  10.244  1.00 23.79 ? 146  HIS B CD2 1 
ATOM   1306 C  CE1 . HIS B 2 21  ? 11.542  -6.415  11.544  1.00 24.79 ? 146  HIS B CE1 1 
ATOM   1307 N  NE2 . HIS B 2 21  ? 11.771  -7.715  11.542  1.00 23.13 ? 146  HIS B NE2 1 
ATOM   1308 N  N   . ARG B 2 22  ? 14.486  -7.577  7.084   1.00 28.43 ? 147  ARG B N   1 
ATOM   1309 C  CA  . ARG B 2 22  ? 15.806  -8.152  7.327   1.00 30.75 ? 147  ARG B CA  1 
ATOM   1310 C  C   . ARG B 2 22  ? 16.917  -7.181  6.966   1.00 31.04 ? 147  ARG B C   1 
ATOM   1311 O  O   . ARG B 2 22  ? 17.862  -7.011  7.742   1.00 31.22 ? 147  ARG B O   1 
ATOM   1312 C  CB  . ARG B 2 22  ? 15.946  -9.491  6.606   1.00 30.93 ? 147  ARG B CB  1 
ATOM   1313 C  CG  . ARG B 2 22  ? 15.109  -10.606 7.261   1.00 33.13 ? 147  ARG B CG  1 
ATOM   1314 C  CD  . ARG B 2 22  ? 15.551  -12.004 6.834   1.00 35.41 ? 147  ARG B CD  1 
ATOM   1315 N  NE  . ARG B 2 22  ? 14.432  -12.960 6.772   1.00 40.89 ? 147  ARG B NE  1 
ATOM   1316 C  CZ  . ARG B 2 22  ? 14.171  -13.922 7.668   1.00 43.44 ? 147  ARG B CZ  1 
ATOM   1317 N  NH1 . ARG B 2 22  ? 14.949  -14.111 8.727   1.00 45.93 ? 147  ARG B NH1 1 
ATOM   1318 N  NH2 . ARG B 2 22  ? 13.119  -14.729 7.495   1.00 43.89 ? 147  ARG B NH2 1 
ATOM   1319 N  N   . LEU B 2 23  ? 16.780  -6.480  5.845   1.00 32.15 ? 148  LEU B N   1 
ATOM   1320 C  CA  . LEU B 2 23  ? 17.787  -5.497  5.439   1.00 33.39 ? 148  LEU B CA  1 
ATOM   1321 C  C   . LEU B 2 23  ? 17.920  -4.369  6.439   1.00 33.69 ? 148  LEU B C   1 
ATOM   1322 O  O   . LEU B 2 23  ? 19.025  -3.974  6.781   1.00 34.40 ? 148  LEU B O   1 
ATOM   1323 C  CB  . LEU B 2 23  ? 17.475  -4.893  4.062   1.00 33.62 ? 148  LEU B CB  1 
ATOM   1324 C  CG  . LEU B 2 23  ? 18.072  -5.523  2.809   1.00 36.58 ? 148  LEU B CG  1 
ATOM   1325 C  CD1 . LEU B 2 23  ? 19.592  -5.639  2.909   1.00 37.64 ? 148  LEU B CD1 1 
ATOM   1326 C  CD2 . LEU B 2 23  ? 17.450  -6.881  2.502   1.00 38.30 ? 148  LEU B CD2 1 
ATOM   1327 N  N   . HIS B 2 24  ? 16.798  -3.842  6.911   1.00 34.43 ? 149  HIS B N   1 
ATOM   1328 C  CA  . HIS B 2 24  ? 16.839  -2.638  7.728   1.00 35.04 ? 149  HIS B CA  1 
ATOM   1329 C  C   . HIS B 2 24  ? 16.914  -2.892  9.242   1.00 35.48 ? 149  HIS B C   1 
ATOM   1330 O  O   . HIS B 2 24  ? 16.911  -1.942  10.029  1.00 35.36 ? 149  HIS B O   1 
ATOM   1331 C  CB  . HIS B 2 24  ? 15.675  -1.722  7.343   1.00 35.19 ? 149  HIS B CB  1 
ATOM   1332 C  CG  . HIS B 2 24  ? 15.774  -1.217  5.937   1.00 34.52 ? 149  HIS B CG  1 
ATOM   1333 N  ND1 . HIS B 2 24  ? 16.538  -0.122  5.597   1.00 36.20 ? 149  HIS B ND1 1 
ATOM   1334 C  CD2 . HIS B 2 24  ? 15.249  -1.686  4.779   1.00 34.46 ? 149  HIS B CD2 1 
ATOM   1335 C  CE1 . HIS B 2 24  ? 16.455  0.080   4.291   1.00 36.19 ? 149  HIS B CE1 1 
ATOM   1336 N  NE2 . HIS B 2 24  ? 15.682  -0.860  3.773   1.00 34.94 ? 149  HIS B NE2 1 
ATOM   1337 N  N   . THR B 2 25  ? 16.983  -4.161  9.633   1.00 36.18 ? 150  THR B N   1 
ATOM   1338 C  CA  . THR B 2 25  ? 17.287  -4.537  11.026  1.00 37.13 ? 150  THR B CA  1 
ATOM   1339 C  C   . THR B 2 25  ? 18.568  -5.342  11.087  1.00 37.26 ? 150  THR B C   1 
ATOM   1340 O  O   . THR B 2 25  ? 19.306  -5.224  12.068  1.00 38.49 ? 150  THR B O   1 
ATOM   1341 C  CB  . THR B 2 25  ? 16.164  -5.352  11.720  1.00 37.13 ? 150  THR B CB  1 
ATOM   1342 O  OG1 . THR B 2 25  ? 15.784  -6.478  10.910  1.00 37.95 ? 150  THR B OG1 1 
ATOM   1343 C  CG2 . THR B 2 25  ? 14.961  -4.486  12.004  1.00 37.78 ? 150  THR B CG2 1 
HETATM 1344 CL CL  . CL  C 3 .   ? 10.899  -3.196  9.069   1.00 27.01 ? 1150 CL  A CL  1 
HETATM 1345 CL CL  . CL  D 3 .   ? -8.072  12.677  5.638   0.50 26.23 ? 1151 CL  A CL  1 
HETATM 1346 O  O   . HOH E 4 .   ? 1.150   9.967   12.394  1.00 38.89 ? 2001 HOH A O   1 
HETATM 1347 O  O   . HOH E 4 .   ? -1.825  11.193  16.200  1.00 35.51 ? 2002 HOH A O   1 
HETATM 1348 O  O   . HOH E 4 .   ? -0.588  11.789  13.555  1.00 48.22 ? 2003 HOH A O   1 
HETATM 1349 O  O   . HOH E 4 .   ? -5.295  13.926  4.943   1.00 25.19 ? 2004 HOH A O   1 
HETATM 1350 O  O   . HOH E 4 .   ? -1.125  15.319  6.962   1.00 35.90 ? 2005 HOH A O   1 
HETATM 1351 O  O   . HOH E 4 .   ? 3.722   9.746   0.256   1.00 26.57 ? 2006 HOH A O   1 
HETATM 1352 O  O   . HOH E 4 .   ? 2.661   13.096  -5.035  1.00 37.43 ? 2007 HOH A O   1 
HETATM 1353 O  O   . HOH E 4 .   ? 2.267   13.671  3.800   1.00 39.21 ? 2008 HOH A O   1 
HETATM 1354 O  O   . HOH E 4 .   ? 10.527  6.327   -7.398  1.00 26.82 ? 2009 HOH A O   1 
HETATM 1355 O  O   . HOH E 4 .   ? 4.306   5.259   -11.834 1.00 41.20 ? 2010 HOH A O   1 
HETATM 1356 O  O   . HOH E 4 .   ? 4.902   7.898   -12.003 1.00 39.62 ? 2011 HOH A O   1 
HETATM 1357 O  O   . HOH E 4 .   ? 2.908   13.591  -8.033  1.00 41.33 ? 2012 HOH A O   1 
HETATM 1358 O  O   . HOH E 4 .   ? 4.909   13.594  6.061   1.00 37.13 ? 2013 HOH A O   1 
HETATM 1359 O  O   . HOH E 4 .   ? 11.480  3.812   -6.699  1.00 33.63 ? 2014 HOH A O   1 
HETATM 1360 O  O   . HOH E 4 .   ? 13.203  1.880   -8.165  1.00 35.86 ? 2015 HOH A O   1 
HETATM 1361 O  O   . HOH E 4 .   ? -16.994 0.689   -13.658 1.00 25.70 ? 2016 HOH A O   1 
HETATM 1362 O  O   . HOH E 4 .   ? -20.600 -1.013  -4.015  1.00 53.28 ? 2017 HOH A O   1 
HETATM 1363 O  O   . HOH E 4 .   ? -17.706 0.388   -8.136  1.00 28.20 ? 2018 HOH A O   1 
HETATM 1364 O  O   . HOH E 4 .   ? -12.361 -1.299  2.620   1.00 37.89 ? 2019 HOH A O   1 
HETATM 1365 O  O   . HOH E 4 .   ? -4.249  -9.916  11.730  1.00 42.20 ? 2020 HOH A O   1 
HETATM 1366 O  O   . HOH E 4 .   ? 2.150   -12.040 14.759  1.00 32.43 ? 2021 HOH A O   1 
HETATM 1367 O  O   . HOH E 4 .   ? -1.025  -7.566  14.601  1.00 24.04 ? 2022 HOH A O   1 
HETATM 1368 O  O   . HOH E 4 .   ? 4.378   -7.779  14.674  1.00 35.68 ? 2023 HOH A O   1 
HETATM 1369 O  O   . HOH E 4 .   ? 8.039   -9.572  7.488   1.00 32.41 ? 2024 HOH A O   1 
HETATM 1370 O  O   . HOH E 4 .   ? 8.387   -8.385  12.066  1.00 31.78 ? 2025 HOH A O   1 
HETATM 1371 O  O   . HOH E 4 .   ? 9.876   -2.798  11.770  1.00 37.16 ? 2026 HOH A O   1 
HETATM 1372 O  O   . HOH E 4 .   ? 6.449   -13.233 6.674   1.00 42.34 ? 2027 HOH A O   1 
HETATM 1373 O  O   . HOH E 4 .   ? -0.422  -2.440  -11.952 1.00 20.83 ? 2028 HOH A O   1 
HETATM 1374 O  O   . HOH E 4 .   ? -7.599  8.971   -10.680 1.00 34.28 ? 2029 HOH A O   1 
HETATM 1375 O  O   . HOH E 4 .   ? -11.714 -3.132  -18.725 1.00 32.43 ? 2030 HOH A O   1 
HETATM 1376 O  O   . HOH E 4 .   ? -10.428 5.395   -14.149 1.00 40.85 ? 2031 HOH A O   1 
HETATM 1377 O  O   . HOH E 4 .   ? -16.407 2.316   -10.690 1.00 17.82 ? 2032 HOH A O   1 
HETATM 1378 O  O   . HOH E 4 .   ? -12.430 5.867   -15.850 1.00 25.23 ? 2033 HOH A O   1 
HETATM 1379 O  O   . HOH E 4 .   ? -9.853  10.309  -0.534  1.00 34.25 ? 2034 HOH A O   1 
HETATM 1380 O  O   . HOH E 4 .   ? -9.777  -1.041  3.257   1.00 27.35 ? 2035 HOH A O   1 
HETATM 1381 O  O   . HOH E 4 .   ? -4.628  -0.057  14.532  1.00 35.87 ? 2036 HOH A O   1 
HETATM 1382 O  O   . HOH E 4 .   ? -6.382  -7.728  7.777   1.00 30.33 ? 2037 HOH A O   1 
HETATM 1383 O  O   . HOH E 4 .   ? -1.497  -2.000  14.820  1.00 22.39 ? 2038 HOH A O   1 
HETATM 1384 O  O   . HOH E 4 .   ? 10.305  1.575   14.133  1.00 24.48 ? 2039 HOH A O   1 
HETATM 1385 O  O   . HOH E 4 .   ? 10.535  -0.710  14.583  1.00 42.45 ? 2040 HOH A O   1 
HETATM 1386 O  O   . HOH E 4 .   ? 7.885   9.980   14.355  1.00 28.95 ? 2041 HOH A O   1 
HETATM 1387 O  O   . HOH E 4 .   ? 4.143   9.906   13.032  1.00 27.95 ? 2042 HOH A O   1 
HETATM 1388 O  O   . HOH F 4 .   ? 4.277   -16.223 -4.710  1.00 35.07 ? 2001 HOH B O   1 
HETATM 1389 O  O   . HOH F 4 .   ? 7.930   -21.936 0.375   1.00 39.16 ? 2002 HOH B O   1 
HETATM 1390 O  O   . HOH F 4 .   ? 0.821   -16.358 6.320   1.00 39.04 ? 2003 HOH B O   1 
HETATM 1391 O  O   . HOH F 4 .   ? 6.712   -10.569 5.881   1.00 27.50 ? 2004 HOH B O   1 
HETATM 1392 O  O   . HOH F 4 .   ? 10.478  -11.597 -2.203  1.00 54.31 ? 2005 HOH B O   1 
HETATM 1393 O  O   . HOH F 4 .   ? 14.268  -16.917 5.690   1.00 52.99 ? 2006 HOH B O   1 
HETATM 1394 O  O   . HOH F 4 .   ? 15.100  -0.786  1.076   1.00 28.50 ? 2007 HOH B O   1 
# 
loop_
_pdbx_poly_seq_scheme.asym_id 
_pdbx_poly_seq_scheme.entity_id 
_pdbx_poly_seq_scheme.seq_id 
_pdbx_poly_seq_scheme.mon_id 
_pdbx_poly_seq_scheme.ndb_seq_num 
_pdbx_poly_seq_scheme.pdb_seq_num 
_pdbx_poly_seq_scheme.auth_seq_num 
_pdbx_poly_seq_scheme.pdb_mon_id 
_pdbx_poly_seq_scheme.auth_mon_id 
_pdbx_poly_seq_scheme.pdb_strand_id 
_pdbx_poly_seq_scheme.pdb_ins_code 
_pdbx_poly_seq_scheme.hetero 
A 1 1   GLY 1   -4  ?   ?   ?   A . n 
A 1 2   PRO 2   -3  ?   ?   ?   A . n 
A 1 3   LEU 3   -2  ?   ?   ?   A . n 
A 1 4   GLY 4   -1  -1  GLY GLY A . n 
A 1 5   SER 5   0   0   SER SER A . n 
A 1 6   MET 6   1   1   MET MET A . n 
A 1 7   ALA 7   2   2   ALA ALA A . n 
A 1 8   GLU 8   3   3   GLU GLU A . n 
A 1 9   SER 9   4   4   SER SER A . n 
A 1 10  GLU 10  5   5   GLU GLU A . n 
A 1 11  LEU 11  6   6   LEU LEU A . n 
A 1 12  MET 12  7   7   MET MET A . n 
A 1 13  HIS 13  8   8   HIS HIS A . n 
A 1 14  ILE 14  9   9   ILE ILE A . n 
A 1 15  HIS 15  10  10  HIS HIS A . n 
A 1 16  SER 16  11  11  SER SER A . n 
A 1 17  LEU 17  12  12  LEU LEU A . n 
A 1 18  ALA 18  13  13  ALA ALA A . n 
A 1 19  GLU 19  14  14  GLU GLU A . n 
A 1 20  HIS 20  15  15  HIS HIS A . n 
A 1 21  TYR 21  16  16  TYR TYR A . n 
A 1 22  LEU 22  17  17  LEU LEU A . n 
A 1 23  GLN 23  18  18  GLN GLN A . n 
A 1 24  TYR 24  19  19  TYR TYR A . n 
A 1 25  VAL 25  20  20  VAL VAL A . n 
A 1 26  LEU 26  21  21  LEU LEU A . n 
A 1 27  GLN 27  22  22  GLN GLN A . n 
A 1 28  VAL 28  23  23  VAL VAL A . n 
A 1 29  PRO 29  24  24  PRO PRO A . n 
A 1 30  ALA 30  25  ?   ?   ?   A . n 
A 1 31  PHE 31  26  ?   ?   ?   A . n 
A 1 32  GLU 32  27  ?   ?   ?   A . n 
A 1 33  SER 33  28  ?   ?   ?   A . n 
A 1 34  ALA 34  29  ?   ?   ?   A . n 
A 1 35  PRO 35  30  ?   ?   ?   A . n 
A 1 36  SER 36  31  31  SER SER A . n 
A 1 37  GLN 37  32  32  GLN GLN A . n 
A 1 38  ALA 38  33  33  ALA ALA A . n 
A 1 39  CYS 39  34  34  CYS CYS A . n 
A 1 40  ARG 40  35  35  ARG ARG A . n 
A 1 41  VAL 41  36  36  VAL VAL A . n 
A 1 42  LEU 42  37  37  LEU LEU A . n 
A 1 43  GLN 43  38  38  GLN GLN A . n 
A 1 44  ARG 44  39  39  ARG ARG A . n 
A 1 45  VAL 45  40  40  VAL VAL A . n 
A 1 46  ALA 46  41  41  ALA ALA A . n 
A 1 47  PHE 47  42  42  PHE PHE A . n 
A 1 48  SER 48  43  43  SER SER A . n 
A 1 49  VAL 49  44  44  VAL VAL A . n 
A 1 50  GLN 50  45  45  GLN GLN A . n 
A 1 51  LYS 51  46  46  LYS LYS A . n 
A 1 52  GLU 52  47  47  GLU GLU A . n 
A 1 53  VAL 53  48  48  VAL VAL A . n 
A 1 54  GLU 54  49  49  GLU GLU A . n 
A 1 55  LYS 55  50  50  LYS LYS A . n 
A 1 56  ASN 56  51  51  ASN ASN A . n 
A 1 57  LEU 57  52  52  LEU LEU A . n 
A 1 58  LYS 58  53  53  LYS LYS A . n 
A 1 59  SER 59  54  54  SER SER A . n 
A 1 60  TYR 60  55  55  TYR TYR A . n 
A 1 61  LEU 61  56  56  LEU LEU A . n 
A 1 62  ASP 62  57  57  ASP ASP A . n 
A 1 63  ASP 63  58  58  ASP ASP A . n 
A 1 64  PHE 64  59  59  PHE PHE A . n 
A 1 65  HIS 65  60  60  HIS HIS A . n 
A 1 66  VAL 66  61  61  VAL VAL A . n 
A 1 67  GLU 67  62  62  GLU GLU A . n 
A 1 68  SER 68  63  63  SER SER A . n 
A 1 69  ILE 69  64  64  ILE ILE A . n 
A 1 70  ASP 70  65  65  ASP ASP A . n 
A 1 71  THR 71  66  66  THR THR A . n 
A 1 72  ALA 72  67  67  ALA ALA A . n 
A 1 73  ARG 73  68  68  ARG ARG A . n 
A 1 74  ILE 74  69  69  ILE ILE A . n 
A 1 75  ILE 75  70  70  ILE ILE A . n 
A 1 76  PHE 76  71  71  PHE PHE A . n 
A 1 77  ASN 77  72  72  ASN ASN A . n 
A 1 78  GLN 78  73  73  GLN GLN A . n 
A 1 79  VAL 79  74  74  VAL VAL A . n 
A 1 80  MET 80  75  75  MET MET A . n 
A 1 81  GLU 81  76  76  GLU GLU A . n 
A 1 82  LYS 82  77  77  LYS LYS A . n 
A 1 83  GLU 83  78  78  GLU GLU A . n 
A 1 84  PHE 84  79  79  PHE PHE A . n 
A 1 85  GLU 85  80  80  GLU GLU A . n 
A 1 86  ASP 86  81  81  ASP ASP A . n 
A 1 87  GLY 87  82  82  GLY GLY A . n 
A 1 88  ILE 88  83  83  ILE ILE A . n 
A 1 89  ILE 89  84  84  ILE ILE A . n 
A 1 90  ASN 90  85  85  ASN ASN A . n 
A 1 91  TRP 91  86  86  TRP TRP A . n 
A 1 92  GLY 92  87  87  GLY GLY A . n 
A 1 93  ARG 93  88  88  ARG ARG A . n 
A 1 94  ILE 94  89  89  ILE ILE A . n 
A 1 95  VAL 95  90  90  VAL VAL A . n 
A 1 96  THR 96  91  91  THR THR A . n 
A 1 97  ILE 97  92  92  ILE ILE A . n 
A 1 98  PHE 98  93  93  PHE PHE A . n 
A 1 99  ALA 99  94  94  ALA ALA A . n 
A 1 100 PHE 100 95  95  PHE PHE A . n 
A 1 101 GLY 101 96  96  GLY GLY A . n 
A 1 102 GLY 102 97  97  GLY GLY A . n 
A 1 103 VAL 103 98  98  VAL VAL A . n 
A 1 104 LEU 104 99  99  LEU LEU A . n 
A 1 105 LEU 105 100 100 LEU LEU A . n 
A 1 106 LYS 106 101 101 LYS LYS A . n 
A 1 107 LYS 107 102 102 LYS LYS A . n 
A 1 108 LEU 108 103 103 LEU LEU A . n 
A 1 109 LYS 109 104 104 LYS LYS A . n 
A 1 110 GLN 110 105 105 GLN GLN A . n 
A 1 111 GLU 111 106 106 GLU GLU A . n 
A 1 112 GLN 112 107 107 GLN GLN A . n 
A 1 113 ILE 113 108 108 ILE ILE A . n 
A 1 114 ALA 114 109 109 ALA ALA A . n 
A 1 115 LEU 115 110 110 LEU LEU A . n 
A 1 116 ASP 116 111 111 ASP ASP A . n 
A 1 117 VAL 117 112 112 VAL VAL A . n 
A 1 118 SER 118 113 113 SER SER A . n 
A 1 119 ALA 119 114 114 ALA ALA A . n 
A 1 120 TYR 120 115 115 TYR TYR A . n 
A 1 121 LYS 121 116 116 LYS LYS A . n 
A 1 122 GLN 122 117 117 GLN GLN A . n 
A 1 123 VAL 123 118 118 VAL VAL A . n 
A 1 124 SER 124 119 119 SER SER A . n 
A 1 125 SER 125 120 120 SER SER A . n 
A 1 126 PHE 126 121 121 PHE PHE A . n 
A 1 127 VAL 127 122 122 VAL VAL A . n 
A 1 128 ALA 128 123 123 ALA ALA A . n 
A 1 129 GLU 129 124 124 GLU GLU A . n 
A 1 130 PHE 130 125 125 PHE PHE A . n 
A 1 131 ILE 131 126 126 ILE ILE A . n 
A 1 132 MET 132 127 127 MET MET A . n 
A 1 133 ASN 133 128 128 ASN ASN A . n 
A 1 134 ASN 134 129 129 ASN ASN A . n 
A 1 135 THR 135 130 130 THR THR A . n 
A 1 136 GLY 136 131 131 GLY GLY A . n 
A 1 137 GLU 137 132 132 GLU GLU A . n 
A 1 138 TRP 138 133 133 TRP TRP A . n 
A 1 139 ILE 139 134 134 ILE ILE A . n 
A 1 140 ARG 140 135 135 ARG ARG A . n 
A 1 141 GLN 141 136 136 GLN GLN A . n 
A 1 142 ASN 142 137 137 ASN ASN A . n 
A 1 143 GLY 143 138 138 GLY GLY A . n 
A 1 144 GLY 144 139 139 GLY GLY A . n 
A 1 145 TRP 145 140 140 TRP TRP A . n 
A 1 146 GLU 146 141 141 GLU GLU A . n 
A 1 147 ASP 147 142 142 ASP ASP A . n 
A 1 148 GLY 148 143 143 GLY GLY A . n 
A 1 149 PHE 149 144 144 PHE PHE A . n 
A 1 150 ILE 150 145 145 ILE ILE A . n 
A 1 151 LYS 151 146 146 LYS LYS A . n 
A 1 152 LYS 152 147 147 LYS LYS A . n 
A 1 153 PHE 153 148 148 PHE PHE A . n 
A 1 154 GLU 154 149 149 GLU GLU A . n 
A 1 155 PRO 155 150 ?   ?   ?   A . n 
A 1 156 LYS 156 151 ?   ?   ?   A . n 
A 1 157 SER 157 152 ?   ?   ?   A . n 
B 2 1   LEU 1   126 ?   ?   ?   B . n 
B 2 2   GLN 2   127 ?   ?   ?   B . n 
B 2 3   HIS 3   128 ?   ?   ?   B . n 
B 2 4   ARG 4   129 129 ARG ARG B . n 
B 2 5   ALA 5   130 130 ALA ALA B . n 
B 2 6   GLU 6   131 131 GLU GLU B . n 
B 2 7   VAL 7   132 132 VAL VAL B . n 
B 2 8   GLN 8   133 133 GLN GLN B . n 
B 2 9   ILE 9   134 134 ILE ILE B . n 
B 2 10  ALA 10  135 135 ALA ALA B . n 
B 2 11  ARG 11  136 136 ARG ARG B . n 
B 2 12  LYS 12  137 137 LYS LYS B . n 
B 2 13  LEU 13  138 138 LEU LEU B . n 
B 2 14  GLN 14  139 139 GLN GLN B . n 
B 2 15  CYS 15  140 140 CYS CYS B . n 
B 2 16  ILE 16  141 141 ILE ILE B . n 
B 2 17  ALA 17  142 142 ALA ALA B . n 
B 2 18  ASP 18  143 143 ASP ASP B . n 
B 2 19  GLN 19  144 144 GLN GLN B . n 
B 2 20  PHE 20  145 145 PHE PHE B . n 
B 2 21  HIS 21  146 146 HIS HIS B . n 
B 2 22  ARG 22  147 147 ARG ARG B . n 
B 2 23  LEU 23  148 148 LEU LEU B . n 
B 2 24  HIS 24  149 149 HIS HIS B . n 
B 2 25  THR 25  150 150 THR THR B . n 
B 2 26  GLN 26  151 ?   ?   ?   B . n 
B 2 27  GLN 27  152 ?   ?   ?   B . n 
# 
loop_
_pdbx_nonpoly_scheme.asym_id 
_pdbx_nonpoly_scheme.entity_id 
_pdbx_nonpoly_scheme.mon_id 
_pdbx_nonpoly_scheme.ndb_seq_num 
_pdbx_nonpoly_scheme.pdb_seq_num 
_pdbx_nonpoly_scheme.auth_seq_num 
_pdbx_nonpoly_scheme.pdb_mon_id 
_pdbx_nonpoly_scheme.auth_mon_id 
_pdbx_nonpoly_scheme.pdb_strand_id 
_pdbx_nonpoly_scheme.pdb_ins_code 
C 3 CL  1  1150 1150 CL  CL  A . 
D 3 CL  1  1151 1151 CL  CL  A . 
E 4 HOH 1  2001 2001 HOH HOH A . 
E 4 HOH 2  2002 2002 HOH HOH A . 
E 4 HOH 3  2003 2003 HOH HOH A . 
E 4 HOH 4  2004 2004 HOH HOH A . 
E 4 HOH 5  2005 2005 HOH HOH A . 
E 4 HOH 6  2006 2006 HOH HOH A . 
E 4 HOH 7  2007 2007 HOH HOH A . 
E 4 HOH 8  2008 2008 HOH HOH A . 
E 4 HOH 9  2009 2009 HOH HOH A . 
E 4 HOH 10 2010 2010 HOH HOH A . 
E 4 HOH 11 2011 2011 HOH HOH A . 
E 4 HOH 12 2012 2012 HOH HOH A . 
E 4 HOH 13 2013 2013 HOH HOH A . 
E 4 HOH 14 2014 2014 HOH HOH A . 
E 4 HOH 15 2015 2015 HOH HOH A . 
E 4 HOH 16 2016 2016 HOH HOH A . 
E 4 HOH 17 2017 2017 HOH HOH A . 
E 4 HOH 18 2018 2018 HOH HOH A . 
E 4 HOH 19 2019 2019 HOH HOH A . 
E 4 HOH 20 2020 2020 HOH HOH A . 
E 4 HOH 21 2021 2021 HOH HOH A . 
E 4 HOH 22 2022 2022 HOH HOH A . 
E 4 HOH 23 2023 2023 HOH HOH A . 
E 4 HOH 24 2024 2024 HOH HOH A . 
E 4 HOH 25 2025 2025 HOH HOH A . 
E 4 HOH 26 2026 2026 HOH HOH A . 
E 4 HOH 27 2027 2027 HOH HOH A . 
E 4 HOH 28 2028 2028 HOH HOH A . 
E 4 HOH 29 2029 2029 HOH HOH A . 
E 4 HOH 30 2030 2030 HOH HOH A . 
E 4 HOH 31 2031 2031 HOH HOH A . 
E 4 HOH 32 2032 2032 HOH HOH A . 
E 4 HOH 33 2033 2033 HOH HOH A . 
E 4 HOH 34 2034 2034 HOH HOH A . 
E 4 HOH 35 2035 2035 HOH HOH A . 
E 4 HOH 36 2036 2036 HOH HOH A . 
E 4 HOH 37 2037 2037 HOH HOH A . 
E 4 HOH 38 2038 2038 HOH HOH A . 
E 4 HOH 39 2039 2039 HOH HOH A . 
E 4 HOH 40 2040 2040 HOH HOH A . 
E 4 HOH 41 2041 2041 HOH HOH A . 
E 4 HOH 42 2042 2042 HOH HOH A . 
F 4 HOH 1  2001 2001 HOH HOH B . 
F 4 HOH 2  2002 2002 HOH HOH B . 
F 4 HOH 3  2003 2003 HOH HOH B . 
F 4 HOH 4  2004 2004 HOH HOH B . 
F 4 HOH 5  2005 2005 HOH HOH B . 
F 4 HOH 6  2006 2006 HOH HOH B . 
F 4 HOH 7  2007 2007 HOH HOH B . 
# 
_pdbx_struct_assembly.id                   1 
_pdbx_struct_assembly.details              author_and_software_defined_assembly 
_pdbx_struct_assembly.method_details       PQS 
_pdbx_struct_assembly.oligomeric_details   dimeric 
_pdbx_struct_assembly.oligomeric_count     2 
# 
_pdbx_struct_assembly_gen.assembly_id       1 
_pdbx_struct_assembly_gen.oper_expression   1 
_pdbx_struct_assembly_gen.asym_id_list      A,B,C,D,E,F 
# 
loop_
_pdbx_struct_assembly_prop.biol_id 
_pdbx_struct_assembly_prop.type 
_pdbx_struct_assembly_prop.value 
_pdbx_struct_assembly_prop.details 
1 'ABSA (A^2)' 2260  ? 
1 MORE         -19   ? 
1 'SSA (A^2)'  10050 ? 
# 
_pdbx_struct_oper_list.id                   1 
_pdbx_struct_oper_list.type                 'identity operation' 
_pdbx_struct_oper_list.name                 1_555 
_pdbx_struct_oper_list.symmetry_operation   x,y,z 
_pdbx_struct_oper_list.matrix[1][1]         1.0000000000 
_pdbx_struct_oper_list.matrix[1][2]         0.0000000000 
_pdbx_struct_oper_list.matrix[1][3]         0.0000000000 
_pdbx_struct_oper_list.vector[1]            0.0000000000 
_pdbx_struct_oper_list.matrix[2][1]         0.0000000000 
_pdbx_struct_oper_list.matrix[2][2]         1.0000000000 
_pdbx_struct_oper_list.matrix[2][3]         0.0000000000 
_pdbx_struct_oper_list.vector[2]            0.0000000000 
_pdbx_struct_oper_list.matrix[3][1]         0.0000000000 
_pdbx_struct_oper_list.matrix[3][2]         0.0000000000 
_pdbx_struct_oper_list.matrix[3][3]         1.0000000000 
_pdbx_struct_oper_list.vector[3]            0.0000000000 
# 
_pdbx_struct_special_symmetry.id              1 
_pdbx_struct_special_symmetry.PDB_model_num   1 
_pdbx_struct_special_symmetry.auth_asym_id    A 
_pdbx_struct_special_symmetry.auth_comp_id    CL 
_pdbx_struct_special_symmetry.auth_seq_id     1151 
_pdbx_struct_special_symmetry.PDB_ins_code    ? 
_pdbx_struct_special_symmetry.label_asym_id   D 
_pdbx_struct_special_symmetry.label_comp_id   CL 
_pdbx_struct_special_symmetry.label_seq_id    . 
# 
loop_
_pdbx_audit_revision_history.ordinal 
_pdbx_audit_revision_history.data_content_type 
_pdbx_audit_revision_history.major_revision 
_pdbx_audit_revision_history.minor_revision 
_pdbx_audit_revision_history.revision_date 
1 'Structure model' 1 0 2008-03-04 
2 'Structure model' 1 1 2011-07-13 
3 'Structure model' 1 2 2023-12-13 
# 
_pdbx_audit_revision_details.ordinal             1 
_pdbx_audit_revision_details.revision_ordinal    1 
_pdbx_audit_revision_details.data_content_type   'Structure model' 
_pdbx_audit_revision_details.provider            repository 
_pdbx_audit_revision_details.type                'Initial release' 
_pdbx_audit_revision_details.description         ? 
_pdbx_audit_revision_details.details             ? 
# 
loop_
_pdbx_audit_revision_group.ordinal 
_pdbx_audit_revision_group.revision_ordinal 
_pdbx_audit_revision_group.data_content_type 
_pdbx_audit_revision_group.group 
1 2 'Structure model' Advisory                    
2 2 'Structure model' 'Version format compliance' 
3 3 'Structure model' 'Data collection'           
4 3 'Structure model' 'Database references'       
5 3 'Structure model' Other                       
6 3 'Structure model' 'Refinement description'    
# 
loop_
_pdbx_audit_revision_category.ordinal 
_pdbx_audit_revision_category.revision_ordinal 
_pdbx_audit_revision_category.data_content_type 
_pdbx_audit_revision_category.category 
1 3 'Structure model' chem_comp_atom                
2 3 'Structure model' chem_comp_bond                
3 3 'Structure model' database_2                    
4 3 'Structure model' pdbx_database_status          
5 3 'Structure model' pdbx_initial_refinement_model 
# 
loop_
_pdbx_audit_revision_item.ordinal 
_pdbx_audit_revision_item.revision_ordinal 
_pdbx_audit_revision_item.data_content_type 
_pdbx_audit_revision_item.item 
1 3 'Structure model' '_database_2.pdbx_DOI'                 
2 3 'Structure model' '_database_2.pdbx_database_accession'  
3 3 'Structure model' '_pdbx_database_status.status_code_sf' 
# 
loop_
_pdbx_refine_tls.pdbx_refine_id 
_pdbx_refine_tls.id 
_pdbx_refine_tls.details 
_pdbx_refine_tls.method 
_pdbx_refine_tls.origin_x 
_pdbx_refine_tls.origin_y 
_pdbx_refine_tls.origin_z 
_pdbx_refine_tls.T[1][1] 
_pdbx_refine_tls.T[2][2] 
_pdbx_refine_tls.T[3][3] 
_pdbx_refine_tls.T[1][2] 
_pdbx_refine_tls.T[1][3] 
_pdbx_refine_tls.T[2][3] 
_pdbx_refine_tls.L[1][1] 
_pdbx_refine_tls.L[2][2] 
_pdbx_refine_tls.L[3][3] 
_pdbx_refine_tls.L[1][2] 
_pdbx_refine_tls.L[1][3] 
_pdbx_refine_tls.L[2][3] 
_pdbx_refine_tls.S[1][1] 
_pdbx_refine_tls.S[1][2] 
_pdbx_refine_tls.S[1][3] 
_pdbx_refine_tls.S[2][1] 
_pdbx_refine_tls.S[2][2] 
_pdbx_refine_tls.S[2][3] 
_pdbx_refine_tls.S[3][1] 
_pdbx_refine_tls.S[3][2] 
_pdbx_refine_tls.S[3][3] 
'X-RAY DIFFRACTION' 1 ? refined -0.8556 1.4542   -0.3514 -0.1304 -0.1963 -0.1671 0.0036 0.0329 0.0247 2.8307  1.9473 3.5649  -0.4337 -0.0622 -0.1765 -0.0221 0.1292 0.0260  -0.0266 0.0017 -0.0501 -0.0659 -0.0005 0.0204  
'X-RAY DIFFRACTION' 2 ? refined 6.5971  -10.9389 0.6268  -0.0203 -0.1387 -0.1093 0.0802 0.0627 0.0469 28.6095 9.8210 13.4370 11.8687 16.3082 7.0998  0.4737  0.4027 -1.2501 -0.0028 0.0392 -0.6311 0.7556  0.5653  -0.5127 
# 
loop_
_pdbx_refine_tls_group.pdbx_refine_id 
_pdbx_refine_tls_group.id 
_pdbx_refine_tls_group.refine_tls_id 
_pdbx_refine_tls_group.beg_auth_asym_id 
_pdbx_refine_tls_group.beg_auth_seq_id 
_pdbx_refine_tls_group.beg_label_asym_id 
_pdbx_refine_tls_group.beg_label_seq_id 
_pdbx_refine_tls_group.end_auth_asym_id 
_pdbx_refine_tls_group.end_auth_seq_id 
_pdbx_refine_tls_group.end_label_asym_id 
_pdbx_refine_tls_group.end_label_seq_id 
_pdbx_refine_tls_group.selection 
_pdbx_refine_tls_group.selection_details 
'X-RAY DIFFRACTION' 1 1 A -1 ? ? A 149 ? ? ? ? 
'X-RAY DIFFRACTION' 2 2 B 4  ? ? B 25  ? ? ? ? 
# 
loop_
_software.name 
_software.classification 
_software.version 
_software.citation_id 
_software.pdbx_ordinal 
REFMAC refinement       5.2.0005 ? 1 
MOSFLM 'data reduction' .        ? 2 
SCALA  'data scaling'   .        ? 3 
PHASER phasing          .        ? 4 
# 
_pdbx_entry_details.entry_id                 2VOG 
_pdbx_entry_details.compound_details         
;ENGINEERED RESIDUE IN CHAIN A, PRO 104 TO LYS
ENGINEERED RESIDUE IN CHAIN A, CYS 113 TO SER
;
_pdbx_entry_details.source_details           ? 
_pdbx_entry_details.nonpolymer_details       ? 
_pdbx_entry_details.sequence_details         ? 
_pdbx_entry_details.has_ligand_of_interest   ? 
# 
loop_
_pdbx_unobs_or_zero_occ_atoms.id 
_pdbx_unobs_or_zero_occ_atoms.PDB_model_num 
_pdbx_unobs_or_zero_occ_atoms.polymer_flag 
_pdbx_unobs_or_zero_occ_atoms.occupancy_flag 
_pdbx_unobs_or_zero_occ_atoms.auth_asym_id 
_pdbx_unobs_or_zero_occ_atoms.auth_comp_id 
_pdbx_unobs_or_zero_occ_atoms.auth_seq_id 
_pdbx_unobs_or_zero_occ_atoms.PDB_ins_code 
_pdbx_unobs_or_zero_occ_atoms.auth_atom_id 
_pdbx_unobs_or_zero_occ_atoms.label_alt_id 
_pdbx_unobs_or_zero_occ_atoms.label_asym_id 
_pdbx_unobs_or_zero_occ_atoms.label_comp_id 
_pdbx_unobs_or_zero_occ_atoms.label_seq_id 
_pdbx_unobs_or_zero_occ_atoms.label_atom_id 
1  1 Y 1 A ARG 35  ? CG  ? A ARG 40  CG  
2  1 Y 1 A ARG 35  ? CD  ? A ARG 40  CD  
3  1 Y 1 A ARG 35  ? NE  ? A ARG 40  NE  
4  1 Y 1 A ARG 35  ? CZ  ? A ARG 40  CZ  
5  1 Y 1 A ARG 35  ? NH1 ? A ARG 40  NH1 
6  1 Y 1 A ARG 35  ? NH2 ? A ARG 40  NH2 
7  1 Y 1 A LYS 53  ? CG  ? A LYS 58  CG  
8  1 Y 1 A LYS 53  ? CD  ? A LYS 58  CD  
9  1 Y 1 A LYS 53  ? CE  ? A LYS 58  CE  
10 1 Y 1 A LYS 53  ? NZ  ? A LYS 58  NZ  
11 1 Y 1 A LYS 146 ? CG  ? A LYS 151 CG  
12 1 Y 1 A LYS 146 ? CD  ? A LYS 151 CD  
13 1 Y 1 A LYS 146 ? CE  ? A LYS 151 CE  
14 1 Y 1 A LYS 146 ? NZ  ? A LYS 151 NZ  
15 1 Y 1 B ARG 129 ? CG  ? B ARG 4   CG  
16 1 Y 1 B ARG 129 ? CD  ? B ARG 4   CD  
17 1 Y 1 B ARG 129 ? NE  ? B ARG 4   NE  
18 1 Y 1 B ARG 129 ? CZ  ? B ARG 4   CZ  
19 1 Y 1 B ARG 129 ? NH1 ? B ARG 4   NH1 
20 1 Y 1 B ARG 129 ? NH2 ? B ARG 4   NH2 
# 
loop_
_pdbx_unobs_or_zero_occ_residues.id 
_pdbx_unobs_or_zero_occ_residues.PDB_model_num 
_pdbx_unobs_or_zero_occ_residues.polymer_flag 
_pdbx_unobs_or_zero_occ_residues.occupancy_flag 
_pdbx_unobs_or_zero_occ_residues.auth_asym_id 
_pdbx_unobs_or_zero_occ_residues.auth_comp_id 
_pdbx_unobs_or_zero_occ_residues.auth_seq_id 
_pdbx_unobs_or_zero_occ_residues.PDB_ins_code 
_pdbx_unobs_or_zero_occ_residues.label_asym_id 
_pdbx_unobs_or_zero_occ_residues.label_comp_id 
_pdbx_unobs_or_zero_occ_residues.label_seq_id 
1  1 Y 1 A GLY -4  ? A GLY 1   
2  1 Y 1 A PRO -3  ? A PRO 2   
3  1 Y 1 A LEU -2  ? A LEU 3   
4  1 Y 1 A ALA 25  ? A ALA 30  
5  1 Y 1 A PHE 26  ? A PHE 31  
6  1 Y 1 A GLU 27  ? A GLU 32  
7  1 Y 1 A SER 28  ? A SER 33  
8  1 Y 1 A ALA 29  ? A ALA 34  
9  1 Y 1 A PRO 30  ? A PRO 35  
10 1 Y 1 A PRO 150 ? A PRO 155 
11 1 Y 1 A LYS 151 ? A LYS 156 
12 1 Y 1 A SER 152 ? A SER 157 
13 1 Y 1 B LEU 126 ? B LEU 1   
14 1 Y 1 B GLN 127 ? B GLN 2   
15 1 Y 1 B HIS 128 ? B HIS 3   
16 1 Y 1 B GLN 151 ? B GLN 26  
17 1 Y 1 B GLN 152 ? B GLN 27  
# 
loop_
_chem_comp_atom.comp_id 
_chem_comp_atom.atom_id 
_chem_comp_atom.type_symbol 
_chem_comp_atom.pdbx_aromatic_flag 
_chem_comp_atom.pdbx_stereo_config 
_chem_comp_atom.pdbx_ordinal 
ALA N    N  N N 1   
ALA CA   C  N S 2   
ALA C    C  N N 3   
ALA O    O  N N 4   
ALA CB   C  N N 5   
ALA OXT  O  N N 6   
ALA H    H  N N 7   
ALA H2   H  N N 8   
ALA HA   H  N N 9   
ALA HB1  H  N N 10  
ALA HB2  H  N N 11  
ALA HB3  H  N N 12  
ALA HXT  H  N N 13  
ARG N    N  N N 14  
ARG CA   C  N S 15  
ARG C    C  N N 16  
ARG O    O  N N 17  
ARG CB   C  N N 18  
ARG CG   C  N N 19  
ARG CD   C  N N 20  
ARG NE   N  N N 21  
ARG CZ   C  N N 22  
ARG NH1  N  N N 23  
ARG NH2  N  N N 24  
ARG OXT  O  N N 25  
ARG H    H  N N 26  
ARG H2   H  N N 27  
ARG HA   H  N N 28  
ARG HB2  H  N N 29  
ARG HB3  H  N N 30  
ARG HG2  H  N N 31  
ARG HG3  H  N N 32  
ARG HD2  H  N N 33  
ARG HD3  H  N N 34  
ARG HE   H  N N 35  
ARG HH11 H  N N 36  
ARG HH12 H  N N 37  
ARG HH21 H  N N 38  
ARG HH22 H  N N 39  
ARG HXT  H  N N 40  
ASN N    N  N N 41  
ASN CA   C  N S 42  
ASN C    C  N N 43  
ASN O    O  N N 44  
ASN CB   C  N N 45  
ASN CG   C  N N 46  
ASN OD1  O  N N 47  
ASN ND2  N  N N 48  
ASN OXT  O  N N 49  
ASN H    H  N N 50  
ASN H2   H  N N 51  
ASN HA   H  N N 52  
ASN HB2  H  N N 53  
ASN HB3  H  N N 54  
ASN HD21 H  N N 55  
ASN HD22 H  N N 56  
ASN HXT  H  N N 57  
ASP N    N  N N 58  
ASP CA   C  N S 59  
ASP C    C  N N 60  
ASP O    O  N N 61  
ASP CB   C  N N 62  
ASP CG   C  N N 63  
ASP OD1  O  N N 64  
ASP OD2  O  N N 65  
ASP OXT  O  N N 66  
ASP H    H  N N 67  
ASP H2   H  N N 68  
ASP HA   H  N N 69  
ASP HB2  H  N N 70  
ASP HB3  H  N N 71  
ASP HD2  H  N N 72  
ASP HXT  H  N N 73  
CL  CL   CL N N 74  
CYS N    N  N N 75  
CYS CA   C  N R 76  
CYS C    C  N N 77  
CYS O    O  N N 78  
CYS CB   C  N N 79  
CYS SG   S  N N 80  
CYS OXT  O  N N 81  
CYS H    H  N N 82  
CYS H2   H  N N 83  
CYS HA   H  N N 84  
CYS HB2  H  N N 85  
CYS HB3  H  N N 86  
CYS HG   H  N N 87  
CYS HXT  H  N N 88  
GLN N    N  N N 89  
GLN CA   C  N S 90  
GLN C    C  N N 91  
GLN O    O  N N 92  
GLN CB   C  N N 93  
GLN CG   C  N N 94  
GLN CD   C  N N 95  
GLN OE1  O  N N 96  
GLN NE2  N  N N 97  
GLN OXT  O  N N 98  
GLN H    H  N N 99  
GLN H2   H  N N 100 
GLN HA   H  N N 101 
GLN HB2  H  N N 102 
GLN HB3  H  N N 103 
GLN HG2  H  N N 104 
GLN HG3  H  N N 105 
GLN HE21 H  N N 106 
GLN HE22 H  N N 107 
GLN HXT  H  N N 108 
GLU N    N  N N 109 
GLU CA   C  N S 110 
GLU C    C  N N 111 
GLU O    O  N N 112 
GLU CB   C  N N 113 
GLU CG   C  N N 114 
GLU CD   C  N N 115 
GLU OE1  O  N N 116 
GLU OE2  O  N N 117 
GLU OXT  O  N N 118 
GLU H    H  N N 119 
GLU H2   H  N N 120 
GLU HA   H  N N 121 
GLU HB2  H  N N 122 
GLU HB3  H  N N 123 
GLU HG2  H  N N 124 
GLU HG3  H  N N 125 
GLU HE2  H  N N 126 
GLU HXT  H  N N 127 
GLY N    N  N N 128 
GLY CA   C  N N 129 
GLY C    C  N N 130 
GLY O    O  N N 131 
GLY OXT  O  N N 132 
GLY H    H  N N 133 
GLY H2   H  N N 134 
GLY HA2  H  N N 135 
GLY HA3  H  N N 136 
GLY HXT  H  N N 137 
HIS N    N  N N 138 
HIS CA   C  N S 139 
HIS C    C  N N 140 
HIS O    O  N N 141 
HIS CB   C  N N 142 
HIS CG   C  Y N 143 
HIS ND1  N  Y N 144 
HIS CD2  C  Y N 145 
HIS CE1  C  Y N 146 
HIS NE2  N  Y N 147 
HIS OXT  O  N N 148 
HIS H    H  N N 149 
HIS H2   H  N N 150 
HIS HA   H  N N 151 
HIS HB2  H  N N 152 
HIS HB3  H  N N 153 
HIS HD1  H  N N 154 
HIS HD2  H  N N 155 
HIS HE1  H  N N 156 
HIS HE2  H  N N 157 
HIS HXT  H  N N 158 
HOH O    O  N N 159 
HOH H1   H  N N 160 
HOH H2   H  N N 161 
ILE N    N  N N 162 
ILE CA   C  N S 163 
ILE C    C  N N 164 
ILE O    O  N N 165 
ILE CB   C  N S 166 
ILE CG1  C  N N 167 
ILE CG2  C  N N 168 
ILE CD1  C  N N 169 
ILE OXT  O  N N 170 
ILE H    H  N N 171 
ILE H2   H  N N 172 
ILE HA   H  N N 173 
ILE HB   H  N N 174 
ILE HG12 H  N N 175 
ILE HG13 H  N N 176 
ILE HG21 H  N N 177 
ILE HG22 H  N N 178 
ILE HG23 H  N N 179 
ILE HD11 H  N N 180 
ILE HD12 H  N N 181 
ILE HD13 H  N N 182 
ILE HXT  H  N N 183 
LEU N    N  N N 184 
LEU CA   C  N S 185 
LEU C    C  N N 186 
LEU O    O  N N 187 
LEU CB   C  N N 188 
LEU CG   C  N N 189 
LEU CD1  C  N N 190 
LEU CD2  C  N N 191 
LEU OXT  O  N N 192 
LEU H    H  N N 193 
LEU H2   H  N N 194 
LEU HA   H  N N 195 
LEU HB2  H  N N 196 
LEU HB3  H  N N 197 
LEU HG   H  N N 198 
LEU HD11 H  N N 199 
LEU HD12 H  N N 200 
LEU HD13 H  N N 201 
LEU HD21 H  N N 202 
LEU HD22 H  N N 203 
LEU HD23 H  N N 204 
LEU HXT  H  N N 205 
LYS N    N  N N 206 
LYS CA   C  N S 207 
LYS C    C  N N 208 
LYS O    O  N N 209 
LYS CB   C  N N 210 
LYS CG   C  N N 211 
LYS CD   C  N N 212 
LYS CE   C  N N 213 
LYS NZ   N  N N 214 
LYS OXT  O  N N 215 
LYS H    H  N N 216 
LYS H2   H  N N 217 
LYS HA   H  N N 218 
LYS HB2  H  N N 219 
LYS HB3  H  N N 220 
LYS HG2  H  N N 221 
LYS HG3  H  N N 222 
LYS HD2  H  N N 223 
LYS HD3  H  N N 224 
LYS HE2  H  N N 225 
LYS HE3  H  N N 226 
LYS HZ1  H  N N 227 
LYS HZ2  H  N N 228 
LYS HZ3  H  N N 229 
LYS HXT  H  N N 230 
MET N    N  N N 231 
MET CA   C  N S 232 
MET C    C  N N 233 
MET O    O  N N 234 
MET CB   C  N N 235 
MET CG   C  N N 236 
MET SD   S  N N 237 
MET CE   C  N N 238 
MET OXT  O  N N 239 
MET H    H  N N 240 
MET H2   H  N N 241 
MET HA   H  N N 242 
MET HB2  H  N N 243 
MET HB3  H  N N 244 
MET HG2  H  N N 245 
MET HG3  H  N N 246 
MET HE1  H  N N 247 
MET HE2  H  N N 248 
MET HE3  H  N N 249 
MET HXT  H  N N 250 
PHE N    N  N N 251 
PHE CA   C  N S 252 
PHE C    C  N N 253 
PHE O    O  N N 254 
PHE CB   C  N N 255 
PHE CG   C  Y N 256 
PHE CD1  C  Y N 257 
PHE CD2  C  Y N 258 
PHE CE1  C  Y N 259 
PHE CE2  C  Y N 260 
PHE CZ   C  Y N 261 
PHE OXT  O  N N 262 
PHE H    H  N N 263 
PHE H2   H  N N 264 
PHE HA   H  N N 265 
PHE HB2  H  N N 266 
PHE HB3  H  N N 267 
PHE HD1  H  N N 268 
PHE HD2  H  N N 269 
PHE HE1  H  N N 270 
PHE HE2  H  N N 271 
PHE HZ   H  N N 272 
PHE HXT  H  N N 273 
PRO N    N  N N 274 
PRO CA   C  N S 275 
PRO C    C  N N 276 
PRO O    O  N N 277 
PRO CB   C  N N 278 
PRO CG   C  N N 279 
PRO CD   C  N N 280 
PRO OXT  O  N N 281 
PRO H    H  N N 282 
PRO HA   H  N N 283 
PRO HB2  H  N N 284 
PRO HB3  H  N N 285 
PRO HG2  H  N N 286 
PRO HG3  H  N N 287 
PRO HD2  H  N N 288 
PRO HD3  H  N N 289 
PRO HXT  H  N N 290 
SER N    N  N N 291 
SER CA   C  N S 292 
SER C    C  N N 293 
SER O    O  N N 294 
SER CB   C  N N 295 
SER OG   O  N N 296 
SER OXT  O  N N 297 
SER H    H  N N 298 
SER H2   H  N N 299 
SER HA   H  N N 300 
SER HB2  H  N N 301 
SER HB3  H  N N 302 
SER HG   H  N N 303 
SER HXT  H  N N 304 
THR N    N  N N 305 
THR CA   C  N S 306 
THR C    C  N N 307 
THR O    O  N N 308 
THR CB   C  N R 309 
THR OG1  O  N N 310 
THR CG2  C  N N 311 
THR OXT  O  N N 312 
THR H    H  N N 313 
THR H2   H  N N 314 
THR HA   H  N N 315 
THR HB   H  N N 316 
THR HG1  H  N N 317 
THR HG21 H  N N 318 
THR HG22 H  N N 319 
THR HG23 H  N N 320 
THR HXT  H  N N 321 
TRP N    N  N N 322 
TRP CA   C  N S 323 
TRP C    C  N N 324 
TRP O    O  N N 325 
TRP CB   C  N N 326 
TRP CG   C  Y N 327 
TRP CD1  C  Y N 328 
TRP CD2  C  Y N 329 
TRP NE1  N  Y N 330 
TRP CE2  C  Y N 331 
TRP CE3  C  Y N 332 
TRP CZ2  C  Y N 333 
TRP CZ3  C  Y N 334 
TRP CH2  C  Y N 335 
TRP OXT  O  N N 336 
TRP H    H  N N 337 
TRP H2   H  N N 338 
TRP HA   H  N N 339 
TRP HB2  H  N N 340 
TRP HB3  H  N N 341 
TRP HD1  H  N N 342 
TRP HE1  H  N N 343 
TRP HE3  H  N N 344 
TRP HZ2  H  N N 345 
TRP HZ3  H  N N 346 
TRP HH2  H  N N 347 
TRP HXT  H  N N 348 
TYR N    N  N N 349 
TYR CA   C  N S 350 
TYR C    C  N N 351 
TYR O    O  N N 352 
TYR CB   C  N N 353 
TYR CG   C  Y N 354 
TYR CD1  C  Y N 355 
TYR CD2  C  Y N 356 
TYR CE1  C  Y N 357 
TYR CE2  C  Y N 358 
TYR CZ   C  Y N 359 
TYR OH   O  N N 360 
TYR OXT  O  N N 361 
TYR H    H  N N 362 
TYR H2   H  N N 363 
TYR HA   H  N N 364 
TYR HB2  H  N N 365 
TYR HB3  H  N N 366 
TYR HD1  H  N N 367 
TYR HD2  H  N N 368 
TYR HE1  H  N N 369 
TYR HE2  H  N N 370 
TYR HH   H  N N 371 
TYR HXT  H  N N 372 
VAL N    N  N N 373 
VAL CA   C  N S 374 
VAL C    C  N N 375 
VAL O    O  N N 376 
VAL CB   C  N N 377 
VAL CG1  C  N N 378 
VAL CG2  C  N N 379 
VAL OXT  O  N N 380 
VAL H    H  N N 381 
VAL H2   H  N N 382 
VAL HA   H  N N 383 
VAL HB   H  N N 384 
VAL HG11 H  N N 385 
VAL HG12 H  N N 386 
VAL HG13 H  N N 387 
VAL HG21 H  N N 388 
VAL HG22 H  N N 389 
VAL HG23 H  N N 390 
VAL HXT  H  N N 391 
# 
loop_
_chem_comp_bond.comp_id 
_chem_comp_bond.atom_id_1 
_chem_comp_bond.atom_id_2 
_chem_comp_bond.value_order 
_chem_comp_bond.pdbx_aromatic_flag 
_chem_comp_bond.pdbx_stereo_config 
_chem_comp_bond.pdbx_ordinal 
ALA N   CA   sing N N 1   
ALA N   H    sing N N 2   
ALA N   H2   sing N N 3   
ALA CA  C    sing N N 4   
ALA CA  CB   sing N N 5   
ALA CA  HA   sing N N 6   
ALA C   O    doub N N 7   
ALA C   OXT  sing N N 8   
ALA CB  HB1  sing N N 9   
ALA CB  HB2  sing N N 10  
ALA CB  HB3  sing N N 11  
ALA OXT HXT  sing N N 12  
ARG N   CA   sing N N 13  
ARG N   H    sing N N 14  
ARG N   H2   sing N N 15  
ARG CA  C    sing N N 16  
ARG CA  CB   sing N N 17  
ARG CA  HA   sing N N 18  
ARG C   O    doub N N 19  
ARG C   OXT  sing N N 20  
ARG CB  CG   sing N N 21  
ARG CB  HB2  sing N N 22  
ARG CB  HB3  sing N N 23  
ARG CG  CD   sing N N 24  
ARG CG  HG2  sing N N 25  
ARG CG  HG3  sing N N 26  
ARG CD  NE   sing N N 27  
ARG CD  HD2  sing N N 28  
ARG CD  HD3  sing N N 29  
ARG NE  CZ   sing N N 30  
ARG NE  HE   sing N N 31  
ARG CZ  NH1  sing N N 32  
ARG CZ  NH2  doub N N 33  
ARG NH1 HH11 sing N N 34  
ARG NH1 HH12 sing N N 35  
ARG NH2 HH21 sing N N 36  
ARG NH2 HH22 sing N N 37  
ARG OXT HXT  sing N N 38  
ASN N   CA   sing N N 39  
ASN N   H    sing N N 40  
ASN N   H2   sing N N 41  
ASN CA  C    sing N N 42  
ASN CA  CB   sing N N 43  
ASN CA  HA   sing N N 44  
ASN C   O    doub N N 45  
ASN C   OXT  sing N N 46  
ASN CB  CG   sing N N 47  
ASN CB  HB2  sing N N 48  
ASN CB  HB3  sing N N 49  
ASN CG  OD1  doub N N 50  
ASN CG  ND2  sing N N 51  
ASN ND2 HD21 sing N N 52  
ASN ND2 HD22 sing N N 53  
ASN OXT HXT  sing N N 54  
ASP N   CA   sing N N 55  
ASP N   H    sing N N 56  
ASP N   H2   sing N N 57  
ASP CA  C    sing N N 58  
ASP CA  CB   sing N N 59  
ASP CA  HA   sing N N 60  
ASP C   O    doub N N 61  
ASP C   OXT  sing N N 62  
ASP CB  CG   sing N N 63  
ASP CB  HB2  sing N N 64  
ASP CB  HB3  sing N N 65  
ASP CG  OD1  doub N N 66  
ASP CG  OD2  sing N N 67  
ASP OD2 HD2  sing N N 68  
ASP OXT HXT  sing N N 69  
CYS N   CA   sing N N 70  
CYS N   H    sing N N 71  
CYS N   H2   sing N N 72  
CYS CA  C    sing N N 73  
CYS CA  CB   sing N N 74  
CYS CA  HA   sing N N 75  
CYS C   O    doub N N 76  
CYS C   OXT  sing N N 77  
CYS CB  SG   sing N N 78  
CYS CB  HB2  sing N N 79  
CYS CB  HB3  sing N N 80  
CYS SG  HG   sing N N 81  
CYS OXT HXT  sing N N 82  
GLN N   CA   sing N N 83  
GLN N   H    sing N N 84  
GLN N   H2   sing N N 85  
GLN CA  C    sing N N 86  
GLN CA  CB   sing N N 87  
GLN CA  HA   sing N N 88  
GLN C   O    doub N N 89  
GLN C   OXT  sing N N 90  
GLN CB  CG   sing N N 91  
GLN CB  HB2  sing N N 92  
GLN CB  HB3  sing N N 93  
GLN CG  CD   sing N N 94  
GLN CG  HG2  sing N N 95  
GLN CG  HG3  sing N N 96  
GLN CD  OE1  doub N N 97  
GLN CD  NE2  sing N N 98  
GLN NE2 HE21 sing N N 99  
GLN NE2 HE22 sing N N 100 
GLN OXT HXT  sing N N 101 
GLU N   CA   sing N N 102 
GLU N   H    sing N N 103 
GLU N   H2   sing N N 104 
GLU CA  C    sing N N 105 
GLU CA  CB   sing N N 106 
GLU CA  HA   sing N N 107 
GLU C   O    doub N N 108 
GLU C   OXT  sing N N 109 
GLU CB  CG   sing N N 110 
GLU CB  HB2  sing N N 111 
GLU CB  HB3  sing N N 112 
GLU CG  CD   sing N N 113 
GLU CG  HG2  sing N N 114 
GLU CG  HG3  sing N N 115 
GLU CD  OE1  doub N N 116 
GLU CD  OE2  sing N N 117 
GLU OE2 HE2  sing N N 118 
GLU OXT HXT  sing N N 119 
GLY N   CA   sing N N 120 
GLY N   H    sing N N 121 
GLY N   H2   sing N N 122 
GLY CA  C    sing N N 123 
GLY CA  HA2  sing N N 124 
GLY CA  HA3  sing N N 125 
GLY C   O    doub N N 126 
GLY C   OXT  sing N N 127 
GLY OXT HXT  sing N N 128 
HIS N   CA   sing N N 129 
HIS N   H    sing N N 130 
HIS N   H2   sing N N 131 
HIS CA  C    sing N N 132 
HIS CA  CB   sing N N 133 
HIS CA  HA   sing N N 134 
HIS C   O    doub N N 135 
HIS C   OXT  sing N N 136 
HIS CB  CG   sing N N 137 
HIS CB  HB2  sing N N 138 
HIS CB  HB3  sing N N 139 
HIS CG  ND1  sing Y N 140 
HIS CG  CD2  doub Y N 141 
HIS ND1 CE1  doub Y N 142 
HIS ND1 HD1  sing N N 143 
HIS CD2 NE2  sing Y N 144 
HIS CD2 HD2  sing N N 145 
HIS CE1 NE2  sing Y N 146 
HIS CE1 HE1  sing N N 147 
HIS NE2 HE2  sing N N 148 
HIS OXT HXT  sing N N 149 
HOH O   H1   sing N N 150 
HOH O   H2   sing N N 151 
ILE N   CA   sing N N 152 
ILE N   H    sing N N 153 
ILE N   H2   sing N N 154 
ILE CA  C    sing N N 155 
ILE CA  CB   sing N N 156 
ILE CA  HA   sing N N 157 
ILE C   O    doub N N 158 
ILE C   OXT  sing N N 159 
ILE CB  CG1  sing N N 160 
ILE CB  CG2  sing N N 161 
ILE CB  HB   sing N N 162 
ILE CG1 CD1  sing N N 163 
ILE CG1 HG12 sing N N 164 
ILE CG1 HG13 sing N N 165 
ILE CG2 HG21 sing N N 166 
ILE CG2 HG22 sing N N 167 
ILE CG2 HG23 sing N N 168 
ILE CD1 HD11 sing N N 169 
ILE CD1 HD12 sing N N 170 
ILE CD1 HD13 sing N N 171 
ILE OXT HXT  sing N N 172 
LEU N   CA   sing N N 173 
LEU N   H    sing N N 174 
LEU N   H2   sing N N 175 
LEU CA  C    sing N N 176 
LEU CA  CB   sing N N 177 
LEU CA  HA   sing N N 178 
LEU C   O    doub N N 179 
LEU C   OXT  sing N N 180 
LEU CB  CG   sing N N 181 
LEU CB  HB2  sing N N 182 
LEU CB  HB3  sing N N 183 
LEU CG  CD1  sing N N 184 
LEU CG  CD2  sing N N 185 
LEU CG  HG   sing N N 186 
LEU CD1 HD11 sing N N 187 
LEU CD1 HD12 sing N N 188 
LEU CD1 HD13 sing N N 189 
LEU CD2 HD21 sing N N 190 
LEU CD2 HD22 sing N N 191 
LEU CD2 HD23 sing N N 192 
LEU OXT HXT  sing N N 193 
LYS N   CA   sing N N 194 
LYS N   H    sing N N 195 
LYS N   H2   sing N N 196 
LYS CA  C    sing N N 197 
LYS CA  CB   sing N N 198 
LYS CA  HA   sing N N 199 
LYS C   O    doub N N 200 
LYS C   OXT  sing N N 201 
LYS CB  CG   sing N N 202 
LYS CB  HB2  sing N N 203 
LYS CB  HB3  sing N N 204 
LYS CG  CD   sing N N 205 
LYS CG  HG2  sing N N 206 
LYS CG  HG3  sing N N 207 
LYS CD  CE   sing N N 208 
LYS CD  HD2  sing N N 209 
LYS CD  HD3  sing N N 210 
LYS CE  NZ   sing N N 211 
LYS CE  HE2  sing N N 212 
LYS CE  HE3  sing N N 213 
LYS NZ  HZ1  sing N N 214 
LYS NZ  HZ2  sing N N 215 
LYS NZ  HZ3  sing N N 216 
LYS OXT HXT  sing N N 217 
MET N   CA   sing N N 218 
MET N   H    sing N N 219 
MET N   H2   sing N N 220 
MET CA  C    sing N N 221 
MET CA  CB   sing N N 222 
MET CA  HA   sing N N 223 
MET C   O    doub N N 224 
MET C   OXT  sing N N 225 
MET CB  CG   sing N N 226 
MET CB  HB2  sing N N 227 
MET CB  HB3  sing N N 228 
MET CG  SD   sing N N 229 
MET CG  HG2  sing N N 230 
MET CG  HG3  sing N N 231 
MET SD  CE   sing N N 232 
MET CE  HE1  sing N N 233 
MET CE  HE2  sing N N 234 
MET CE  HE3  sing N N 235 
MET OXT HXT  sing N N 236 
PHE N   CA   sing N N 237 
PHE N   H    sing N N 238 
PHE N   H2   sing N N 239 
PHE CA  C    sing N N 240 
PHE CA  CB   sing N N 241 
PHE CA  HA   sing N N 242 
PHE C   O    doub N N 243 
PHE C   OXT  sing N N 244 
PHE CB  CG   sing N N 245 
PHE CB  HB2  sing N N 246 
PHE CB  HB3  sing N N 247 
PHE CG  CD1  doub Y N 248 
PHE CG  CD2  sing Y N 249 
PHE CD1 CE1  sing Y N 250 
PHE CD1 HD1  sing N N 251 
PHE CD2 CE2  doub Y N 252 
PHE CD2 HD2  sing N N 253 
PHE CE1 CZ   doub Y N 254 
PHE CE1 HE1  sing N N 255 
PHE CE2 CZ   sing Y N 256 
PHE CE2 HE2  sing N N 257 
PHE CZ  HZ   sing N N 258 
PHE OXT HXT  sing N N 259 
PRO N   CA   sing N N 260 
PRO N   CD   sing N N 261 
PRO N   H    sing N N 262 
PRO CA  C    sing N N 263 
PRO CA  CB   sing N N 264 
PRO CA  HA   sing N N 265 
PRO C   O    doub N N 266 
PRO C   OXT  sing N N 267 
PRO CB  CG   sing N N 268 
PRO CB  HB2  sing N N 269 
PRO CB  HB3  sing N N 270 
PRO CG  CD   sing N N 271 
PRO CG  HG2  sing N N 272 
PRO CG  HG3  sing N N 273 
PRO CD  HD2  sing N N 274 
PRO CD  HD3  sing N N 275 
PRO OXT HXT  sing N N 276 
SER N   CA   sing N N 277 
SER N   H    sing N N 278 
SER N   H2   sing N N 279 
SER CA  C    sing N N 280 
SER CA  CB   sing N N 281 
SER CA  HA   sing N N 282 
SER C   O    doub N N 283 
SER C   OXT  sing N N 284 
SER CB  OG   sing N N 285 
SER CB  HB2  sing N N 286 
SER CB  HB3  sing N N 287 
SER OG  HG   sing N N 288 
SER OXT HXT  sing N N 289 
THR N   CA   sing N N 290 
THR N   H    sing N N 291 
THR N   H2   sing N N 292 
THR CA  C    sing N N 293 
THR CA  CB   sing N N 294 
THR CA  HA   sing N N 295 
THR C   O    doub N N 296 
THR C   OXT  sing N N 297 
THR CB  OG1  sing N N 298 
THR CB  CG2  sing N N 299 
THR CB  HB   sing N N 300 
THR OG1 HG1  sing N N 301 
THR CG2 HG21 sing N N 302 
THR CG2 HG22 sing N N 303 
THR CG2 HG23 sing N N 304 
THR OXT HXT  sing N N 305 
TRP N   CA   sing N N 306 
TRP N   H    sing N N 307 
TRP N   H2   sing N N 308 
TRP CA  C    sing N N 309 
TRP CA  CB   sing N N 310 
TRP CA  HA   sing N N 311 
TRP C   O    doub N N 312 
TRP C   OXT  sing N N 313 
TRP CB  CG   sing N N 314 
TRP CB  HB2  sing N N 315 
TRP CB  HB3  sing N N 316 
TRP CG  CD1  doub Y N 317 
TRP CG  CD2  sing Y N 318 
TRP CD1 NE1  sing Y N 319 
TRP CD1 HD1  sing N N 320 
TRP CD2 CE2  doub Y N 321 
TRP CD2 CE3  sing Y N 322 
TRP NE1 CE2  sing Y N 323 
TRP NE1 HE1  sing N N 324 
TRP CE2 CZ2  sing Y N 325 
TRP CE3 CZ3  doub Y N 326 
TRP CE3 HE3  sing N N 327 
TRP CZ2 CH2  doub Y N 328 
TRP CZ2 HZ2  sing N N 329 
TRP CZ3 CH2  sing Y N 330 
TRP CZ3 HZ3  sing N N 331 
TRP CH2 HH2  sing N N 332 
TRP OXT HXT  sing N N 333 
TYR N   CA   sing N N 334 
TYR N   H    sing N N 335 
TYR N   H2   sing N N 336 
TYR CA  C    sing N N 337 
TYR CA  CB   sing N N 338 
TYR CA  HA   sing N N 339 
TYR C   O    doub N N 340 
TYR C   OXT  sing N N 341 
TYR CB  CG   sing N N 342 
TYR CB  HB2  sing N N 343 
TYR CB  HB3  sing N N 344 
TYR CG  CD1  doub Y N 345 
TYR CG  CD2  sing Y N 346 
TYR CD1 CE1  sing Y N 347 
TYR CD1 HD1  sing N N 348 
TYR CD2 CE2  doub Y N 349 
TYR CD2 HD2  sing N N 350 
TYR CE1 CZ   doub Y N 351 
TYR CE1 HE1  sing N N 352 
TYR CE2 CZ   sing Y N 353 
TYR CE2 HE2  sing N N 354 
TYR CZ  OH   sing N N 355 
TYR OH  HH   sing N N 356 
TYR OXT HXT  sing N N 357 
VAL N   CA   sing N N 358 
VAL N   H    sing N N 359 
VAL N   H2   sing N N 360 
VAL CA  C    sing N N 361 
VAL CA  CB   sing N N 362 
VAL CA  HA   sing N N 363 
VAL C   O    doub N N 364 
VAL C   OXT  sing N N 365 
VAL CB  CG1  sing N N 366 
VAL CB  CG2  sing N N 367 
VAL CB  HB   sing N N 368 
VAL CG1 HG11 sing N N 369 
VAL CG1 HG12 sing N N 370 
VAL CG1 HG13 sing N N 371 
VAL CG2 HG21 sing N N 372 
VAL CG2 HG22 sing N N 373 
VAL CG2 HG23 sing N N 374 
VAL OXT HXT  sing N N 375 
# 
loop_
_pdbx_entity_nonpoly.entity_id 
_pdbx_entity_nonpoly.name 
_pdbx_entity_nonpoly.comp_id 
3 'CHLORIDE ION' CL  
4 water          HOH 
# 
_pdbx_initial_refinement_model.id               1 
_pdbx_initial_refinement_model.entity_id_list   ? 
_pdbx_initial_refinement_model.type             'experimental model' 
_pdbx_initial_refinement_model.source_name      PDB 
_pdbx_initial_refinement_model.accession_code   2VOF 
_pdbx_initial_refinement_model.details          'PDB ENTRY 2VOF' 
# 
